data_9QPW
#
_entry.id   9QPW
#
_cell.length_a   1.00
_cell.length_b   1.00
_cell.length_c   1.00
_cell.angle_alpha   90.00
_cell.angle_beta   90.00
_cell.angle_gamma   90.00
#
_symmetry.space_group_name_H-M   'P 1'
#
loop_
_entity.id
_entity.type
_entity.pdbx_description
1 polymer 'Isoform 2 of Glutamate receptor 4'
2 non-polymer 6-nitro-2,3-bis(oxidanylidene)-1,4-dihydrobenzo[f]quinoxaline-7-sulfonamide
#
_entity_poly.entity_id   1
_entity_poly.type   'polypeptide(L)'
_entity_poly.pdbx_seq_one_letter_code
;GAFPSSVQIGGLFIRNTDQEYTAFRLAIFLHNTSPNASEAPFNLVPHVDNIETANSFAVTNAFCSQYSRGVFAIFGLYDK
RSVHTLTSFCSALHISLITPSFPTEGESQFVLQLRPSLRGALLSLLDHYEWNCFVFLYDTDRGYSILQAIMEKAGQNGWH
VSAICVENFNDVSYRQLLEELDRRQEKKFVIDCEIERLQNILEQIVSVGKHVKGYHYIIANLGFKDISLERFIHGGANVT
GFQLVDFNTPMVTKLMDRWKKLDQREYPGSETPPKYTSALTYDGVLVMAETFRSLRRQKIDISRRGNAGDCLANPAAPWG
QGIDMERTLKQVRIQGLTGNVQFDHYGRRVNYTMDVFELKSTGPRKVGYWNDMDKLVLIQDMPTLGNDTAAIENRTVVVT
TIMESPYVMYKKNHEMFEGNDKYEGYCVDLASEIAKHIGIKYKIAIVPDGKYGARDADTKIWNGMVGELVYGKAEIAIAP
LTITLVREEVIDFSKPFMSLGISIMIKKPQKSKPGVFSFLDPLAYEIWMCIVFAYIGVSVVLFLVSRFSPYEWHTEEPED
GKEGPSDQPPNEFGIFNSLWFSLGAFMQQGCDISPRSLSGRIVGGVWWFFTLIIISSYTANLAAFLTVERMVSPIESAED
LAKQTEIAYGTLDSGSTKEFFRRSKIAVYEKMWTYMRSAEPSVFTRTTAEGVARVRKSKGKFAFLLESTMNEYIEQRKPC
DTMKVGGNLDSKGYGVATPKGSSLRTPVNLAVLKLSEAGVLDKLKNKWWYDKGECGPKDSGSKDKTSALSLSNVAGVFYI
LVGGLGLAMLVALIEFCYKSRAEAKRMKLTFSEATRNKARLSITGSVGENGRVLTPDCPKAVHTGTAIRQSSGLAVIASD
LP
;
_entity_poly.pdbx_strand_id   A,B,D,C
#
loop_
_chem_comp.id
_chem_comp.type
_chem_comp.name
_chem_comp.formula
E2Q non-polymer 6-nitro-2,3-bis(oxidanylidene)-1,4-dihydrobenzo[f]quinoxaline-7-sulfonamide 'C12 H8 N4 O6 S'
#
# COMPACT_ATOMS: atom_id res chain seq x y z
N THR A 396 48.46 34.86 15.84
CA THR A 396 47.95 33.51 15.66
C THR A 396 46.42 33.52 15.62
N VAL A 397 45.86 33.09 14.47
CA VAL A 397 44.41 33.07 14.31
C VAL A 397 43.78 32.19 15.38
N VAL A 398 42.78 32.72 16.07
CA VAL A 398 42.05 31.99 17.09
C VAL A 398 40.91 31.22 16.43
N VAL A 399 40.93 29.90 16.55
CA VAL A 399 39.88 29.04 16.00
C VAL A 399 38.92 28.68 17.12
N THR A 400 37.64 28.58 16.78
CA THR A 400 36.59 28.21 17.73
C THR A 400 35.84 26.98 17.18
N THR A 401 36.19 25.81 17.71
CA THR A 401 35.53 24.57 17.34
C THR A 401 34.80 23.98 18.54
N ILE A 402 33.94 23.01 18.27
CA ILE A 402 33.03 22.44 19.25
C ILE A 402 33.41 20.99 19.50
N MET A 403 33.21 20.55 20.75
CA MET A 403 33.54 19.18 21.16
C MET A 403 32.38 18.25 20.82
N GLU A 404 32.33 17.82 19.56
CA GLU A 404 31.30 16.91 19.09
C GLU A 404 31.93 15.87 18.17
N SER A 405 32.01 14.63 18.65
CA SER A 405 32.63 13.57 17.87
C SER A 405 31.80 13.30 16.61
N PRO A 406 32.46 12.90 15.50
CA PRO A 406 33.91 12.71 15.35
C PRO A 406 34.63 13.97 14.93
N TYR A 407 33.89 15.07 14.78
CA TYR A 407 34.48 16.32 14.30
C TYR A 407 35.64 16.76 15.18
N VAL A 408 35.45 16.74 16.50
CA VAL A 408 36.50 17.02 17.47
C VAL A 408 36.28 16.11 18.68
N MET A 409 37.37 15.59 19.22
CA MET A 409 37.34 14.75 20.42
C MET A 409 38.74 14.59 20.99
N TYR A 410 38.89 14.85 22.29
CA TYR A 410 40.19 14.72 22.95
C TYR A 410 40.79 13.34 22.70
N LYS A 411 42.11 13.31 22.52
CA LYS A 411 42.81 12.04 22.29
C LYS A 411 42.67 11.15 23.51
N LYS A 412 42.90 9.85 23.30
CA LYS A 412 42.88 8.86 24.38
C LYS A 412 43.76 9.36 25.52
N ASN A 413 45.08 9.39 25.29
CA ASN A 413 46.02 9.90 26.27
C ASN A 413 46.33 11.36 25.94
N HIS A 414 45.32 12.21 26.13
CA HIS A 414 45.46 13.62 25.76
C HIS A 414 46.23 14.41 26.79
N GLU A 415 46.22 13.98 28.06
CA GLU A 415 46.95 14.69 29.10
C GLU A 415 48.43 14.82 28.75
N MET A 416 48.99 13.84 28.04
CA MET A 416 50.40 13.87 27.66
C MET A 416 50.70 14.95 26.62
N PHE A 417 49.69 15.44 25.91
CA PHE A 417 49.90 16.40 24.84
C PHE A 417 49.45 17.79 25.26
N GLU A 418 49.90 18.79 24.51
CA GLU A 418 49.56 20.17 24.76
C GLU A 418 49.48 20.92 23.43
N GLY A 419 48.76 22.04 23.44
CA GLY A 419 48.65 22.85 22.24
C GLY A 419 47.62 22.28 21.27
N ASN A 420 47.78 22.63 20.00
CA ASN A 420 46.86 22.16 18.98
C ASN A 420 46.99 20.67 18.71
N ASP A 421 48.03 20.02 19.24
CA ASP A 421 48.28 18.60 19.02
C ASP A 421 47.48 17.72 19.98
N LYS A 422 46.89 18.31 21.02
CA LYS A 422 46.10 17.54 21.98
C LYS A 422 44.75 17.12 21.42
N TYR A 423 44.26 17.79 20.38
CA TYR A 423 42.93 17.55 19.86
C TYR A 423 43.03 16.75 18.56
N GLU A 424 42.04 15.89 18.34
CA GLU A 424 41.95 15.10 17.11
C GLU A 424 40.49 15.02 16.69
N GLY A 425 40.29 14.91 15.39
CA GLY A 425 38.94 14.81 14.85
C GLY A 425 38.90 15.29 13.42
N TYR A 426 37.74 15.06 12.80
CA TYR A 426 37.54 15.48 11.42
C TYR A 426 37.83 16.97 11.26
N CYS A 427 37.17 17.80 12.07
CA CYS A 427 37.43 19.24 12.04
C CYS A 427 38.90 19.56 12.28
N VAL A 428 39.58 18.76 13.09
CA VAL A 428 40.96 19.05 13.44
C VAL A 428 41.88 18.86 12.23
N ASP A 429 41.44 18.07 11.25
CA ASP A 429 42.15 17.92 9.99
C ASP A 429 41.73 18.96 8.97
N LEU A 430 40.44 19.32 8.97
CA LEU A 430 39.94 20.35 8.08
C LEU A 430 40.65 21.68 8.33
N ALA A 431 40.74 22.09 9.59
CA ALA A 431 41.40 23.35 9.92
C ALA A 431 42.88 23.29 9.56
N SER A 432 43.52 22.15 9.80
CA SER A 432 44.94 22.01 9.47
C SER A 432 45.16 22.15 7.97
N GLU A 433 44.32 21.48 7.17
CA GLU A 433 44.48 21.53 5.72
C GLU A 433 44.23 22.93 5.17
N ILE A 434 43.23 23.63 5.72
CA ILE A 434 42.93 24.98 5.26
C ILE A 434 44.10 25.91 5.58
N ALA A 435 44.63 25.81 6.80
CA ALA A 435 45.79 26.61 7.19
C ALA A 435 46.96 26.38 6.23
N LYS A 436 47.33 25.11 6.02
CA LYS A 436 48.41 24.74 5.12
C LYS A 436 48.34 25.50 3.79
N HIS A 437 47.16 25.53 3.18
CA HIS A 437 46.99 26.25 1.91
C HIS A 437 47.18 27.75 2.11
N ILE A 438 46.39 28.33 3.01
CA ILE A 438 46.43 29.78 3.21
C ILE A 438 47.74 30.21 3.86
N GLY A 439 48.09 29.59 4.99
CA GLY A 439 49.28 29.96 5.72
C GLY A 439 48.98 30.88 6.88
N ILE A 440 48.11 30.43 7.78
CA ILE A 440 47.67 31.21 8.93
C ILE A 440 47.78 30.36 10.19
N LYS A 441 48.73 30.72 11.05
CA LYS A 441 48.88 30.06 12.35
C LYS A 441 47.55 30.01 13.08
N TYR A 442 47.12 28.81 13.45
CA TYR A 442 45.81 28.60 14.06
C TYR A 442 45.97 27.98 15.45
N LYS A 443 45.49 28.68 16.46
CA LYS A 443 45.44 28.18 17.83
C LYS A 443 44.05 27.63 18.11
N ILE A 444 43.95 26.32 18.29
CA ILE A 444 42.65 25.68 18.51
C ILE A 444 42.12 26.07 19.89
N ALA A 445 40.93 26.66 19.93
CA ALA A 445 40.27 27.00 21.18
C ALA A 445 38.87 26.38 21.18
N ILE A 446 38.40 26.03 22.37
CA ILE A 446 37.12 25.34 22.54
C ILE A 446 36.09 26.31 23.07
N VAL A 447 34.90 26.29 22.46
CA VAL A 447 33.76 27.10 22.87
C VAL A 447 33.51 26.94 24.37
N PRO A 448 33.71 28.00 25.17
CA PRO A 448 33.59 27.84 26.63
C PRO A 448 32.28 27.21 27.07
N ASP A 449 31.17 27.54 26.40
CA ASP A 449 29.85 27.04 26.81
C ASP A 449 29.61 25.64 26.26
N GLY A 450 29.39 25.54 24.95
CA GLY A 450 29.09 24.27 24.32
C GLY A 450 27.84 24.32 23.46
N LYS A 451 27.47 25.52 23.02
CA LYS A 451 26.30 25.73 22.19
C LYS A 451 26.71 26.13 20.78
N TYR A 452 26.01 25.59 19.78
CA TYR A 452 26.35 25.90 18.40
C TYR A 452 26.11 27.37 18.09
N GLY A 453 24.96 27.90 18.50
CA GLY A 453 24.64 29.29 18.28
C GLY A 453 23.14 29.55 18.21
N ALA A 454 22.66 30.48 19.04
CA ALA A 454 21.26 30.85 19.09
C ALA A 454 21.07 32.10 19.94
N ARG A 455 20.66 33.20 19.32
CA ARG A 455 20.55 34.47 20.05
C ARG A 455 19.56 34.34 21.20
N ASP A 456 19.97 34.81 22.37
CA ASP A 456 19.14 34.75 23.58
C ASP A 456 17.79 35.40 23.33
N ALA A 457 16.73 34.59 23.38
CA ALA A 457 15.37 35.08 23.14
C ALA A 457 15.07 36.35 23.93
N ASP A 458 15.64 36.50 25.13
CA ASP A 458 15.34 37.64 25.97
C ASP A 458 16.26 38.83 25.71
N THR A 459 17.57 38.59 25.55
CA THR A 459 18.55 39.66 25.42
C THR A 459 19.18 39.74 24.03
N LYS A 460 18.75 38.90 23.08
CA LYS A 460 19.29 38.88 21.72
C LYS A 460 20.80 38.63 21.67
N ILE A 461 21.43 38.40 22.82
CA ILE A 461 22.87 38.22 22.86
C ILE A 461 23.24 36.91 22.18
N TRP A 462 24.25 36.96 21.32
CA TRP A 462 24.70 35.78 20.59
C TRP A 462 25.53 34.88 21.50
N ASN A 463 25.30 33.58 21.40
CA ASN A 463 25.97 32.59 22.24
C ASN A 463 26.86 31.70 21.40
N GLY A 464 27.67 30.90 22.07
CA GLY A 464 28.54 29.93 21.44
C GLY A 464 29.53 30.55 20.47
N MET A 465 30.02 29.71 19.54
CA MET A 465 31.01 30.16 18.58
C MET A 465 30.46 31.26 17.68
N VAL A 466 29.16 31.23 17.38
CA VAL A 466 28.55 32.32 16.63
C VAL A 466 28.67 33.62 17.40
N GLY A 467 28.54 33.56 18.73
CA GLY A 467 28.76 34.74 19.54
C GLY A 467 30.21 35.14 19.61
N GLU A 468 31.11 34.16 19.62
CA GLU A 468 32.55 34.46 19.67
C GLU A 468 32.99 35.23 18.43
N LEU A 469 32.48 34.81 17.26
CA LEU A 469 32.86 35.46 16.01
C LEU A 469 32.41 36.92 15.99
N VAL A 470 31.11 37.15 16.20
CA VAL A 470 30.57 38.51 16.13
C VAL A 470 31.27 39.43 17.14
N TYR A 471 31.53 38.93 18.34
CA TYR A 471 32.16 39.74 19.37
C TYR A 471 33.67 39.85 19.19
N GLY A 472 34.18 39.47 18.02
CA GLY A 472 35.58 39.62 17.69
C GLY A 472 36.55 38.93 18.62
N LYS A 473 36.20 37.73 19.10
CA LYS A 473 37.13 36.94 19.91
C LYS A 473 37.72 35.76 19.17
N ALA A 474 37.12 35.35 18.05
CA ALA A 474 37.63 34.27 17.23
C ALA A 474 37.58 34.71 15.77
N GLU A 475 38.67 34.49 15.04
CA GLU A 475 38.76 34.96 13.67
C GLU A 475 38.18 33.98 12.66
N ILE A 476 37.97 32.72 13.06
CA ILE A 476 37.46 31.69 12.15
C ILE A 476 36.75 30.64 13.01
N ALA A 477 35.82 29.92 12.41
CA ALA A 477 35.07 28.88 13.10
C ALA A 477 35.01 27.61 12.26
N ILE A 478 35.81 26.62 12.61
CA ILE A 478 35.82 25.33 11.92
C ILE A 478 34.97 24.38 12.75
N ALA A 479 33.76 24.07 12.28
CA ALA A 479 32.86 23.21 13.04
C ALA A 479 31.68 22.76 12.19
N PRO A 480 30.86 21.80 12.67
CA PRO A 480 29.63 21.42 11.94
C PRO A 480 28.52 22.45 12.09
N LEU A 481 28.81 23.69 11.71
CA LEU A 481 27.86 24.80 11.86
C LEU A 481 26.99 24.92 10.61
N THR A 482 25.71 24.60 10.76
CA THR A 482 24.78 24.63 9.64
C THR A 482 24.68 26.06 9.08
N ILE A 483 24.42 26.16 7.78
CA ILE A 483 24.25 27.44 7.11
C ILE A 483 22.78 27.83 7.21
N THR A 484 22.47 28.72 8.14
CA THR A 484 21.11 29.18 8.38
C THR A 484 21.08 30.70 8.35
N LEU A 485 19.89 31.26 8.10
CA LEU A 485 19.73 32.71 8.02
C LEU A 485 20.33 33.41 9.22
N VAL A 486 19.74 33.19 10.39
CA VAL A 486 20.11 33.84 11.65
C VAL A 486 21.62 33.91 11.78
N ARG A 487 22.30 32.78 11.53
CA ARG A 487 23.75 32.74 11.64
C ARG A 487 24.40 33.57 10.56
N GLU A 488 24.06 33.31 9.29
CA GLU A 488 24.71 34.02 8.19
C GLU A 488 24.37 35.50 8.18
N GLU A 489 23.30 35.91 8.87
CA GLU A 489 22.97 37.33 8.96
C GLU A 489 24.01 38.11 9.76
N VAL A 490 24.86 37.43 10.54
CA VAL A 490 25.89 38.10 11.32
C VAL A 490 27.29 37.62 10.98
N ILE A 491 27.46 36.48 10.32
CA ILE A 491 28.78 35.92 10.00
C ILE A 491 28.75 35.44 8.56
N ASP A 492 29.93 35.19 8.01
CA ASP A 492 30.10 34.79 6.62
C ASP A 492 30.47 33.32 6.56
N PHE A 493 29.66 32.53 5.86
CA PHE A 493 29.85 31.09 5.80
C PHE A 493 30.54 30.66 4.51
N SER A 494 31.38 29.64 4.61
CA SER A 494 32.07 29.07 3.47
C SER A 494 31.14 28.13 2.71
N LYS A 495 31.44 27.92 1.43
CA LYS A 495 30.69 26.95 0.64
C LYS A 495 30.66 25.61 1.36
N PRO A 496 29.50 24.94 1.44
CA PRO A 496 29.37 23.70 2.21
C PRO A 496 30.51 22.70 2.05
N PHE A 497 30.99 22.13 3.16
CA PHE A 497 31.99 21.08 3.12
C PHE A 497 31.38 19.70 3.30
N MET A 498 30.11 19.59 3.66
CA MET A 498 29.48 18.31 3.93
C MET A 498 27.97 18.51 3.90
N SER A 499 27.32 17.99 2.86
CA SER A 499 25.87 18.15 2.66
C SER A 499 25.11 17.20 3.57
N LEU A 500 24.70 17.69 4.73
CA LEU A 500 23.95 16.87 5.66
C LEU A 500 22.45 16.93 5.32
N GLY A 501 21.69 16.13 6.04
CA GLY A 501 20.25 16.12 5.86
C GLY A 501 19.59 15.33 6.97
N ILE A 502 18.31 15.11 6.81
CA ILE A 502 17.57 14.32 7.79
C ILE A 502 17.56 12.86 7.34
N SER A 503 17.58 11.96 8.31
CA SER A 503 17.63 10.53 8.03
C SER A 503 16.94 9.78 9.15
N ILE A 504 16.59 8.53 8.88
CA ILE A 504 15.86 7.70 9.82
C ILE A 504 16.82 6.66 10.38
N MET A 505 16.86 6.55 11.70
CA MET A 505 17.67 5.53 12.37
C MET A 505 16.75 4.45 12.92
N ILE A 506 17.11 3.20 12.66
CA ILE A 506 16.39 2.03 13.17
C ILE A 506 17.43 1.01 13.59
N LYS A 507 16.97 -0.03 14.29
CA LYS A 507 17.86 -1.11 14.66
C LYS A 507 18.05 -2.05 13.48
N LYS A 508 19.15 -2.79 13.52
CA LYS A 508 19.45 -3.71 12.43
C LYS A 508 18.44 -4.86 12.45
N PRO A 509 18.24 -5.54 11.30
CA PRO A 509 17.24 -6.62 11.26
C PRO A 509 17.43 -7.63 12.37
N GLN A 510 18.64 -8.21 12.46
CA GLN A 510 19.00 -9.16 13.51
C GLN A 510 17.95 -10.26 13.66
N LYS A 511 17.27 -10.60 12.56
CA LYS A 511 16.22 -11.62 12.59
C LYS A 511 16.88 -12.97 12.31
N SER A 512 17.55 -13.50 13.33
CA SER A 512 18.28 -14.74 13.22
C SER A 512 18.10 -15.56 14.49
N LYS A 513 16.85 -15.72 14.93
CA LYS A 513 16.52 -16.52 16.10
C LYS A 513 15.46 -17.57 15.77
N PRO A 514 15.70 -18.44 14.75
CA PRO A 514 14.73 -19.50 14.46
C PRO A 514 14.79 -20.61 15.49
N GLY A 515 13.84 -20.63 16.43
CA GLY A 515 13.83 -21.64 17.47
C GLY A 515 13.90 -23.05 16.93
N VAL A 516 14.56 -23.94 17.68
CA VAL A 516 14.74 -25.32 17.22
C VAL A 516 13.44 -25.92 16.72
N PHE A 517 12.35 -25.76 17.48
CA PHE A 517 11.06 -26.32 17.10
C PHE A 517 10.23 -25.24 16.40
N SER A 518 10.69 -24.88 15.20
CA SER A 518 9.98 -23.92 14.37
C SER A 518 9.11 -24.58 13.30
N PHE A 519 9.13 -25.91 13.20
CA PHE A 519 8.24 -26.61 12.28
C PHE A 519 6.86 -26.82 12.88
N LEU A 520 6.62 -26.31 14.09
CA LEU A 520 5.34 -26.43 14.77
C LEU A 520 4.56 -25.12 14.83
N ASP A 521 5.14 -24.02 14.37
CA ASP A 521 4.45 -22.74 14.42
C ASP A 521 3.12 -22.74 13.66
N PRO A 522 3.01 -23.29 12.44
CA PRO A 522 1.70 -23.22 11.74
C PRO A 522 0.55 -23.83 12.52
N LEU A 523 0.78 -24.97 13.18
CA LEU A 523 -0.26 -25.69 13.90
C LEU A 523 -0.02 -25.56 15.40
N ALA A 524 -0.90 -24.80 16.07
CA ALA A 524 -0.78 -24.56 17.50
C ALA A 524 -0.69 -25.87 18.28
N TYR A 525 0.32 -25.98 19.13
CA TYR A 525 0.59 -27.16 19.95
CA TYR A 525 0.59 -27.16 19.95
C TYR A 525 -0.66 -27.86 20.43
N GLU A 526 -1.71 -27.10 20.76
CA GLU A 526 -2.97 -27.71 21.20
C GLU A 526 -3.51 -28.69 20.17
N ILE A 527 -3.16 -28.52 18.90
CA ILE A 527 -3.59 -29.50 17.89
C ILE A 527 -2.65 -30.69 17.88
N TRP A 528 -1.37 -30.47 18.19
CA TRP A 528 -0.43 -31.58 18.25
C TRP A 528 -0.74 -32.49 19.43
N MET A 529 -1.34 -31.93 20.48
CA MET A 529 -1.77 -32.75 21.61
C MET A 529 -3.05 -33.50 21.26
N CYS A 530 -3.85 -32.95 20.34
CA CYS A 530 -5.09 -33.59 19.92
C CYS A 530 -4.89 -34.59 18.80
N ILE A 531 -3.74 -34.56 18.13
CA ILE A 531 -3.43 -35.56 17.11
C ILE A 531 -2.92 -36.84 17.75
N VAL A 532 -1.98 -36.71 18.69
CA VAL A 532 -1.41 -37.88 19.35
C VAL A 532 -2.51 -38.70 20.01
N PHE A 533 -3.44 -38.05 20.71
CA PHE A 533 -4.55 -38.77 21.32
C PHE A 533 -5.41 -39.42 20.25
N ALA A 534 -5.83 -38.65 19.24
CA ALA A 534 -6.68 -39.18 18.18
C ALA A 534 -6.02 -40.37 17.51
N TYR A 535 -4.70 -40.32 17.32
CA TYR A 535 -3.98 -41.42 16.71
C TYR A 535 -4.11 -42.69 17.56
N ILE A 536 -3.81 -42.58 18.85
CA ILE A 536 -4.01 -43.71 19.77
C ILE A 536 -5.49 -44.06 19.84
N GLY A 537 -6.35 -43.05 19.83
CA GLY A 537 -7.78 -43.30 19.87
C GLY A 537 -8.27 -44.04 18.65
N VAL A 538 -7.67 -43.79 17.49
CA VAL A 538 -8.09 -44.44 16.25
C VAL A 538 -7.49 -45.84 16.17
N SER A 539 -6.19 -45.95 16.45
CA SER A 539 -5.50 -47.23 16.34
C SER A 539 -6.19 -48.31 17.18
N VAL A 540 -6.68 -47.94 18.36
CA VAL A 540 -7.30 -48.92 19.24
C VAL A 540 -8.63 -49.39 18.67
N VAL A 541 -9.39 -48.47 18.06
CA VAL A 541 -10.71 -48.82 17.54
C VAL A 541 -10.56 -49.78 16.38
N LEU A 542 -9.48 -49.64 15.59
CA LEU A 542 -9.24 -50.54 14.48
C LEU A 542 -8.93 -51.95 14.97
N PHE A 543 -8.38 -52.06 16.17
CA PHE A 543 -8.07 -53.36 16.76
C PHE A 543 -9.32 -54.03 17.32
N LEU A 544 -10.13 -53.27 18.06
CA LEU A 544 -11.33 -53.84 18.69
C LEU A 544 -12.27 -54.40 17.63
N VAL A 545 -12.59 -53.60 16.62
CA VAL A 545 -13.54 -54.02 15.59
C VAL A 545 -13.02 -55.19 14.75
N SER A 546 -11.73 -55.48 14.82
CA SER A 546 -11.13 -56.57 14.04
C SER A 546 -10.81 -57.80 14.88
N ARG A 547 -11.18 -57.80 16.15
CA ARG A 547 -10.99 -58.97 17.01
C ARG A 547 -12.33 -59.46 17.57
N GLU A 572 -5.07 -60.50 12.15
CA GLU A 572 -3.90 -59.85 11.58
C GLU A 572 -3.67 -58.49 12.23
N PHE A 573 -4.71 -57.66 12.26
CA PHE A 573 -4.63 -56.32 12.83
C PHE A 573 -4.62 -56.42 14.36
N GLY A 574 -3.46 -56.78 14.89
CA GLY A 574 -3.25 -56.82 16.32
C GLY A 574 -3.01 -55.43 16.88
N ILE A 575 -2.33 -55.39 18.02
CA ILE A 575 -2.08 -54.11 18.70
C ILE A 575 -0.71 -53.55 18.36
N PHE A 576 0.17 -54.34 17.75
CA PHE A 576 1.48 -53.87 17.32
C PHE A 576 1.53 -53.55 15.83
N ASN A 577 0.50 -53.94 15.08
CA ASN A 577 0.38 -53.61 13.66
C ASN A 577 -0.62 -52.48 13.41
N SER A 578 -1.56 -52.27 14.33
CA SER A 578 -2.52 -51.17 14.15
C SER A 578 -1.85 -49.83 14.36
N LEU A 579 -0.98 -49.72 15.38
CA LEU A 579 -0.18 -48.52 15.55
C LEU A 579 0.68 -48.24 14.32
N TRP A 580 1.09 -49.30 13.61
CA TRP A 580 1.91 -49.12 12.41
C TRP A 580 1.09 -48.61 11.24
N PHE A 581 -0.13 -49.14 11.07
CA PHE A 581 -0.99 -48.68 9.99
C PHE A 581 -1.44 -47.24 10.22
N SER A 582 -1.89 -46.94 11.44
CA SER A 582 -2.33 -45.58 11.75
C SER A 582 -1.20 -44.57 11.58
N LEU A 583 -0.01 -44.90 12.07
CA LEU A 583 1.13 -44.00 11.90
C LEU A 583 1.51 -43.86 10.43
N GLY A 584 1.52 -44.98 9.69
CA GLY A 584 1.88 -44.91 8.28
C GLY A 584 0.87 -44.14 7.46
N ALA A 585 -0.42 -44.31 7.77
CA ALA A 585 -1.47 -43.62 7.02
C ALA A 585 -1.36 -42.10 7.19
N PHE A 586 -1.05 -41.64 8.41
CA PHE A 586 -0.99 -40.21 8.66
C PHE A 586 0.16 -39.56 7.89
N MET A 587 1.30 -40.23 7.77
CA MET A 587 2.44 -39.67 7.07
C MET A 587 2.35 -39.83 5.55
N GLN A 588 1.28 -40.42 5.03
CA GLN A 588 1.03 -40.59 3.60
C GLN A 588 2.10 -41.41 2.86
N GLN A 589 2.85 -42.28 3.54
CA GLN A 589 3.77 -43.20 2.86
C GLN A 589 3.56 -44.63 3.34
N GLY A 590 2.31 -45.03 3.53
CA GLY A 590 2.05 -46.33 4.11
C GLY A 590 1.22 -47.26 3.23
N CYS A 591 1.66 -48.50 3.10
CA CYS A 591 0.93 -49.54 2.38
C CYS A 591 0.59 -50.72 3.26
N ASP A 592 1.58 -51.32 3.92
CA ASP A 592 1.42 -52.46 4.84
C ASP A 592 0.34 -53.42 4.36
N ILE A 593 -0.70 -53.63 5.17
CA ILE A 593 -1.83 -54.49 4.83
C ILE A 593 -3.10 -53.68 5.01
N SER A 594 -4.02 -53.81 4.03
CA SER A 594 -5.21 -52.98 4.11
C SER A 594 -6.31 -53.66 4.92
N PRO A 595 -7.09 -52.88 5.66
CA PRO A 595 -8.25 -53.44 6.36
C PRO A 595 -9.22 -54.13 5.39
N ARG A 596 -9.50 -55.39 5.65
CA ARG A 596 -10.32 -56.20 4.76
C ARG A 596 -11.68 -56.52 5.38
N SER A 597 -12.15 -55.68 6.29
CA SER A 597 -13.46 -55.82 6.90
C SER A 597 -14.20 -54.49 6.83
N LEU A 598 -15.48 -54.55 6.44
CA LEU A 598 -16.27 -53.35 6.25
C LEU A 598 -16.23 -52.46 7.50
N SER A 599 -16.40 -53.08 8.67
CA SER A 599 -16.31 -52.34 9.93
C SER A 599 -14.95 -51.66 10.07
N GLY A 600 -13.87 -52.38 9.75
CA GLY A 600 -12.55 -51.81 9.85
C GLY A 600 -12.29 -50.72 8.83
N ARG A 601 -12.80 -50.91 7.60
CA ARG A 601 -12.57 -49.93 6.54
C ARG A 601 -13.18 -48.58 6.88
N ILE A 602 -14.25 -48.57 7.68
CA ILE A 602 -14.84 -47.31 8.12
C ILE A 602 -13.82 -46.50 8.92
N VAL A 603 -13.10 -47.16 9.83
CA VAL A 603 -12.09 -46.47 10.64
C VAL A 603 -11.01 -45.87 9.75
N GLY A 604 -10.53 -46.65 8.77
CA GLY A 604 -9.49 -46.15 7.89
C GLY A 604 -9.94 -44.96 7.07
N GLY A 605 -11.18 -45.01 6.57
CA GLY A 605 -11.68 -43.94 5.71
C GLY A 605 -11.69 -42.59 6.41
N VAL A 606 -12.23 -42.55 7.63
CA VAL A 606 -12.28 -41.30 8.38
C VAL A 606 -10.89 -40.85 8.79
N TRP A 607 -10.01 -41.80 9.14
CA TRP A 607 -8.63 -41.45 9.47
C TRP A 607 -7.91 -40.85 8.27
N TRP A 608 -8.14 -41.40 7.07
CA TRP A 608 -7.55 -40.84 5.88
C TRP A 608 -8.08 -39.44 5.61
N PHE A 609 -9.39 -39.23 5.78
CA PHE A 609 -9.95 -37.89 5.64
C PHE A 609 -9.38 -36.96 6.71
N PHE A 610 -9.25 -37.46 7.94
CA PHE A 610 -8.59 -36.68 8.98
C PHE A 610 -7.14 -36.37 8.59
N THR A 611 -6.43 -37.38 8.09
CA THR A 611 -5.05 -37.17 7.66
C THR A 611 -4.95 -36.10 6.60
N LEU A 612 -5.79 -36.18 5.57
CA LEU A 612 -5.69 -35.28 4.42
C LEU A 612 -5.85 -33.83 4.83
N ILE A 613 -6.83 -33.54 5.69
CA ILE A 613 -7.10 -32.16 6.08
C ILE A 613 -5.92 -31.58 6.86
N ILE A 614 -5.37 -32.35 7.80
CA ILE A 614 -4.27 -31.86 8.63
C ILE A 614 -3.05 -31.55 7.78
N ILE A 615 -2.69 -32.47 6.87
CA ILE A 615 -1.54 -32.24 5.99
C ILE A 615 -1.78 -31.03 5.11
N SER A 616 -2.98 -30.95 4.51
CA SER A 616 -3.29 -29.79 3.67
C SER A 616 -3.33 -28.50 4.49
N SER A 617 -3.88 -28.56 5.70
CA SER A 617 -3.91 -27.38 6.56
C SER A 617 -2.50 -26.95 6.94
N TYR A 618 -1.63 -27.90 7.29
CA TYR A 618 -0.26 -27.56 7.66
C TYR A 618 0.48 -26.95 6.49
N THR A 619 0.35 -27.54 5.30
CA THR A 619 1.04 -27.01 4.13
C THR A 619 0.53 -25.62 3.77
N ALA A 620 -0.79 -25.42 3.81
CA ALA A 620 -1.36 -24.14 3.45
C ALA A 620 -0.98 -23.07 4.46
N ASN A 621 -1.14 -23.37 5.76
CA ASN A 621 -0.84 -22.40 6.80
C ASN A 621 0.64 -22.02 6.80
N LEU A 622 1.51 -23.01 6.57
CA LEU A 622 2.94 -22.72 6.54
C LEU A 622 3.27 -21.73 5.44
N ALA A 623 2.66 -21.88 4.27
CA ALA A 623 2.86 -20.93 3.18
C ALA A 623 2.43 -19.52 3.59
N ALA A 624 1.37 -19.42 4.39
CA ALA A 624 0.91 -18.10 4.86
C ALA A 624 1.97 -17.42 5.71
N PHE A 625 2.61 -18.18 6.61
CA PHE A 625 3.65 -17.60 7.46
C PHE A 625 4.82 -17.06 6.63
N LEU A 626 5.26 -17.84 5.63
CA LEU A 626 6.44 -17.47 4.86
C LEU A 626 6.16 -16.26 3.96
N THR A 627 5.01 -16.27 3.26
CA THR A 627 4.74 -15.21 2.29
C THR A 627 4.61 -13.85 2.97
N VAL A 628 3.94 -13.78 4.12
CA VAL A 628 3.79 -12.50 4.81
C VAL A 628 5.16 -12.01 5.31
N GLU A 629 5.97 -12.92 5.87
CA GLU A 629 7.32 -12.55 6.27
C GLU A 629 8.18 -12.17 5.07
N ARG A 630 7.85 -12.67 3.88
CA ARG A 630 8.53 -12.24 2.67
C ARG A 630 7.98 -10.93 2.12
N MET A 631 6.75 -10.55 2.51
CA MET A 631 6.15 -9.32 2.00
C MET A 631 6.46 -8.11 2.88
N VAL A 632 6.71 -8.33 4.17
CA VAL A 632 7.08 -7.22 5.05
C VAL A 632 8.43 -6.65 4.58
N SER A 633 8.51 -5.32 4.55
CA SER A 633 9.72 -4.65 4.11
C SER A 633 10.06 -3.51 5.06
N PRO A 634 11.34 -3.26 5.28
CA PRO A 634 11.73 -2.17 6.18
C PRO A 634 11.44 -0.81 5.57
N ILE A 635 11.23 0.17 6.44
CA ILE A 635 10.96 1.53 5.98
C ILE A 635 12.15 2.04 5.16
N GLU A 636 11.84 2.72 4.05
CA GLU A 636 12.89 3.21 3.16
C GLU A 636 12.59 4.62 2.64
N SER A 637 11.55 5.28 3.15
CA SER A 637 11.21 6.63 2.72
C SER A 637 10.42 7.31 3.83
N ALA A 638 10.09 8.58 3.62
CA ALA A 638 9.34 9.31 4.63
C ALA A 638 7.88 8.87 4.65
N GLU A 639 7.29 8.62 3.48
CA GLU A 639 5.92 8.13 3.43
C GLU A 639 5.79 6.83 4.21
N ASP A 640 6.73 5.91 4.02
CA ASP A 640 6.68 4.60 4.67
C ASP A 640 6.57 4.75 6.18
N LEU A 641 7.39 5.63 6.77
CA LEU A 641 7.40 5.81 8.21
C LEU A 641 6.10 6.40 8.72
N ALA A 642 5.40 7.18 7.87
CA ALA A 642 4.20 7.87 8.30
C ALA A 642 2.94 7.05 8.04
N LYS A 643 2.89 6.34 6.91
CA LYS A 643 1.70 5.57 6.56
C LYS A 643 1.36 4.56 7.65
N GLN A 644 2.35 4.03 8.33
CA GLN A 644 2.16 3.06 9.40
C GLN A 644 2.46 3.73 10.74
N THR A 645 1.69 3.35 11.76
CA THR A 645 1.92 3.85 13.11
C THR A 645 2.47 2.80 14.05
N GLU A 646 2.90 1.64 13.53
CA GLU A 646 3.42 0.59 14.39
C GLU A 646 4.71 1.04 15.09
N ILE A 647 5.68 1.51 14.31
CA ILE A 647 6.93 1.99 14.87
C ILE A 647 6.75 3.42 15.37
N ALA A 648 7.33 3.73 16.53
CA ALA A 648 7.23 5.04 17.12
C ALA A 648 8.44 5.88 16.72
N TYR A 649 8.20 6.96 15.98
CA TYR A 649 9.27 7.80 15.45
C TYR A 649 9.27 9.13 16.20
N GLY A 650 10.42 9.47 16.78
CA GLY A 650 10.55 10.70 17.53
C GLY A 650 11.84 11.42 17.19
N THR A 651 11.89 12.69 17.62
CA THR A 651 13.07 13.53 17.40
C THR A 651 13.59 14.08 18.72
N LEU A 652 14.20 15.26 18.68
CA LEU A 652 14.65 15.95 19.88
C LEU A 652 13.78 17.18 20.12
N ASP A 653 13.65 17.55 21.40
CA ASP A 653 12.80 18.68 21.76
C ASP A 653 13.33 19.98 21.18
N SER A 654 14.59 20.29 21.44
CA SER A 654 15.25 21.44 20.83
C SER A 654 15.77 21.05 19.44
N GLY A 655 16.54 21.93 18.83
CA GLY A 655 17.14 21.63 17.54
C GLY A 655 16.15 21.72 16.40
N SER A 656 16.70 21.79 15.19
CA SER A 656 15.89 21.88 13.99
C SER A 656 15.41 20.52 13.50
N THR A 657 15.63 19.46 14.27
CA THR A 657 15.20 18.13 13.88
C THR A 657 13.68 18.01 13.86
N LYS A 658 12.98 18.85 14.61
CA LYS A 658 11.52 18.84 14.66
C LYS A 658 10.91 20.08 14.04
N GLU A 659 11.59 21.23 14.11
CA GLU A 659 11.09 22.44 13.48
C GLU A 659 10.82 22.22 11.99
N PHE A 660 11.63 21.37 11.34
CA PHE A 660 11.47 21.05 9.93
C PHE A 660 10.00 20.76 9.59
N PHE A 661 9.22 20.32 10.57
CA PHE A 661 7.84 19.91 10.36
C PHE A 661 6.84 20.89 10.95
N ARG A 662 7.25 21.71 11.93
CA ARG A 662 6.36 22.66 12.58
C ARG A 662 5.97 23.81 11.65
N ARG A 663 6.62 23.92 10.50
CA ARG A 663 6.30 24.95 9.52
C ARG A 663 6.38 24.41 8.09
N SER A 664 6.30 23.10 7.92
CA SER A 664 6.39 22.45 6.62
C SER A 664 5.07 22.57 5.86
N LYS A 665 5.10 22.13 4.61
CA LYS A 665 3.94 22.19 3.73
C LYS A 665 3.67 20.90 2.99
N ILE A 666 4.60 19.95 2.98
CA ILE A 666 4.41 18.69 2.28
C ILE A 666 3.51 17.79 3.11
N ALA A 667 2.57 17.11 2.44
CA ALA A 667 1.60 16.28 3.15
C ALA A 667 2.29 15.24 4.02
N VAL A 668 3.28 14.53 3.47
CA VAL A 668 3.98 13.49 4.22
C VAL A 668 4.51 14.03 5.54
N TYR A 669 5.18 15.18 5.49
CA TYR A 669 5.74 15.77 6.70
C TYR A 669 4.65 16.22 7.67
N GLU A 670 3.64 16.93 7.15
CA GLU A 670 2.55 17.43 7.98
C GLU A 670 1.93 16.30 8.81
N LYS A 671 1.72 15.14 8.20
CA LYS A 671 1.16 14.00 8.92
C LYS A 671 2.08 13.57 10.07
N MET A 672 3.38 13.51 9.82
CA MET A 672 4.33 13.08 10.85
C MET A 672 4.24 13.96 12.10
N TRP A 673 4.31 15.29 11.91
CA TRP A 673 4.17 16.22 13.03
C TRP A 673 2.95 15.90 13.88
N THR A 674 1.80 15.68 13.25
CA THR A 674 0.58 15.35 13.97
C THR A 674 0.79 14.15 14.88
N TYR A 675 1.30 13.05 14.32
CA TYR A 675 1.52 11.83 15.10
C TYR A 675 2.42 12.09 16.30
N MET A 676 3.54 12.78 16.07
CA MET A 676 4.51 12.99 17.14
C MET A 676 3.90 13.82 18.27
N ARG A 677 3.19 14.90 17.93
CA ARG A 677 2.64 15.79 18.95
C ARG A 677 1.50 15.15 19.73
N SER A 678 1.00 14.00 19.29
CA SER A 678 -0.13 13.32 19.92
C SER A 678 0.29 12.03 20.61
N ALA A 679 1.08 11.20 19.94
CA ALA A 679 1.49 9.91 20.48
C ALA A 679 2.18 10.08 21.83
N GLU A 680 2.05 9.07 22.69
CA GLU A 680 2.62 9.14 24.03
C GLU A 680 3.32 7.83 24.37
N PRO A 681 4.46 7.89 25.07
CA PRO A 681 4.95 9.08 25.78
C PRO A 681 5.73 10.03 24.88
N SER A 682 6.38 11.04 25.47
CA SER A 682 7.12 12.04 24.72
C SER A 682 8.06 11.42 23.69
N VAL A 683 7.75 11.59 22.40
CA VAL A 683 8.64 11.11 21.36
C VAL A 683 9.90 11.96 21.29
N PHE A 684 9.83 13.22 21.73
CA PHE A 684 10.97 14.12 21.71
C PHE A 684 11.89 13.79 22.87
N THR A 685 12.94 13.00 22.60
CA THR A 685 13.86 12.59 23.63
C THR A 685 14.63 13.79 24.17
N ARG A 686 14.83 13.82 25.49
CA ARG A 686 15.55 14.88 26.18
C ARG A 686 16.84 15.28 25.47
N THR A 687 17.62 14.28 25.03
CA THR A 687 18.89 14.52 24.36
C THR A 687 19.05 13.54 23.22
N THR A 688 20.04 13.82 22.37
CA THR A 688 20.34 12.94 21.25
C THR A 688 20.75 11.55 21.72
N ALA A 689 21.56 11.50 22.79
CA ALA A 689 22.00 10.21 23.32
C ALA A 689 20.83 9.34 23.75
N GLU A 690 19.78 9.94 24.30
CA GLU A 690 18.60 9.18 24.69
C GLU A 690 17.96 8.52 23.48
N GLY A 691 17.76 9.29 22.40
CA GLY A 691 17.17 8.73 21.20
C GLY A 691 17.94 7.52 20.67
N VAL A 692 19.27 7.63 20.65
CA VAL A 692 20.09 6.53 20.15
C VAL A 692 19.87 5.28 21.00
N ALA A 693 19.96 5.43 22.32
CA ALA A 693 19.75 4.30 23.22
C ALA A 693 18.34 3.72 23.07
N ARG A 694 17.34 4.59 22.96
CA ARG A 694 15.95 4.14 22.82
C ARG A 694 15.80 3.17 21.66
N VAL A 695 16.33 3.53 20.49
CA VAL A 695 16.24 2.65 19.32
C VAL A 695 16.90 1.32 19.61
N ARG A 696 18.12 1.35 20.17
CA ARG A 696 18.85 0.13 20.47
C ARG A 696 18.12 -0.74 21.48
N LYS A 697 17.37 -0.11 22.39
CA LYS A 697 16.67 -0.83 23.44
C LYS A 697 15.15 -0.79 23.23
N SER A 698 14.71 -1.12 22.02
CA SER A 698 13.28 -1.16 21.73
C SER A 698 12.88 -2.32 20.82
N LYS A 699 13.83 -3.13 20.35
CA LYS A 699 13.56 -4.30 19.51
C LYS A 699 12.79 -3.89 18.25
N GLY A 700 13.38 -2.97 17.49
CA GLY A 700 12.79 -2.54 16.23
C GLY A 700 11.44 -1.85 16.38
N LYS A 701 11.29 -1.01 17.41
CA LYS A 701 10.02 -0.34 17.65
C LYS A 701 10.13 1.17 17.77
N PHE A 702 11.34 1.73 17.82
CA PHE A 702 11.55 3.18 17.83
C PHE A 702 12.45 3.56 16.66
N ALA A 703 12.07 4.60 15.94
CA ALA A 703 12.85 5.11 14.81
C ALA A 703 13.25 6.56 15.08
N PHE A 704 14.46 6.75 15.61
CA PHE A 704 14.94 8.08 15.93
C PHE A 704 15.28 8.84 14.66
N LEU A 705 15.01 10.14 14.65
CA LEU A 705 15.32 11.01 13.53
C LEU A 705 16.43 11.96 13.93
N LEU A 706 17.53 11.95 13.17
CA LEU A 706 18.69 12.77 13.48
C LEU A 706 19.40 13.11 12.17
N GLU A 707 20.31 14.08 12.26
CA GLU A 707 21.04 14.53 11.08
C GLU A 707 21.77 13.35 10.42
N SER A 708 21.94 13.46 9.11
CA SER A 708 22.52 12.36 8.33
C SER A 708 23.96 12.07 8.76
N THR A 709 24.76 13.12 9.00
CA THR A 709 26.16 12.94 9.34
C THR A 709 26.31 12.14 10.64
N MET A 710 25.62 12.57 11.71
CA MET A 710 25.70 11.85 12.98
C MET A 710 25.06 10.46 12.89
N ASN A 711 24.04 10.31 12.04
CA ASN A 711 23.40 9.01 11.85
C ASN A 711 24.41 7.99 11.32
N GLU A 712 25.20 8.38 10.31
CA GLU A 712 26.20 7.47 9.77
C GLU A 712 27.26 7.12 10.82
N TYR A 713 27.68 8.10 11.62
CA TYR A 713 28.70 7.84 12.62
C TYR A 713 28.23 6.79 13.63
N ILE A 714 27.02 6.97 14.17
CA ILE A 714 26.50 6.04 15.18
C ILE A 714 26.46 4.62 14.62
N GLU A 715 25.97 4.46 13.40
CA GLU A 715 25.90 3.14 12.77
C GLU A 715 27.28 2.51 12.59
N GLN A 716 28.33 3.33 12.52
CA GLN A 716 29.68 2.84 12.31
C GLN A 716 30.48 2.79 13.61
N ARG A 717 29.81 2.47 14.72
CA ARG A 717 30.46 2.30 16.01
C ARG A 717 29.73 1.19 16.78
N LYS A 718 30.44 0.60 17.73
CA LYS A 718 29.87 -0.48 18.53
C LYS A 718 28.70 0.04 19.36
N PRO A 719 27.72 -0.81 19.66
CA PRO A 719 27.61 -2.25 19.37
C PRO A 719 27.23 -2.58 17.93
N CYS A 720 27.20 -1.58 17.05
CA CYS A 720 26.87 -1.76 15.63
C CYS A 720 25.50 -2.42 15.47
N ASP A 721 24.47 -1.73 15.98
CA ASP A 721 23.10 -2.21 15.93
C ASP A 721 22.15 -1.27 15.23
N THR A 722 22.43 0.03 15.22
CA THR A 722 21.61 0.98 14.49
C THR A 722 21.96 0.91 13.00
N MET A 723 21.13 1.56 12.18
CA MET A 723 21.30 1.50 10.74
C MET A 723 20.64 2.72 10.11
N LYS A 724 20.95 2.94 8.83
CA LYS A 724 20.41 4.06 8.07
C LYS A 724 19.54 3.53 6.94
N VAL A 725 18.36 4.14 6.78
CA VAL A 725 17.40 3.72 5.76
C VAL A 725 16.94 4.96 4.99
N GLY A 726 16.79 4.80 3.67
CA GLY A 726 16.29 5.89 2.85
C GLY A 726 17.38 6.87 2.45
N GLY A 727 16.97 8.12 2.25
CA GLY A 727 17.89 9.15 1.84
C GLY A 727 17.85 10.38 2.74
N ASN A 728 17.58 11.55 2.16
CA ASN A 728 17.52 12.80 2.90
C ASN A 728 16.17 13.46 2.63
N LEU A 729 15.36 13.60 3.68
CA LEU A 729 14.06 14.25 3.53
C LEU A 729 14.21 15.69 3.08
N ASP A 730 15.18 16.41 3.64
CA ASP A 730 15.45 17.79 3.30
C ASP A 730 16.87 17.91 2.73
N SER A 731 17.31 19.15 2.51
CA SER A 731 18.65 19.42 2.01
C SER A 731 19.28 20.52 2.85
N LYS A 732 20.40 20.20 3.50
CA LYS A 732 21.12 21.16 4.32
C LYS A 732 22.60 21.19 3.94
N GLY A 733 23.40 21.91 4.72
CA GLY A 733 24.82 21.97 4.46
C GLY A 733 25.60 22.66 5.56
N TYR A 734 26.79 22.16 5.88
CA TYR A 734 27.64 22.76 6.90
C TYR A 734 28.54 23.80 6.24
N GLY A 735 29.60 24.21 6.91
CA GLY A 735 30.57 25.12 6.33
C GLY A 735 31.44 25.74 7.39
N VAL A 736 32.43 26.49 6.92
CA VAL A 736 33.29 27.25 7.81
C VAL A 736 32.65 28.62 8.01
N ALA A 737 32.88 29.23 9.17
CA ALA A 737 32.25 30.49 9.51
C ALA A 737 33.30 31.54 9.83
N THR A 738 33.03 32.78 9.45
CA THR A 738 33.91 33.91 9.68
C THR A 738 33.05 35.16 9.88
N PRO A 739 33.53 36.15 10.61
CA PRO A 739 32.70 37.33 10.89
C PRO A 739 32.62 38.22 9.67
N LYS A 740 31.46 38.90 9.54
CA LYS A 740 31.23 39.73 8.36
C LYS A 740 32.30 40.80 8.21
N GLY A 741 33.18 40.60 7.24
CA GLY A 741 34.28 41.49 6.96
C GLY A 741 35.64 40.96 7.37
N SER A 742 35.79 39.63 7.47
CA SER A 742 37.06 39.05 7.88
C SER A 742 38.10 39.19 6.77
N SER A 743 39.35 39.40 7.18
CA SER A 743 40.45 39.46 6.22
C SER A 743 40.62 38.16 5.45
N LEU A 744 39.90 37.10 5.80
CA LEU A 744 40.06 35.77 5.21
C LEU A 744 38.68 35.21 4.88
N ARG A 745 38.01 35.79 3.88
CA ARG A 745 36.73 35.30 3.39
C ARG A 745 36.85 34.60 2.05
N THR A 746 37.66 35.13 1.14
CA THR A 746 37.90 34.52 -0.15
C THR A 746 38.90 33.37 0.02
N PRO A 747 40.08 33.58 0.65
CA PRO A 747 41.04 32.46 0.77
C PRO A 747 40.43 31.18 1.31
N VAL A 748 39.60 31.29 2.36
CA VAL A 748 39.00 30.09 2.95
C VAL A 748 38.01 29.46 1.99
N ASN A 749 37.18 30.29 1.34
CA ASN A 749 36.16 29.76 0.45
C ASN A 749 36.77 29.02 -0.73
N LEU A 750 37.82 29.59 -1.33
CA LEU A 750 38.51 28.92 -2.43
C LEU A 750 39.17 27.63 -1.97
N ALA A 751 39.76 27.64 -0.78
CA ALA A 751 40.42 26.45 -0.26
C ALA A 751 39.42 25.32 -0.04
N VAL A 752 38.24 25.64 0.49
CA VAL A 752 37.22 24.61 0.68
C VAL A 752 36.82 23.99 -0.65
N LEU A 753 36.61 24.83 -1.66
CA LEU A 753 36.30 24.32 -3.00
C LEU A 753 37.44 23.50 -3.57
N LYS A 754 38.68 23.91 -3.30
CA LYS A 754 39.84 23.18 -3.80
C LYS A 754 39.92 21.80 -3.17
N LEU A 755 39.55 21.69 -1.89
CA LEU A 755 39.55 20.38 -1.23
C LEU A 755 38.45 19.47 -1.79
N SER A 756 37.27 20.03 -2.02
CA SER A 756 36.17 19.23 -2.54
C SER A 756 36.48 18.66 -3.93
N GLU A 757 37.09 19.48 -4.79
CA GLU A 757 37.46 18.98 -6.11
C GLU A 757 38.52 17.88 -6.02
N ALA A 758 39.52 18.08 -5.17
CA ALA A 758 40.60 17.10 -5.02
C ALA A 758 40.15 15.82 -4.33
N GLY A 759 38.95 15.79 -3.77
CA GLY A 759 38.48 14.61 -3.07
C GLY A 759 38.98 14.48 -1.65
N VAL A 760 39.66 15.51 -1.12
CA VAL A 760 40.21 15.43 0.21
C VAL A 760 39.11 15.33 1.27
N LEU A 761 37.99 16.02 1.03
CA LEU A 761 36.87 15.93 1.97
C LEU A 761 36.34 14.50 2.07
N ASP A 762 36.23 13.82 0.93
CA ASP A 762 35.79 12.42 0.95
C ASP A 762 36.81 11.55 1.65
N LYS A 763 38.11 11.83 1.47
CA LYS A 763 39.15 11.09 2.15
C LYS A 763 39.03 11.21 3.66
N LEU A 764 38.88 12.46 4.16
CA LEU A 764 38.73 12.68 5.59
C LEU A 764 37.43 12.08 6.10
N LYS A 765 36.34 12.22 5.34
CA LYS A 765 35.07 11.62 5.74
C LYS A 765 35.20 10.11 5.87
N ASN A 766 35.83 9.46 4.88
CA ASN A 766 36.05 8.03 4.94
C ASN A 766 36.88 7.66 6.17
N LYS A 767 37.98 8.37 6.38
CA LYS A 767 38.89 8.05 7.49
C LYS A 767 38.18 8.09 8.83
N TRP A 768 37.44 9.17 9.10
CA TRP A 768 36.85 9.35 10.42
C TRP A 768 35.50 8.66 10.60
N TRP A 769 34.91 8.13 9.54
CA TRP A 769 33.61 7.48 9.62
C TRP A 769 33.69 5.97 9.43
N TYR A 770 34.51 5.50 8.49
CA TYR A 770 34.61 4.09 8.16
C TYR A 770 35.96 3.51 8.56
N ASP A 771 37.06 4.11 8.07
CA ASP A 771 38.39 3.57 8.36
C ASP A 771 38.64 3.45 9.85
N LYS A 772 38.26 4.47 10.62
CA LYS A 772 38.34 4.43 12.08
C LYS A 772 37.04 3.92 12.70
N GLY A 773 36.22 3.20 11.94
CA GLY A 773 35.03 2.58 12.48
C GLY A 773 35.32 1.19 12.98
N GLU A 774 34.90 0.92 14.22
CA GLU A 774 35.14 -0.39 14.82
C GLU A 774 34.55 -1.51 13.96
N CYS A 775 33.46 -1.23 13.25
CA CYS A 775 32.85 -2.20 12.34
C CYS A 775 33.26 -1.84 10.92
N GLY A 776 34.13 -2.65 10.33
CA GLY A 776 34.67 -2.40 9.02
C GLY A 776 33.60 -2.27 7.94
N PRO A 777 32.85 -3.35 7.70
CA PRO A 777 31.75 -3.32 6.74
C PRO A 777 30.38 -3.19 7.39
N SER A 787 16.43 -15.00 0.19
CA SER A 787 15.43 -15.69 0.98
C SER A 787 15.47 -17.19 0.74
N ALA A 788 15.54 -17.96 1.83
CA ALA A 788 15.56 -19.41 1.77
C ALA A 788 15.37 -19.93 3.19
N LEU A 789 15.12 -21.25 3.28
CA LEU A 789 14.98 -21.90 4.57
C LEU A 789 16.34 -22.47 4.98
N SER A 790 16.71 -22.25 6.24
CA SER A 790 17.97 -22.74 6.77
C SER A 790 17.75 -23.95 7.68
N LEU A 791 18.84 -24.64 7.98
CA LEU A 791 18.76 -25.84 8.81
C LEU A 791 18.10 -25.55 10.15
N SER A 792 18.38 -24.37 10.71
CA SER A 792 17.78 -24.00 12.00
C SER A 792 16.27 -23.96 11.90
N ASN A 793 15.73 -23.35 10.84
CA ASN A 793 14.28 -23.28 10.64
C ASN A 793 13.61 -24.64 10.72
N VAL A 794 14.37 -25.71 10.46
CA VAL A 794 13.84 -27.08 10.50
C VAL A 794 14.75 -27.91 11.39
N ALA A 795 15.37 -27.27 12.38
CA ALA A 795 16.29 -27.99 13.26
C ALA A 795 15.57 -29.02 14.11
N GLY A 796 14.32 -28.74 14.49
CA GLY A 796 13.60 -29.68 15.34
C GLY A 796 13.41 -31.05 14.71
N VAL A 797 13.25 -31.10 13.38
CA VAL A 797 13.02 -32.38 12.74
C VAL A 797 14.31 -33.20 12.71
N PHE A 798 15.44 -32.54 12.43
CA PHE A 798 16.71 -33.27 12.32
C PHE A 798 17.17 -33.78 13.68
N TYR A 799 16.73 -33.16 14.77
CA TYR A 799 17.12 -33.60 16.10
C TYR A 799 16.28 -34.80 16.53
N ILE A 800 14.96 -34.71 16.34
CA ILE A 800 14.07 -35.82 16.66
C ILE A 800 14.29 -37.00 15.73
N LEU A 801 15.08 -36.82 14.68
CA LEU A 801 15.44 -37.90 13.77
C LEU A 801 16.68 -38.64 14.25
N VAL A 802 17.70 -37.89 14.71
CA VAL A 802 18.89 -38.53 15.25
C VAL A 802 18.55 -39.22 16.57
N GLY A 803 17.78 -38.55 17.42
CA GLY A 803 17.36 -39.16 18.67
C GLY A 803 16.46 -40.36 18.44
N GLY A 804 15.54 -40.25 17.48
CA GLY A 804 14.65 -41.36 17.18
C GLY A 804 15.40 -42.60 16.74
N LEU A 805 16.32 -42.44 15.78
CA LEU A 805 17.15 -43.56 15.36
C LEU A 805 18.00 -44.06 16.53
N GLY A 806 18.39 -43.18 17.44
CA GLY A 806 19.11 -43.61 18.63
C GLY A 806 18.25 -44.45 19.56
N LEU A 807 16.96 -44.13 19.63
CA LEU A 807 16.04 -44.95 20.41
C LEU A 807 15.91 -46.34 19.82
N ALA A 808 15.83 -46.43 18.49
CA ALA A 808 15.69 -47.72 17.83
C ALA A 808 16.87 -48.64 18.17
N MET A 809 18.09 -48.12 18.04
CA MET A 809 19.28 -48.93 18.30
C MET A 809 19.22 -49.57 19.68
N LEU A 810 18.81 -48.79 20.69
CA LEU A 810 18.63 -49.33 22.03
C LEU A 810 17.66 -50.50 22.01
N VAL A 811 16.48 -50.31 21.42
CA VAL A 811 15.47 -51.36 21.37
C VAL A 811 16.02 -52.62 20.72
N ALA A 812 16.68 -52.47 19.58
CA ALA A 812 17.23 -53.62 18.86
C ALA A 812 18.23 -54.38 19.72
N LEU A 813 19.00 -53.67 20.55
CA LEU A 813 19.92 -54.33 21.47
C LEU A 813 19.18 -54.94 22.66
N ILE A 814 18.18 -54.23 23.20
CA ILE A 814 17.46 -54.76 24.36
C ILE A 814 16.70 -56.03 23.99
N GLU A 815 16.12 -56.07 22.78
CA GLU A 815 15.46 -57.29 22.34
C GLU A 815 16.47 -58.40 22.06
N PHE A 816 17.62 -58.06 21.50
CA PHE A 816 18.67 -59.02 21.18
C PHE A 816 19.08 -59.85 22.40
N THR B 396 -17.52 45.16 19.36
CA THR B 396 -17.08 43.81 19.04
C THR B 396 -18.28 42.88 18.91
N VAL B 397 -18.18 41.89 18.02
CA VAL B 397 -19.25 40.92 17.80
C VAL B 397 -19.08 39.78 18.78
N VAL B 398 -20.14 39.49 19.54
CA VAL B 398 -20.13 38.40 20.52
C VAL B 398 -20.65 37.15 19.83
N VAL B 399 -19.74 36.32 19.34
CA VAL B 399 -20.12 35.07 18.69
C VAL B 399 -20.50 34.05 19.76
N THR B 400 -21.43 33.16 19.43
CA THR B 400 -21.87 32.10 20.32
C THR B 400 -21.68 30.75 19.65
N THR B 401 -21.25 29.76 20.42
CA THR B 401 -21.09 28.40 19.93
C THR B 401 -21.38 27.44 21.07
N ILE B 402 -21.07 26.16 20.86
CA ILE B 402 -21.36 25.10 21.82
C ILE B 402 -20.12 24.23 22.00
N MET B 403 -19.90 23.76 23.22
CA MET B 403 -18.73 22.94 23.53
C MET B 403 -18.94 21.49 23.11
N GLU B 404 -19.28 21.28 21.84
CA GLU B 404 -19.45 19.93 21.29
C GLU B 404 -18.23 19.60 20.45
N SER B 405 -17.38 18.71 20.97
CA SER B 405 -16.17 18.34 20.27
C SER B 405 -16.52 17.57 18.99
N PRO B 406 -15.67 17.65 17.95
CA PRO B 406 -14.43 18.43 17.88
C PRO B 406 -14.66 19.86 17.41
N TYR B 407 -15.92 20.30 17.35
CA TYR B 407 -16.19 21.63 16.83
C TYR B 407 -15.61 22.72 17.72
N VAL B 408 -15.70 22.55 19.04
CA VAL B 408 -15.09 23.47 19.99
C VAL B 408 -14.54 22.67 21.16
N MET B 409 -13.35 23.04 21.62
CA MET B 409 -12.70 22.43 22.78
C MET B 409 -11.82 23.49 23.43
N TYR B 410 -11.44 23.24 24.68
CA TYR B 410 -10.53 24.13 25.38
C TYR B 410 -9.09 23.72 25.10
N LYS B 411 -8.27 24.68 24.65
CA LYS B 411 -6.85 24.42 24.42
C LYS B 411 -6.21 23.87 25.69
N LYS B 412 -5.33 22.89 25.52
CA LYS B 412 -4.66 22.26 26.67
C LYS B 412 -4.27 23.28 27.72
N ASN B 413 -3.56 24.33 27.32
CA ASN B 413 -3.11 25.39 28.22
C ASN B 413 -4.13 26.51 28.30
N HIS B 414 -5.39 26.15 28.53
CA HIS B 414 -6.46 27.16 28.57
C HIS B 414 -6.24 28.19 29.67
N GLU B 415 -5.64 27.79 30.79
CA GLU B 415 -5.47 28.70 31.91
C GLU B 415 -4.59 29.89 31.54
N MET B 416 -3.52 29.64 30.78
CA MET B 416 -2.62 30.72 30.39
C MET B 416 -3.23 31.60 29.29
N PHE B 417 -3.84 30.98 28.28
CA PHE B 417 -4.41 31.74 27.18
C PHE B 417 -5.60 32.57 27.65
N GLU B 418 -5.82 33.69 26.96
CA GLU B 418 -6.95 34.56 27.22
C GLU B 418 -7.63 34.94 25.91
N GLY B 419 -8.90 35.34 26.03
CA GLY B 419 -9.66 35.78 24.87
C GLY B 419 -10.14 34.62 24.00
N ASN B 420 -10.32 34.91 22.72
CA ASN B 420 -10.82 33.92 21.78
C ASN B 420 -9.85 32.74 21.59
N ASP B 421 -8.58 32.92 21.94
CA ASP B 421 -7.60 31.87 21.73
C ASP B 421 -7.78 30.69 22.68
N LYS B 422 -8.54 30.86 23.77
CA LYS B 422 -8.70 29.80 24.76
C LYS B 422 -9.43 28.59 24.21
N TYR B 423 -10.16 28.72 23.10
CA TYR B 423 -10.99 27.67 22.55
C TYR B 423 -10.41 27.21 21.23
N GLU B 424 -10.36 25.89 21.03
CA GLU B 424 -9.88 25.31 19.78
C GLU B 424 -10.94 24.35 19.23
N GLY B 425 -11.02 24.27 17.91
CA GLY B 425 -11.95 23.37 17.28
C GLY B 425 -12.18 23.74 15.83
N TYR B 426 -13.14 23.04 15.23
CA TYR B 426 -13.51 23.33 13.84
C TYR B 426 -14.25 24.66 13.75
N CYS B 427 -15.20 24.90 14.65
CA CYS B 427 -15.98 26.14 14.59
C CYS B 427 -15.08 27.35 14.75
N VAL B 428 -14.07 27.27 15.64
CA VAL B 428 -13.18 28.41 15.86
C VAL B 428 -12.39 28.71 14.59
N ASP B 429 -11.88 27.66 13.92
CA ASP B 429 -11.20 27.86 12.65
C ASP B 429 -12.15 28.42 11.60
N LEU B 430 -13.38 27.89 11.54
CA LEU B 430 -14.36 28.42 10.61
C LEU B 430 -14.68 29.87 10.90
N ALA B 431 -14.80 30.22 12.19
CA ALA B 431 -15.05 31.61 12.58
C ALA B 431 -13.98 32.53 12.02
N SER B 432 -12.71 32.14 12.16
CA SER B 432 -11.62 32.96 11.64
C SER B 432 -11.74 33.16 10.14
N GLU B 433 -11.99 32.07 9.40
CA GLU B 433 -12.09 32.16 7.94
C GLU B 433 -13.17 33.16 7.53
N ILE B 434 -14.29 33.18 8.24
CA ILE B 434 -15.37 34.11 7.93
C ILE B 434 -14.95 35.53 8.28
N ALA B 435 -14.52 35.74 9.54
CA ALA B 435 -14.16 37.07 10.01
C ALA B 435 -13.10 37.71 9.10
N LYS B 436 -12.01 37.00 8.84
CA LYS B 436 -10.98 37.49 7.93
C LYS B 436 -11.57 37.91 6.59
N HIS B 437 -12.55 37.15 6.09
CA HIS B 437 -13.18 37.48 4.81
C HIS B 437 -13.97 38.78 4.92
N ILE B 438 -14.80 38.90 5.98
CA ILE B 438 -15.67 40.06 6.14
C ILE B 438 -15.00 41.17 6.95
N GLY B 439 -13.78 40.97 7.41
CA GLY B 439 -13.07 41.96 8.20
C GLY B 439 -13.87 42.47 9.39
N ILE B 440 -14.24 41.57 10.29
CA ILE B 440 -15.08 41.89 11.43
C ILE B 440 -14.43 41.38 12.70
N LYS B 441 -14.39 42.23 13.74
CA LYS B 441 -13.90 41.83 15.05
C LYS B 441 -14.96 40.99 15.76
N TYR B 442 -14.58 39.79 16.19
CA TYR B 442 -15.52 38.84 16.78
C TYR B 442 -14.98 38.29 18.09
N LYS B 443 -15.85 38.21 19.08
CA LYS B 443 -15.55 37.61 20.38
C LYS B 443 -16.35 36.33 20.53
N ILE B 444 -15.71 35.28 21.03
CA ILE B 444 -16.34 33.97 21.14
C ILE B 444 -16.97 33.83 22.53
N ALA B 445 -18.22 33.40 22.57
CA ALA B 445 -18.93 33.10 23.81
C ALA B 445 -19.49 31.69 23.75
N ILE B 446 -19.85 31.15 24.91
CA ILE B 446 -20.45 29.82 25.01
C ILE B 446 -21.84 29.96 25.60
N VAL B 447 -22.80 29.22 25.02
CA VAL B 447 -24.18 29.23 25.52
C VAL B 447 -24.21 28.69 26.94
N PRO B 448 -24.90 29.33 27.88
CA PRO B 448 -24.86 28.85 29.28
C PRO B 448 -25.48 27.47 29.48
N ASP B 449 -26.72 27.26 29.04
CA ASP B 449 -27.39 25.99 29.28
C ASP B 449 -26.95 24.87 28.35
N GLY B 450 -26.08 25.15 27.39
CA GLY B 450 -25.58 24.14 26.48
C GLY B 450 -26.59 23.53 25.53
N LYS B 451 -27.87 23.92 25.62
CA LYS B 451 -28.87 23.40 24.71
C LYS B 451 -28.66 23.96 23.30
N TYR B 452 -29.06 23.16 22.30
CA TYR B 452 -28.98 23.62 20.92
C TYR B 452 -30.12 24.58 20.60
N GLY B 453 -31.35 24.19 20.92
CA GLY B 453 -32.51 25.02 20.70
C GLY B 453 -33.79 24.21 20.51
N ALA B 454 -34.71 24.33 21.47
CA ALA B 454 -35.98 23.63 21.40
C ALA B 454 -37.04 24.47 22.11
N ARG B 455 -38.06 24.90 21.39
CA ARG B 455 -39.07 25.77 21.98
C ARG B 455 -39.80 25.05 23.10
N ASP B 456 -39.84 25.68 24.27
CA ASP B 456 -40.57 25.14 25.42
C ASP B 456 -42.03 25.54 25.28
N ALA B 457 -42.83 24.64 24.70
CA ALA B 457 -44.24 24.90 24.44
C ALA B 457 -44.96 25.51 25.64
N ASP B 458 -44.56 25.12 26.86
CA ASP B 458 -45.20 25.65 28.06
C ASP B 458 -45.03 27.17 28.15
N THR B 459 -43.86 27.68 27.77
CA THR B 459 -43.56 29.09 27.87
C THR B 459 -43.35 29.76 26.51
N LYS B 460 -43.15 28.98 25.45
CA LYS B 460 -42.88 29.50 24.11
C LYS B 460 -41.62 30.38 24.09
N ILE B 461 -40.66 30.08 24.95
CA ILE B 461 -39.40 30.80 25.01
C ILE B 461 -38.32 29.91 24.43
N TRP B 462 -37.62 30.42 23.42
CA TRP B 462 -36.53 29.68 22.81
C TRP B 462 -35.36 29.56 23.78
N ASN B 463 -34.83 28.35 23.93
CA ASN B 463 -33.71 28.07 24.82
C ASN B 463 -32.45 27.77 24.01
N GLY B 464 -31.33 27.76 24.72
CA GLY B 464 -30.07 27.40 24.09
C GLY B 464 -29.58 28.46 23.10
N MET B 465 -28.82 28.00 22.12
CA MET B 465 -28.21 28.93 21.17
C MET B 465 -29.25 29.66 20.34
N VAL B 466 -30.29 28.96 19.89
CA VAL B 466 -31.34 29.60 19.10
C VAL B 466 -32.01 30.70 19.93
N GLY B 467 -32.18 30.46 21.23
CA GLY B 467 -32.80 31.46 22.09
C GLY B 467 -31.94 32.70 22.21
N GLU B 468 -30.64 32.52 22.41
CA GLU B 468 -29.72 33.65 22.56
C GLU B 468 -29.80 34.57 21.34
N LEU B 469 -29.98 33.99 20.15
CA LEU B 469 -29.97 34.77 18.92
C LEU B 469 -31.24 35.61 18.80
N VAL B 470 -32.41 35.00 19.01
CA VAL B 470 -33.67 35.70 18.83
C VAL B 470 -33.88 36.77 19.90
N TYR B 471 -33.18 36.69 21.02
CA TYR B 471 -33.38 37.62 22.12
C TYR B 471 -32.27 38.66 22.20
N GLY B 472 -31.48 38.81 21.15
CA GLY B 472 -30.45 39.82 21.08
C GLY B 472 -29.23 39.58 21.94
N LYS B 473 -29.20 38.51 22.73
CA LYS B 473 -28.08 38.27 23.63
C LYS B 473 -26.89 37.65 22.92
N ALA B 474 -27.02 37.30 21.64
CA ALA B 474 -25.93 36.73 20.86
C ALA B 474 -25.87 37.43 19.51
N GLU B 475 -24.99 36.95 18.64
CA GLU B 475 -24.83 37.58 17.34
C GLU B 475 -24.92 36.56 16.20
N ILE B 476 -23.82 35.84 15.97
CA ILE B 476 -23.71 34.90 14.86
C ILE B 476 -23.29 33.53 15.39
N ALA B 477 -24.25 32.61 15.49
CA ALA B 477 -23.97 31.29 16.05
C ALA B 477 -23.22 30.49 14.99
N ILE B 478 -21.89 30.45 15.11
CA ILE B 478 -21.07 29.58 14.25
C ILE B 478 -20.92 28.27 15.03
N ALA B 479 -21.92 27.41 14.90
CA ALA B 479 -22.01 26.18 15.66
C ALA B 479 -22.57 25.09 14.76
N PRO B 480 -22.36 23.81 15.11
CA PRO B 480 -22.98 22.72 14.35
C PRO B 480 -24.48 22.65 14.60
N LEU B 481 -25.20 23.72 14.26
CA LEU B 481 -26.64 23.79 14.43
C LEU B 481 -27.34 23.28 13.18
N THR B 482 -28.16 22.25 13.33
CA THR B 482 -28.83 21.66 12.19
C THR B 482 -29.94 22.58 11.69
N ILE B 483 -30.19 22.53 10.39
CA ILE B 483 -31.21 23.36 9.76
C ILE B 483 -32.54 22.63 9.85
N THR B 484 -33.52 23.26 10.49
CA THR B 484 -34.83 22.68 10.69
C THR B 484 -35.88 23.73 10.33
N LEU B 485 -37.14 23.30 10.23
CA LEU B 485 -38.21 24.21 9.86
C LEU B 485 -38.54 25.17 11.00
N VAL B 486 -38.66 24.63 12.22
CA VAL B 486 -39.05 25.45 13.36
C VAL B 486 -37.99 26.51 13.64
N ARG B 487 -36.71 26.13 13.57
CA ARG B 487 -35.62 27.09 13.74
C ARG B 487 -35.67 28.17 12.66
N GLU B 488 -35.86 27.76 11.41
CA GLU B 488 -35.85 28.71 10.30
C GLU B 488 -36.93 29.78 10.44
N GLU B 489 -37.99 29.51 11.20
CA GLU B 489 -39.06 30.49 11.34
C GLU B 489 -38.63 31.69 12.18
N VAL B 490 -37.65 31.49 13.07
CA VAL B 490 -37.21 32.55 13.96
C VAL B 490 -35.83 33.09 13.58
N ILE B 491 -34.97 32.27 12.98
CA ILE B 491 -33.62 32.67 12.59
C ILE B 491 -33.41 32.34 11.12
N ASP B 492 -32.47 33.06 10.51
CA ASP B 492 -32.09 32.85 9.12
C ASP B 492 -30.73 32.15 9.06
N PHE B 493 -30.73 30.93 8.53
CA PHE B 493 -29.50 30.16 8.45
C PHE B 493 -28.69 30.57 7.24
N SER B 494 -27.55 29.89 7.03
CA SER B 494 -26.69 30.10 5.88
C SER B 494 -26.67 28.82 5.06
N LYS B 495 -26.07 28.87 3.88
CA LYS B 495 -25.94 27.67 3.09
C LYS B 495 -25.09 26.65 3.84
N PRO B 496 -25.52 25.39 3.95
CA PRO B 496 -24.77 24.39 4.72
C PRO B 496 -23.27 24.35 4.47
N PHE B 497 -22.47 24.55 5.50
CA PHE B 497 -21.03 24.42 5.34
C PHE B 497 -20.64 22.96 5.17
N MET B 498 -21.22 22.07 5.99
CA MET B 498 -20.98 20.64 5.87
C MET B 498 -22.32 19.92 5.99
N SER B 499 -22.44 18.80 5.28
CA SER B 499 -23.66 18.02 5.23
C SER B 499 -23.46 16.70 5.96
N LEU B 500 -24.43 16.33 6.81
CA LEU B 500 -24.37 15.13 7.61
C LEU B 500 -25.64 14.30 7.39
N GLY B 501 -25.66 13.11 7.99
CA GLY B 501 -26.81 12.24 7.88
C GLY B 501 -26.74 11.14 8.92
N ILE B 502 -27.92 10.61 9.27
CA ILE B 502 -27.97 9.53 10.25
C ILE B 502 -27.14 8.36 9.73
N SER B 503 -26.45 7.66 10.63
CA SER B 503 -25.53 6.60 10.25
C SER B 503 -25.70 5.41 11.19
N ILE B 504 -24.92 4.37 10.94
CA ILE B 504 -24.93 3.14 11.73
C ILE B 504 -23.56 3.00 12.39
N MET B 505 -23.56 2.82 13.72
CA MET B 505 -22.34 2.76 14.51
C MET B 505 -22.18 1.37 15.10
N ILE B 506 -21.11 0.68 14.72
CA ILE B 506 -20.83 -0.67 15.19
C ILE B 506 -19.35 -0.79 15.52
N LYS B 507 -19.02 -1.79 16.33
CA LYS B 507 -17.64 -2.07 16.70
C LYS B 507 -16.91 -2.74 15.53
N LYS B 508 -15.66 -2.32 15.31
CA LYS B 508 -14.87 -2.88 14.23
C LYS B 508 -14.90 -4.40 14.29
N PRO B 509 -15.08 -5.09 13.16
CA PRO B 509 -15.23 -6.55 13.19
C PRO B 509 -13.98 -7.24 13.72
N GLN B 510 -14.13 -7.90 14.87
CA GLN B 510 -13.06 -8.68 15.44
C GLN B 510 -13.05 -10.08 14.84
N LYS B 511 -11.96 -10.80 15.06
CA LYS B 511 -11.80 -12.14 14.50
C LYS B 511 -13.06 -12.97 14.72
N SER B 512 -13.60 -13.52 13.64
CA SER B 512 -14.81 -14.30 13.73
C SER B 512 -14.54 -15.65 14.39
N LYS B 513 -15.53 -16.12 15.15
CA LYS B 513 -15.41 -17.41 15.79
C LYS B 513 -15.42 -18.50 14.72
N PRO B 514 -14.48 -19.44 14.74
CA PRO B 514 -14.39 -20.44 13.67
C PRO B 514 -15.54 -21.43 13.74
N GLY B 515 -16.35 -21.46 12.68
CA GLY B 515 -17.44 -22.41 12.61
C GLY B 515 -16.97 -23.84 12.72
N VAL B 516 -17.90 -24.71 13.13
CA VAL B 516 -17.59 -26.13 13.33
C VAL B 516 -16.98 -26.70 12.07
N PHE B 517 -17.71 -26.63 10.96
CA PHE B 517 -17.26 -27.19 9.70
C PHE B 517 -16.57 -26.13 8.84
N SER B 518 -15.57 -25.47 9.43
CA SER B 518 -14.81 -24.45 8.74
C SER B 518 -13.68 -25.03 7.89
N PHE B 519 -13.56 -26.35 7.81
CA PHE B 519 -12.52 -26.99 7.02
C PHE B 519 -12.98 -27.28 5.59
N LEU B 520 -14.13 -26.76 5.20
CA LEU B 520 -14.69 -26.93 3.87
C LEU B 520 -14.70 -25.64 3.07
N ASP B 521 -14.35 -24.51 3.68
CA ASP B 521 -14.36 -23.22 2.99
C ASP B 521 -13.64 -23.18 1.66
N PRO B 522 -12.45 -23.76 1.48
CA PRO B 522 -11.76 -23.60 0.18
C PRO B 522 -12.58 -24.06 -1.01
N LEU B 523 -13.33 -25.15 -0.89
CA LEU B 523 -14.18 -25.62 -1.98
C LEU B 523 -15.63 -25.30 -1.66
N ALA B 524 -16.32 -24.70 -2.63
CA ALA B 524 -17.74 -24.37 -2.46
C ALA B 524 -18.54 -25.61 -2.09
N TYR B 525 -19.47 -25.45 -1.16
CA TYR B 525 -20.25 -26.59 -0.68
C TYR B 525 -20.89 -27.37 -1.83
N GLU B 526 -21.18 -26.68 -2.94
CA GLU B 526 -21.67 -27.36 -4.14
C GLU B 526 -20.69 -28.44 -4.58
N ILE B 527 -19.43 -28.05 -4.78
CA ILE B 527 -18.39 -29.01 -5.22
C ILE B 527 -18.38 -30.24 -4.34
N TRP B 528 -18.32 -30.05 -3.01
CA TRP B 528 -18.28 -31.18 -2.07
C TRP B 528 -19.36 -32.19 -2.39
N MET B 529 -20.55 -31.73 -2.80
CA MET B 529 -21.62 -32.64 -3.15
C MET B 529 -21.29 -33.40 -4.42
N CYS B 530 -20.76 -32.69 -5.42
CA CYS B 530 -20.42 -33.32 -6.69
C CYS B 530 -19.24 -34.27 -6.53
N ILE B 531 -18.36 -34.00 -5.57
CA ILE B 531 -17.26 -34.92 -5.27
C ILE B 531 -17.81 -36.25 -4.80
N VAL B 532 -18.80 -36.21 -3.91
CA VAL B 532 -19.46 -37.45 -3.46
C VAL B 532 -20.15 -38.11 -4.65
N PHE B 533 -20.80 -37.31 -5.51
CA PHE B 533 -21.48 -37.88 -6.66
C PHE B 533 -20.49 -38.52 -7.62
N ALA B 534 -19.32 -37.90 -7.79
CA ALA B 534 -18.30 -38.47 -8.67
C ALA B 534 -17.71 -39.74 -8.08
N TYR B 535 -17.56 -39.77 -6.75
CA TYR B 535 -17.09 -40.99 -6.08
C TYR B 535 -18.00 -42.16 -6.37
N ILE B 536 -19.31 -41.94 -6.31
CA ILE B 536 -20.28 -42.99 -6.64
C ILE B 536 -20.16 -43.36 -8.10
N GLY B 537 -20.05 -42.35 -8.97
CA GLY B 537 -19.93 -42.61 -10.40
C GLY B 537 -18.80 -43.55 -10.75
N VAL B 538 -17.60 -43.24 -10.27
CA VAL B 538 -16.44 -44.08 -10.60
C VAL B 538 -16.57 -45.46 -9.98
N SER B 539 -16.94 -45.51 -8.69
CA SER B 539 -17.09 -46.79 -8.00
C SER B 539 -18.03 -47.72 -8.75
N VAL B 540 -19.10 -47.16 -9.32
CA VAL B 540 -20.03 -47.97 -10.11
C VAL B 540 -19.34 -48.47 -11.39
N VAL B 541 -18.64 -47.58 -12.08
CA VAL B 541 -17.99 -47.95 -13.34
C VAL B 541 -17.01 -49.09 -13.13
N LEU B 542 -16.21 -49.02 -12.07
CA LEU B 542 -15.21 -50.04 -11.80
C LEU B 542 -15.85 -51.42 -11.73
N PHE B 543 -16.92 -51.55 -10.96
CA PHE B 543 -17.63 -52.82 -10.87
C PHE B 543 -18.19 -53.21 -12.24
N LEU B 544 -18.89 -52.29 -12.90
CA LEU B 544 -19.51 -52.58 -14.19
C LEU B 544 -18.46 -53.03 -15.21
N VAL B 545 -17.33 -52.33 -15.27
CA VAL B 545 -16.26 -52.71 -16.19
C VAL B 545 -15.68 -54.06 -15.80
N SER B 546 -15.33 -54.23 -14.52
CA SER B 546 -14.70 -55.47 -14.06
C SER B 546 -15.52 -56.69 -14.42
N ARG B 547 -16.85 -56.61 -14.26
CA ARG B 547 -17.77 -57.68 -14.64
C ARG B 547 -17.97 -57.64 -16.16
N PHE B 548 -16.91 -58.03 -16.87
CA PHE B 548 -16.91 -58.06 -18.33
C PHE B 548 -15.65 -58.74 -18.85
N ASN B 577 -15.11 -54.18 -3.38
CA ASN B 577 -13.87 -53.49 -3.03
C ASN B 577 -13.67 -52.25 -3.89
N SER B 578 -14.56 -52.05 -4.87
CA SER B 578 -14.45 -50.90 -5.76
C SER B 578 -14.56 -49.60 -4.98
N LEU B 579 -15.50 -49.52 -4.04
CA LEU B 579 -15.65 -48.31 -3.23
C LEU B 579 -14.40 -48.07 -2.40
N TRP B 580 -13.80 -49.13 -1.86
CA TRP B 580 -12.59 -48.99 -1.05
C TRP B 580 -11.44 -48.41 -1.87
N PHE B 581 -11.26 -48.90 -3.11
CA PHE B 581 -10.20 -48.38 -3.96
C PHE B 581 -10.37 -46.89 -4.22
N SER B 582 -11.58 -46.47 -4.59
CA SER B 582 -11.83 -45.07 -4.92
C SER B 582 -11.59 -44.17 -3.72
N LEU B 583 -12.03 -44.61 -2.53
CA LEU B 583 -11.87 -43.80 -1.33
C LEU B 583 -10.39 -43.59 -1.00
N GLY B 584 -9.59 -44.65 -1.08
CA GLY B 584 -8.16 -44.50 -0.83
C GLY B 584 -7.46 -43.60 -1.83
N ALA B 585 -7.82 -43.72 -3.10
CA ALA B 585 -7.17 -42.93 -4.14
C ALA B 585 -7.43 -41.44 -3.97
N PHE B 586 -8.66 -41.08 -3.56
CA PHE B 586 -9.03 -39.68 -3.43
C PHE B 586 -8.23 -38.99 -2.32
N MET B 587 -7.99 -39.68 -1.21
CA MET B 587 -7.37 -39.07 -0.03
C MET B 587 -5.87 -39.30 0.02
N GLN B 588 -5.20 -39.25 -1.13
CA GLN B 588 -3.75 -39.35 -1.25
C GLN B 588 -3.15 -40.42 -0.32
N GLN B 589 -3.73 -41.60 -0.36
CA GLN B 589 -3.20 -42.75 0.38
C GLN B 589 -2.79 -43.85 -0.58
N GLY B 590 -2.37 -44.98 -0.01
CA GLY B 590 -1.88 -46.07 -0.82
C GLY B 590 -2.99 -46.78 -1.57
N CYS B 591 -2.59 -47.55 -2.58
CA CYS B 591 -3.52 -48.36 -3.35
C CYS B 591 -3.61 -49.77 -2.78
N ASP B 592 -4.84 -50.25 -2.60
CA ASP B 592 -5.07 -51.61 -2.12
C ASP B 592 -4.68 -52.65 -3.16
N ILE B 593 -5.05 -52.41 -4.42
CA ILE B 593 -4.82 -53.36 -5.50
C ILE B 593 -4.41 -52.58 -6.74
N SER B 594 -4.15 -53.31 -7.82
CA SER B 594 -3.79 -52.67 -9.08
C SER B 594 -4.49 -53.34 -10.25
N PRO B 595 -5.42 -52.65 -10.92
CA PRO B 595 -6.12 -53.27 -12.05
C PRO B 595 -5.16 -53.54 -13.19
N ARG B 596 -5.35 -54.69 -13.85
CA ARG B 596 -4.43 -55.12 -14.90
C ARG B 596 -5.03 -55.06 -16.29
N SER B 597 -6.34 -54.85 -16.41
CA SER B 597 -6.99 -54.82 -17.71
C SER B 597 -7.02 -53.39 -18.24
N LEU B 598 -6.84 -53.25 -19.55
CA LEU B 598 -6.97 -51.93 -20.17
C LEU B 598 -8.32 -51.29 -19.86
N SER B 599 -9.40 -52.08 -19.95
CA SER B 599 -10.73 -51.59 -19.62
C SER B 599 -10.75 -50.94 -18.23
N GLY B 600 -10.11 -51.57 -17.25
CA GLY B 600 -10.15 -51.11 -15.89
C GLY B 600 -9.02 -50.21 -15.46
N ARG B 601 -7.95 -50.13 -16.26
CA ARG B 601 -6.87 -49.20 -15.95
C ARG B 601 -7.23 -47.77 -16.30
N ILE B 602 -8.03 -47.56 -17.35
CA ILE B 602 -8.50 -46.22 -17.70
C ILE B 602 -9.28 -45.62 -16.54
N VAL B 603 -10.18 -46.40 -15.95
CA VAL B 603 -10.99 -45.91 -14.83
C VAL B 603 -10.11 -45.45 -13.68
N GLY B 604 -9.04 -46.18 -13.41
CA GLY B 604 -8.16 -45.82 -12.31
C GLY B 604 -7.34 -44.59 -12.60
N GLY B 605 -6.76 -44.52 -13.80
CA GLY B 605 -5.88 -43.40 -14.14
C GLY B 605 -6.57 -42.05 -14.07
N VAL B 606 -7.80 -41.96 -14.59
CA VAL B 606 -8.50 -40.69 -14.60
C VAL B 606 -8.79 -40.21 -13.18
N TRP B 607 -9.26 -41.12 -12.31
CA TRP B 607 -9.57 -40.74 -10.94
C TRP B 607 -8.33 -40.30 -10.20
N TRP B 608 -7.22 -41.04 -10.35
CA TRP B 608 -5.94 -40.61 -9.75
C TRP B 608 -5.61 -39.18 -10.15
N PHE B 609 -5.94 -38.80 -11.39
CA PHE B 609 -5.64 -37.46 -11.85
C PHE B 609 -6.64 -36.46 -11.26
N PHE B 610 -7.93 -36.76 -11.39
CA PHE B 610 -8.99 -35.91 -10.85
C PHE B 610 -8.69 -35.49 -9.41
N THR B 611 -8.36 -36.46 -8.54
CA THR B 611 -8.14 -36.13 -7.14
C THR B 611 -6.92 -35.23 -6.97
N LEU B 612 -5.86 -35.49 -7.74
CA LEU B 612 -4.64 -34.68 -7.65
C LEU B 612 -4.96 -33.20 -7.82
N ILE B 613 -5.77 -32.86 -8.82
CA ILE B 613 -6.16 -31.47 -9.04
C ILE B 613 -6.95 -30.94 -7.85
N ILE B 614 -7.84 -31.76 -7.30
CA ILE B 614 -8.66 -31.34 -6.17
C ILE B 614 -7.78 -31.06 -4.96
N ILE B 615 -6.96 -32.04 -4.55
CA ILE B 615 -6.09 -31.89 -3.39
C ILE B 615 -5.26 -30.62 -3.51
N SER B 616 -4.72 -30.36 -4.71
CA SER B 616 -3.95 -29.14 -4.92
C SER B 616 -4.85 -27.91 -4.87
N SER B 617 -6.07 -28.03 -5.39
CA SER B 617 -6.99 -26.89 -5.39
C SER B 617 -7.41 -26.53 -3.96
N TYR B 618 -7.66 -27.54 -3.12
CA TYR B 618 -7.99 -27.27 -1.74
C TYR B 618 -6.81 -26.68 -0.99
N THR B 619 -5.65 -27.33 -1.08
CA THR B 619 -4.47 -26.85 -0.35
C THR B 619 -4.11 -25.43 -0.74
N ALA B 620 -4.15 -25.11 -2.03
CA ALA B 620 -3.79 -23.77 -2.49
C ALA B 620 -4.79 -22.73 -2.03
N ASN B 621 -6.09 -23.00 -2.22
CA ASN B 621 -7.11 -22.02 -1.85
C ASN B 621 -7.13 -21.80 -0.33
N LEU B 622 -6.92 -22.87 0.44
CA LEU B 622 -6.88 -22.73 1.89
C LEU B 622 -5.75 -21.80 2.34
N ALA B 623 -4.71 -21.65 1.53
CA ALA B 623 -3.61 -20.77 1.89
C ALA B 623 -4.00 -19.30 1.75
N ALA B 624 -4.72 -18.95 0.67
CA ALA B 624 -5.19 -17.59 0.51
C ALA B 624 -6.14 -17.18 1.63
N PHE B 625 -6.98 -18.11 2.10
CA PHE B 625 -7.91 -17.79 3.18
C PHE B 625 -7.18 -17.45 4.47
N LEU B 626 -6.03 -18.08 4.72
CA LEU B 626 -5.27 -17.79 5.92
C LEU B 626 -4.33 -16.60 5.71
N THR B 627 -3.68 -16.52 4.55
CA THR B 627 -2.75 -15.43 4.29
C THR B 627 -3.47 -14.09 4.34
N VAL B 628 -4.51 -13.95 3.51
CA VAL B 628 -5.27 -12.71 3.42
C VAL B 628 -6.42 -12.77 4.41
N GLU B 629 -6.62 -11.69 5.16
CA GLU B 629 -7.74 -11.57 6.09
C GLU B 629 -8.66 -10.46 5.61
N ARG B 630 -9.97 -10.66 5.83
CA ARG B 630 -10.96 -9.71 5.36
C ARG B 630 -11.83 -9.15 6.48
N MET B 631 -12.19 -9.97 7.46
CA MET B 631 -13.01 -9.57 8.61
C MET B 631 -14.20 -8.73 8.16
N VAL B 632 -15.04 -9.33 7.32
CA VAL B 632 -16.19 -8.63 6.76
C VAL B 632 -17.18 -8.30 7.86
N SER B 633 -17.75 -7.10 7.81
CA SER B 633 -18.70 -6.66 8.81
C SER B 633 -20.08 -7.23 8.52
N PRO B 634 -20.82 -7.66 9.56
CA PRO B 634 -22.15 -8.25 9.30
C PRO B 634 -23.12 -7.28 8.67
N ILE B 635 -23.25 -6.08 9.23
CA ILE B 635 -24.18 -5.08 8.72
C ILE B 635 -23.45 -4.21 7.70
N GLU B 636 -24.02 -4.11 6.49
CA GLU B 636 -23.41 -3.36 5.41
C GLU B 636 -24.25 -2.20 4.92
N SER B 637 -25.51 -2.09 5.34
CA SER B 637 -26.39 -1.01 4.91
C SER B 637 -27.54 -0.90 5.91
N ALA B 638 -28.54 -0.07 5.58
CA ALA B 638 -29.67 0.11 6.47
C ALA B 638 -30.60 -1.10 6.43
N GLU B 639 -31.07 -1.46 5.23
CA GLU B 639 -31.99 -2.59 5.07
C GLU B 639 -31.48 -3.82 5.81
N ASP B 640 -30.22 -4.20 5.57
CA ASP B 640 -29.63 -5.38 6.21
C ASP B 640 -29.83 -5.35 7.72
N LEU B 641 -29.50 -4.22 8.35
CA LEU B 641 -29.60 -4.10 9.80
C LEU B 641 -31.00 -4.42 10.29
N ALA B 642 -32.02 -3.88 9.62
CA ALA B 642 -33.40 -4.05 10.05
C ALA B 642 -33.78 -5.53 10.11
N LYS B 643 -33.46 -6.28 9.06
CA LYS B 643 -33.84 -7.70 9.01
C LYS B 643 -33.19 -8.48 10.14
N GLN B 644 -31.87 -8.35 10.29
CA GLN B 644 -31.16 -9.11 11.32
C GLN B 644 -31.63 -8.70 12.71
N THR B 645 -32.10 -9.68 13.47
CA THR B 645 -32.63 -9.41 14.82
C THR B 645 -31.56 -9.49 15.90
N GLU B 646 -30.54 -10.33 15.71
CA GLU B 646 -29.52 -10.51 16.74
C GLU B 646 -28.85 -9.20 17.11
N ILE B 647 -28.40 -8.44 16.09
CA ILE B 647 -27.68 -7.18 16.32
C ILE B 647 -28.72 -6.12 16.65
N ALA B 648 -28.88 -5.82 17.93
CA ALA B 648 -29.83 -4.81 18.35
C ALA B 648 -29.32 -3.42 18.02
N TYR B 649 -30.22 -2.55 17.55
CA TYR B 649 -29.88 -1.20 17.15
C TYR B 649 -30.71 -0.20 17.95
N GLY B 650 -30.04 0.73 18.62
CA GLY B 650 -30.72 1.73 19.41
C GLY B 650 -30.27 3.12 19.05
N THR B 651 -31.18 4.08 19.18
CA THR B 651 -30.94 5.47 18.88
C THR B 651 -30.79 6.26 20.18
N LEU B 652 -31.19 7.53 20.17
CA LEU B 652 -31.18 8.37 21.35
C LEU B 652 -32.60 8.58 21.86
N ASP B 653 -32.73 8.83 23.16
CA ASP B 653 -34.06 8.96 23.75
C ASP B 653 -34.72 10.29 23.41
N SER B 654 -33.94 11.32 23.08
CA SER B 654 -34.48 12.64 22.79
C SER B 654 -33.92 13.25 21.52
N GLY B 655 -32.98 12.59 20.86
CA GLY B 655 -32.34 13.14 19.68
C GLY B 655 -33.26 13.23 18.48
N SER B 656 -32.80 13.99 17.49
CA SER B 656 -33.59 14.17 16.26
C SER B 656 -33.87 12.83 15.60
N THR B 657 -32.91 11.90 15.67
CA THR B 657 -33.05 10.57 15.08
C THR B 657 -34.40 9.94 15.45
N LYS B 658 -34.64 9.81 16.76
CA LYS B 658 -35.89 9.20 17.23
C LYS B 658 -37.11 9.81 16.55
N GLU B 659 -37.15 11.15 16.47
CA GLU B 659 -38.26 11.81 15.80
C GLU B 659 -38.30 11.45 14.32
N PHE B 660 -37.13 11.40 13.68
CA PHE B 660 -37.07 11.09 12.24
C PHE B 660 -37.76 9.77 11.94
N PHE B 661 -37.54 8.76 12.79
CA PHE B 661 -38.15 7.45 12.56
C PHE B 661 -39.64 7.49 12.85
N ARG B 662 -40.04 8.12 13.96
CA ARG B 662 -41.45 8.18 14.34
C ARG B 662 -42.31 8.71 13.22
N ARG B 663 -41.79 9.67 12.45
CA ARG B 663 -42.56 10.32 11.39
C ARG B 663 -42.23 9.74 10.02
N SER B 664 -41.63 8.55 9.96
CA SER B 664 -41.18 7.95 8.73
C SER B 664 -42.18 6.90 8.24
N LYS B 665 -42.27 6.76 6.92
CA LYS B 665 -43.17 5.79 6.31
C LYS B 665 -42.46 4.84 5.37
N ILE B 666 -41.16 5.03 5.14
CA ILE B 666 -40.38 4.11 4.32
C ILE B 666 -40.29 2.77 5.04
N ALA B 667 -40.80 1.72 4.38
CA ALA B 667 -40.88 0.38 4.96
C ALA B 667 -39.65 0.03 5.79
N VAL B 668 -38.45 0.36 5.28
CA VAL B 668 -37.21 0.06 5.98
C VAL B 668 -37.26 0.64 7.39
N TYR B 669 -37.50 1.95 7.48
CA TYR B 669 -37.53 2.64 8.77
C TYR B 669 -38.76 2.24 9.57
N GLU B 670 -39.88 1.99 8.90
CA GLU B 670 -41.11 1.52 9.56
C GLU B 670 -40.82 0.30 10.43
N LYS B 671 -40.31 -0.77 9.80
CA LYS B 671 -39.94 -1.98 10.52
C LYS B 671 -39.05 -1.67 11.72
N MET B 672 -38.12 -0.72 11.56
CA MET B 672 -37.24 -0.34 12.66
C MET B 672 -38.03 0.21 13.85
N TRP B 673 -39.01 1.08 13.59
CA TRP B 673 -39.86 1.58 14.67
C TRP B 673 -40.50 0.42 15.42
N THR B 674 -41.20 -0.47 14.70
CA THR B 674 -41.87 -1.60 15.35
C THR B 674 -40.89 -2.33 16.26
N TYR B 675 -39.72 -2.69 15.74
CA TYR B 675 -38.74 -3.42 16.54
C TYR B 675 -38.39 -2.64 17.79
N MET B 676 -38.05 -1.37 17.65
CA MET B 676 -37.63 -0.55 18.78
C MET B 676 -38.76 -0.33 19.77
N ARG B 677 -40.00 -0.20 19.28
CA ARG B 677 -41.13 0.03 20.17
C ARG B 677 -41.30 -1.09 21.18
N SER B 678 -40.92 -2.32 20.81
CA SER B 678 -41.01 -3.48 21.67
C SER B 678 -39.63 -4.12 21.85
N ALA B 679 -38.60 -3.29 22.02
CA ALA B 679 -37.22 -3.74 22.16
C ALA B 679 -36.81 -3.58 23.63
N GLU B 680 -36.94 -4.65 24.40
CA GLU B 680 -36.51 -4.61 25.79
C GLU B 680 -35.27 -5.48 25.99
N PRO B 681 -34.32 -5.06 26.85
CA PRO B 681 -34.32 -3.80 27.62
C PRO B 681 -34.16 -2.57 26.74
N SER B 682 -34.63 -1.41 27.22
CA SER B 682 -34.69 -0.19 26.44
C SER B 682 -33.36 0.09 25.73
N VAL B 683 -33.42 0.22 24.41
CA VAL B 683 -32.21 0.46 23.62
C VAL B 683 -31.85 1.94 23.53
N PHE B 684 -32.81 2.84 23.74
CA PHE B 684 -32.59 4.27 23.61
C PHE B 684 -31.65 4.76 24.72
N THR B 685 -30.37 4.88 24.38
CA THR B 685 -29.39 5.41 25.34
C THR B 685 -29.73 6.85 25.68
N ARG B 686 -29.60 7.20 26.97
CA ARG B 686 -29.99 8.52 27.43
C ARG B 686 -29.15 9.61 26.76
N THR B 687 -27.84 9.48 26.81
CA THR B 687 -26.91 10.47 26.26
C THR B 687 -26.13 9.85 25.11
N THR B 688 -25.18 10.63 24.58
CA THR B 688 -24.31 10.11 23.54
C THR B 688 -23.20 9.24 24.13
N ALA B 689 -22.55 9.73 25.19
CA ALA B 689 -21.53 8.97 25.90
C ALA B 689 -21.95 7.54 26.18
N GLU B 690 -23.13 7.38 26.77
CA GLU B 690 -23.67 6.06 27.09
C GLU B 690 -23.70 5.15 25.86
N GLY B 691 -24.19 5.68 24.73
CA GLY B 691 -24.24 4.89 23.52
C GLY B 691 -22.86 4.50 23.02
N VAL B 692 -21.92 5.43 23.04
CA VAL B 692 -20.57 5.15 22.54
C VAL B 692 -19.92 4.06 23.37
N ALA B 693 -20.23 3.99 24.66
CA ALA B 693 -19.67 2.96 25.53
C ALA B 693 -20.41 1.64 25.39
N ARG B 694 -21.74 1.67 25.59
CA ARG B 694 -22.57 0.48 25.42
C ARG B 694 -22.23 -0.30 24.16
N VAL B 695 -22.06 0.41 23.04
CA VAL B 695 -21.75 -0.24 21.77
C VAL B 695 -20.49 -1.08 21.91
N ARG B 696 -19.46 -0.53 22.54
CA ARG B 696 -18.18 -1.23 22.66
C ARG B 696 -18.30 -2.41 23.62
N LYS B 697 -18.80 -2.16 24.83
CA LYS B 697 -18.87 -3.19 25.86
C LYS B 697 -19.81 -4.34 25.49
N SER B 698 -20.60 -4.20 24.42
CA SER B 698 -21.50 -5.24 23.95
C SER B 698 -20.84 -6.19 22.96
N LYS B 699 -19.54 -6.05 22.71
CA LYS B 699 -18.78 -6.93 21.82
C LYS B 699 -19.33 -6.92 20.40
N GLY B 700 -20.02 -5.84 20.02
CA GLY B 700 -20.53 -5.69 18.68
C GLY B 700 -21.94 -6.18 18.47
N LYS B 701 -22.62 -6.62 19.53
CA LYS B 701 -24.02 -7.01 19.43
C LYS B 701 -24.98 -5.83 19.40
N PHE B 702 -24.49 -4.63 19.72
CA PHE B 702 -25.32 -3.43 19.78
C PHE B 702 -24.86 -2.44 18.71
N ALA B 703 -25.83 -1.73 18.13
CA ALA B 703 -25.56 -0.76 17.07
C ALA B 703 -26.22 0.56 17.43
N PHE B 704 -25.54 1.65 17.11
CA PHE B 704 -26.00 2.99 17.43
C PHE B 704 -26.31 3.75 16.15
N LEU B 705 -27.42 4.49 16.16
CA LEU B 705 -27.83 5.32 15.02
C LEU B 705 -27.66 6.78 15.38
N LEU B 706 -26.53 7.37 14.95
CA LEU B 706 -26.25 8.77 15.24
C LEU B 706 -25.88 9.53 13.98
N GLU B 707 -25.41 10.77 14.13
CA GLU B 707 -25.08 11.61 12.99
C GLU B 707 -23.81 11.12 12.31
N SER B 708 -23.56 11.63 11.11
CA SER B 708 -22.40 11.24 10.33
C SER B 708 -21.15 12.04 10.65
N THR B 709 -21.23 12.97 11.59
CA THR B 709 -20.08 13.78 11.99
C THR B 709 -19.42 13.25 13.25
N MET B 710 -20.19 13.12 14.34
CA MET B 710 -19.66 12.51 15.56
C MET B 710 -19.24 11.06 15.34
N ASN B 711 -19.92 10.35 14.44
CA ASN B 711 -19.55 8.97 14.14
C ASN B 711 -18.12 8.88 13.61
N GLU B 712 -17.79 9.72 12.61
CA GLU B 712 -16.45 9.72 12.06
C GLU B 712 -15.42 10.18 13.10
N TYR B 713 -15.77 11.15 13.93
CA TYR B 713 -14.85 11.62 14.96
C TYR B 713 -14.50 10.51 15.94
N ILE B 714 -15.49 9.75 16.39
CA ILE B 714 -15.22 8.64 17.30
C ILE B 714 -14.36 7.59 16.64
N GLU B 715 -14.66 7.25 15.39
CA GLU B 715 -13.87 6.25 14.68
C GLU B 715 -12.41 6.65 14.59
N GLN B 716 -12.12 7.95 14.54
CA GLN B 716 -10.75 8.45 14.53
C GLN B 716 -10.32 8.97 15.90
N ARG B 717 -11.03 8.59 16.95
CA ARG B 717 -10.71 8.96 18.33
C ARG B 717 -10.39 7.71 19.13
N LYS B 718 -9.41 7.82 20.02
CA LYS B 718 -8.96 6.67 20.79
C LYS B 718 -10.11 6.12 21.62
N PRO B 719 -10.15 4.79 21.85
CA PRO B 719 -9.14 3.80 21.46
C PRO B 719 -9.23 3.34 20.01
N CYS B 720 -10.05 4.00 19.19
CA CYS B 720 -10.24 3.66 17.79
C CYS B 720 -10.67 2.20 17.63
N ASP B 721 -11.90 1.93 18.07
CA ASP B 721 -12.45 0.58 18.02
C ASP B 721 -13.84 0.52 17.41
N THR B 722 -14.44 1.64 17.05
CA THR B 722 -15.75 1.66 16.42
C THR B 722 -15.60 1.87 14.91
N MET B 723 -16.69 1.66 14.19
CA MET B 723 -16.66 1.73 12.73
C MET B 723 -17.97 2.31 12.23
N LYS B 724 -18.07 2.48 10.92
CA LYS B 724 -19.26 2.98 10.26
C LYS B 724 -19.59 2.09 9.07
N VAL B 725 -20.88 1.85 8.85
CA VAL B 725 -21.35 1.04 7.73
C VAL B 725 -22.66 1.62 7.21
N GLY B 726 -22.83 1.59 5.90
CA GLY B 726 -24.11 1.99 5.33
C GLY B 726 -24.15 3.45 4.95
N GLY B 727 -24.93 3.75 3.92
CA GLY B 727 -25.12 5.12 3.51
C GLY B 727 -26.00 5.89 4.47
N ASN B 728 -25.97 7.21 4.32
CA ASN B 728 -26.74 8.09 5.19
C ASN B 728 -28.22 7.88 4.95
N LEU B 729 -28.96 7.54 6.00
CA LEU B 729 -30.38 7.25 5.86
C LEU B 729 -31.14 8.48 5.38
N ASP B 730 -30.92 9.63 6.02
CA ASP B 730 -31.57 10.87 5.66
C ASP B 730 -30.54 11.98 5.59
N SER B 731 -30.85 13.01 4.82
CA SER B 731 -29.93 14.11 4.59
C SER B 731 -30.30 15.30 5.46
N LYS B 732 -29.33 15.79 6.23
CA LYS B 732 -29.50 17.01 7.00
C LYS B 732 -28.38 17.98 6.66
N GLY B 733 -28.29 19.09 7.38
CA GLY B 733 -27.25 20.07 7.10
C GLY B 733 -26.93 21.00 8.24
N TYR B 734 -25.65 21.12 8.57
CA TYR B 734 -25.22 22.07 9.59
C TYR B 734 -25.05 23.45 8.96
N GLY B 735 -25.50 24.47 9.66
CA GLY B 735 -25.47 25.81 9.11
C GLY B 735 -25.26 26.88 10.15
N VAL B 736 -24.72 28.01 9.70
CA VAL B 736 -24.56 29.19 10.53
C VAL B 736 -25.86 29.98 10.53
N ALA B 737 -26.28 30.43 11.71
CA ALA B 737 -27.56 31.10 11.88
C ALA B 737 -27.37 32.58 12.16
N THR B 738 -28.38 33.38 11.79
CA THR B 738 -28.40 34.81 12.01
C THR B 738 -29.80 35.26 12.42
N PRO B 739 -29.91 36.23 13.32
CA PRO B 739 -31.22 36.79 13.65
C PRO B 739 -31.86 37.47 12.45
N LYS B 740 -33.20 37.44 12.42
CA LYS B 740 -33.97 38.02 11.33
C LYS B 740 -33.51 39.45 11.04
N GLY B 741 -33.12 39.70 9.80
CA GLY B 741 -32.71 41.02 9.38
C GLY B 741 -31.30 41.41 9.75
N SER B 742 -30.47 40.46 10.17
CA SER B 742 -29.06 40.74 10.45
C SER B 742 -28.39 41.37 9.23
N SER B 743 -27.71 42.50 9.46
CA SER B 743 -27.03 43.18 8.36
C SER B 743 -25.93 42.34 7.73
N LEU B 744 -25.48 41.30 8.42
CA LEU B 744 -24.39 40.46 7.94
C LEU B 744 -24.88 39.19 7.27
N ARG B 745 -26.20 39.07 7.04
CA ARG B 745 -26.77 37.86 6.49
C ARG B 745 -26.15 37.50 5.13
N THR B 746 -26.11 38.48 4.21
CA THR B 746 -25.54 38.19 2.90
C THR B 746 -24.02 38.10 2.95
N PRO B 747 -23.28 39.04 3.57
CA PRO B 747 -21.82 38.83 3.71
C PRO B 747 -21.42 37.44 4.17
N VAL B 748 -22.02 36.96 5.27
CA VAL B 748 -21.67 35.65 5.81
C VAL B 748 -21.97 34.54 4.79
N ASN B 749 -23.20 34.52 4.29
CA ASN B 749 -23.61 33.48 3.33
C ASN B 749 -22.60 33.38 2.19
N LEU B 750 -22.24 34.52 1.60
CA LEU B 750 -21.33 34.51 0.46
C LEU B 750 -19.95 34.03 0.87
N ALA B 751 -19.51 34.40 2.08
CA ALA B 751 -18.21 33.95 2.57
C ALA B 751 -18.19 32.43 2.74
N VAL B 752 -19.30 31.84 3.19
CA VAL B 752 -19.39 30.39 3.31
C VAL B 752 -19.19 29.74 1.94
N LEU B 753 -19.89 30.24 0.92
CA LEU B 753 -19.81 29.65 -0.40
C LEU B 753 -18.40 29.78 -0.97
N LYS B 754 -17.72 30.88 -0.68
CA LYS B 754 -16.36 31.07 -1.15
C LYS B 754 -15.44 29.99 -0.61
N LEU B 755 -15.53 29.70 0.68
CA LEU B 755 -14.72 28.66 1.30
C LEU B 755 -14.98 27.30 0.65
N SER B 756 -16.25 26.95 0.47
CA SER B 756 -16.60 25.66 -0.13
C SER B 756 -15.95 25.46 -1.49
N GLU B 757 -15.97 26.49 -2.34
CA GLU B 757 -15.37 26.33 -3.66
C GLU B 757 -13.85 26.34 -3.61
N ALA B 758 -13.27 26.97 -2.59
CA ALA B 758 -11.83 27.04 -2.43
C ALA B 758 -11.26 25.84 -1.70
N GLY B 759 -12.10 24.97 -1.17
CA GLY B 759 -11.66 23.79 -0.45
C GLY B 759 -11.37 24.01 1.02
N VAL B 760 -11.62 25.21 1.55
CA VAL B 760 -11.33 25.47 2.95
C VAL B 760 -12.23 24.64 3.86
N LEU B 761 -13.52 24.52 3.51
CA LEU B 761 -14.46 23.77 4.33
C LEU B 761 -14.03 22.32 4.48
N ASP B 762 -13.30 21.79 3.49
CA ASP B 762 -12.89 20.39 3.52
C ASP B 762 -11.53 20.24 4.17
N LYS B 763 -10.61 21.16 3.90
CA LYS B 763 -9.30 21.13 4.55
C LYS B 763 -9.44 21.13 6.07
N LEU B 764 -10.32 21.98 6.60
CA LEU B 764 -10.53 22.04 8.04
C LEU B 764 -11.16 20.75 8.55
N LYS B 765 -12.12 20.20 7.80
CA LYS B 765 -12.82 19.00 8.25
C LYS B 765 -11.89 17.79 8.27
N ASN B 766 -11.14 17.59 7.18
CA ASN B 766 -10.21 16.47 7.13
C ASN B 766 -9.17 16.58 8.25
N LYS B 767 -8.62 17.78 8.45
CA LYS B 767 -7.61 17.97 9.47
C LYS B 767 -8.14 17.65 10.87
N TRP B 768 -9.26 18.26 11.26
CA TRP B 768 -9.74 18.11 12.63
C TRP B 768 -10.38 16.74 12.88
N TRP B 769 -10.72 15.99 11.84
CA TRP B 769 -11.39 14.70 12.01
C TRP B 769 -10.46 13.52 11.80
N TYR B 770 -9.72 13.50 10.69
CA TYR B 770 -8.89 12.35 10.38
C TYR B 770 -7.46 12.51 10.86
N ASP B 771 -6.98 13.75 10.97
CA ASP B 771 -5.61 14.03 11.40
C ASP B 771 -5.58 14.47 12.87
N THR B 786 1.49 -14.20 10.58
CA THR B 786 0.05 -14.47 10.51
C THR B 786 -0.32 -14.99 11.91
N SER B 787 -1.20 -15.97 12.02
CA SER B 787 -1.59 -16.53 13.31
C SER B 787 -1.65 -18.04 13.21
N ALA B 788 -1.11 -18.71 14.22
CA ALA B 788 -1.19 -20.17 14.27
C ALA B 788 -2.62 -20.64 14.40
N LEU B 789 -2.97 -21.67 13.63
CA LEU B 789 -4.34 -22.19 13.64
C LEU B 789 -4.61 -22.88 14.97
N SER B 790 -5.67 -22.48 15.65
CA SER B 790 -6.06 -23.12 16.89
C SER B 790 -6.90 -24.35 16.59
N LEU B 791 -7.47 -24.97 17.63
CA LEU B 791 -8.30 -26.14 17.43
C LEU B 791 -9.67 -25.78 16.85
N SER B 792 -10.14 -24.55 17.11
CA SER B 792 -11.46 -24.15 16.66
C SER B 792 -11.57 -24.12 15.14
N ASN B 793 -10.47 -23.78 14.45
CA ASN B 793 -10.52 -23.66 12.99
C ASN B 793 -10.78 -25.01 12.34
N VAL B 794 -10.20 -26.08 12.88
CA VAL B 794 -10.27 -27.40 12.28
C VAL B 794 -11.09 -28.38 13.10
N ALA B 795 -11.71 -27.92 14.21
CA ALA B 795 -12.44 -28.78 15.13
C ALA B 795 -13.34 -29.78 14.42
N GLY B 796 -14.08 -29.31 13.41
CA GLY B 796 -15.03 -30.12 12.67
C GLY B 796 -14.56 -31.53 12.35
N VAL B 797 -13.30 -31.66 11.91
CA VAL B 797 -12.79 -32.97 11.51
C VAL B 797 -12.68 -33.89 12.72
N PHE B 798 -12.35 -33.35 13.89
CA PHE B 798 -12.31 -34.17 15.09
C PHE B 798 -13.69 -34.66 15.48
N TYR B 799 -14.73 -33.91 15.10
CA TYR B 799 -16.09 -34.38 15.33
C TYR B 799 -16.46 -35.50 14.36
N ILE B 800 -16.01 -35.37 13.11
CA ILE B 800 -16.20 -36.44 12.13
C ILE B 800 -15.46 -37.70 12.59
N LEU B 801 -14.19 -37.54 12.94
CA LEU B 801 -13.38 -38.67 13.40
C LEU B 801 -14.05 -39.36 14.59
N VAL B 802 -14.28 -38.60 15.67
CA VAL B 802 -14.92 -39.16 16.86
C VAL B 802 -16.21 -39.88 16.48
N GLY B 803 -17.05 -39.22 15.67
CA GLY B 803 -18.26 -39.85 15.19
C GLY B 803 -17.95 -41.12 14.41
N GLY B 804 -17.00 -41.04 13.48
CA GLY B 804 -16.68 -42.20 12.67
C GLY B 804 -16.18 -43.36 13.50
N LEU B 805 -15.21 -43.11 14.38
CA LEU B 805 -14.68 -44.15 15.24
C LEU B 805 -15.68 -44.60 16.31
N GLY B 806 -16.85 -43.98 16.36
CA GLY B 806 -17.89 -44.38 17.30
C GLY B 806 -18.98 -45.12 16.56
N LEU B 807 -19.30 -44.66 15.36
CA LEU B 807 -20.25 -45.38 14.52
C LEU B 807 -19.68 -46.74 14.11
N ALA B 808 -18.38 -46.79 13.84
CA ALA B 808 -17.72 -48.04 13.46
C ALA B 808 -18.02 -49.14 14.46
N MET B 809 -17.92 -48.83 15.75
CA MET B 809 -18.14 -49.83 16.80
C MET B 809 -19.53 -50.46 16.65
N LEU B 810 -20.55 -49.62 16.48
CA LEU B 810 -21.93 -50.12 16.32
C LEU B 810 -22.00 -51.17 15.22
N VAL B 811 -21.32 -50.93 14.10
CA VAL B 811 -21.36 -51.87 12.98
C VAL B 811 -20.87 -53.24 13.42
N ALA B 812 -19.80 -53.28 14.22
CA ALA B 812 -19.32 -54.56 14.75
C ALA B 812 -20.37 -55.19 15.65
N LEU B 813 -20.98 -54.41 16.54
CA LEU B 813 -22.05 -54.92 17.38
C LEU B 813 -23.19 -55.48 16.54
N ILE B 814 -23.59 -54.75 15.50
CA ILE B 814 -24.64 -55.23 14.60
C ILE B 814 -24.23 -56.54 13.96
N GLU B 815 -23.01 -56.59 13.41
CA GLU B 815 -22.51 -57.79 12.74
C GLU B 815 -22.49 -58.96 13.71
N PHE B 816 -21.77 -58.82 14.82
CA PHE B 816 -21.68 -59.87 15.82
C PHE B 816 -22.40 -59.46 17.10
N THR C 396 15.34 47.10 -16.11
CA THR C 396 14.97 45.71 -15.88
C THR C 396 16.22 44.83 -15.81
N VAL C 397 16.16 43.79 -14.99
CA VAL C 397 17.27 42.86 -14.84
C VAL C 397 17.16 41.77 -15.89
N VAL C 398 18.23 41.57 -16.65
CA VAL C 398 18.28 40.56 -17.70
C VAL C 398 18.86 39.30 -17.10
N VAL C 399 18.00 38.39 -16.67
CA VAL C 399 18.44 37.12 -16.10
C VAL C 399 18.87 36.20 -17.24
N THR C 400 19.85 35.33 -16.96
CA THR C 400 20.34 34.36 -17.92
C THR C 400 20.21 32.95 -17.33
N THR C 401 19.83 32.00 -18.18
CA THR C 401 19.74 30.60 -17.78
C THR C 401 20.08 29.73 -18.98
N ILE C 402 19.82 28.43 -18.86
CA ILE C 402 20.18 27.45 -19.88
C ILE C 402 18.98 26.54 -20.11
N MET C 403 18.78 26.13 -21.37
CA MET C 403 17.65 25.29 -21.74
C MET C 403 17.94 23.82 -21.42
N GLU C 404 18.29 23.54 -20.17
CA GLU C 404 18.52 22.18 -19.70
C GLU C 404 17.32 21.72 -18.90
N SER C 405 16.52 20.83 -19.47
CA SER C 405 15.33 20.36 -18.80
C SER C 405 15.72 19.52 -17.58
N PRO C 406 14.86 19.48 -16.53
CA PRO C 406 13.58 20.21 -16.41
C PRO C 406 13.74 21.62 -15.85
N TYR C 407 14.98 22.10 -15.76
CA TYR C 407 15.19 23.42 -15.14
C TYR C 407 14.55 24.52 -15.97
N VAL C 408 14.63 24.45 -17.30
CA VAL C 408 13.99 25.40 -18.18
C VAL C 408 13.48 24.65 -19.41
N MET C 409 12.27 24.99 -19.85
CA MET C 409 11.66 24.44 -21.05
C MET C 409 10.73 25.47 -21.63
N TYR C 410 10.36 25.30 -22.89
CA TYR C 410 9.40 26.18 -23.53
C TYR C 410 7.98 25.69 -23.28
N LYS C 411 7.12 26.57 -22.78
CA LYS C 411 5.72 26.23 -22.57
C LYS C 411 5.11 25.74 -23.87
N LYS C 412 4.27 24.70 -23.78
CA LYS C 412 3.64 24.12 -24.97
C LYS C 412 3.19 25.19 -25.95
N ASN C 413 2.44 26.17 -25.48
CA ASN C 413 1.93 27.26 -26.31
C ASN C 413 2.90 28.44 -26.31
N HIS C 414 4.18 28.16 -26.56
CA HIS C 414 5.20 29.21 -26.54
C HIS C 414 4.93 30.30 -27.57
N GLU C 415 4.34 29.94 -28.71
CA GLU C 415 4.13 30.92 -29.77
C GLU C 415 3.19 32.04 -29.32
N MET C 416 2.13 31.69 -28.59
CA MET C 416 1.18 32.70 -28.12
C MET C 416 1.74 33.52 -26.97
N PHE C 417 2.38 32.88 -26.00
CA PHE C 417 2.92 33.58 -24.85
C PHE C 417 4.06 34.51 -25.25
N GLU C 418 4.22 35.59 -24.49
CA GLU C 418 5.31 36.53 -24.70
C GLU C 418 5.98 36.85 -23.36
N GLY C 419 7.22 37.32 -23.45
CA GLY C 419 7.96 37.72 -22.27
C GLY C 419 8.50 36.53 -21.47
N ASN C 420 8.65 36.75 -20.17
CA ASN C 420 9.21 35.71 -19.29
C ASN C 420 8.31 34.49 -19.19
N ASP C 421 7.02 34.63 -19.52
CA ASP C 421 6.09 33.51 -19.39
C ASP C 421 6.33 32.41 -20.42
N LYS C 422 7.08 32.70 -21.49
CA LYS C 422 7.30 31.70 -22.54
C LYS C 422 8.09 30.49 -22.08
N TYR C 423 8.80 30.60 -20.96
CA TYR C 423 9.69 29.55 -20.48
C TYR C 423 9.13 28.98 -19.18
N GLU C 424 9.15 27.64 -19.08
CA GLU C 424 8.70 26.95 -17.87
C GLU C 424 9.80 26.01 -17.39
N GLY C 425 9.88 25.86 -16.08
CA GLY C 425 10.86 24.96 -15.50
C GLY C 425 11.06 25.25 -14.03
N TYR C 426 12.06 24.55 -13.46
CA TYR C 426 12.42 24.77 -12.07
C TYR C 426 13.08 26.13 -11.88
N CYS C 427 14.03 26.48 -12.77
CA CYS C 427 14.74 27.74 -12.62
C CYS C 427 13.79 28.92 -12.70
N VAL C 428 12.79 28.85 -13.59
CA VAL C 428 11.84 29.95 -13.73
C VAL C 428 11.03 30.12 -12.46
N ASP C 429 10.58 29.01 -11.86
CA ASP C 429 9.88 29.09 -10.59
C ASP C 429 10.81 29.63 -9.50
N LEU C 430 12.06 29.16 -9.47
CA LEU C 430 13.02 29.67 -8.50
C LEU C 430 13.25 31.16 -8.70
N ALA C 431 13.36 31.59 -9.95
CA ALA C 431 13.55 33.01 -10.25
C ALA C 431 12.43 33.84 -9.63
N SER C 432 11.19 33.41 -9.80
CA SER C 432 10.04 34.13 -9.24
C SER C 432 10.16 34.24 -7.73
N GLU C 433 10.46 33.11 -7.06
CA GLU C 433 10.56 33.12 -5.60
C GLU C 433 11.58 34.14 -5.11
N ILE C 434 12.71 34.26 -5.82
CA ILE C 434 13.73 35.22 -5.44
C ILE C 434 13.25 36.64 -5.70
N ALA C 435 12.82 36.91 -6.95
CA ALA C 435 12.38 38.25 -7.32
C ALA C 435 11.29 38.77 -6.38
N LYS C 436 10.23 37.99 -6.18
CA LYS C 436 9.19 38.38 -5.24
C LYS C 436 9.76 38.73 -3.87
N HIS C 437 10.77 37.98 -3.42
CA HIS C 437 11.37 38.27 -2.12
C HIS C 437 12.12 39.60 -2.14
N ILE C 438 12.92 39.83 -3.18
CA ILE C 438 13.74 41.03 -3.26
C ILE C 438 13.02 42.17 -4.00
N GLY C 439 11.80 41.93 -4.48
CA GLY C 439 11.04 42.93 -5.21
C GLY C 439 11.82 43.57 -6.34
N ILE C 440 12.23 42.75 -7.31
CA ILE C 440 13.06 43.19 -8.42
C ILE C 440 12.44 42.73 -9.73
N LYS C 441 12.36 43.64 -10.70
CA LYS C 441 11.89 43.31 -12.04
C LYS C 441 12.99 42.57 -12.80
N TYR C 442 12.67 41.38 -13.32
CA TYR C 442 13.65 40.52 -13.96
C TYR C 442 13.14 40.03 -15.30
N LYS C 443 14.02 40.07 -16.30
CA LYS C 443 13.75 39.54 -17.63
C LYS C 443 14.61 38.32 -17.87
N ILE C 444 14.02 37.26 -18.43
CA ILE C 444 14.71 36.00 -18.64
C ILE C 444 15.35 35.98 -20.03
N ALA C 445 16.63 35.62 -20.09
CA ALA C 445 17.35 35.44 -21.34
C ALA C 445 17.98 34.05 -21.37
N ILE C 446 18.36 33.61 -22.56
CA ILE C 446 19.03 32.33 -22.75
C ILE C 446 20.42 32.57 -23.33
N VAL C 447 21.40 31.86 -22.79
CA VAL C 447 22.78 31.96 -23.28
C VAL C 447 22.84 31.51 -24.74
N PRO C 448 23.51 32.25 -25.63
CA PRO C 448 23.48 31.86 -27.05
C PRO C 448 24.17 30.53 -27.36
N ASP C 449 25.42 30.35 -26.92
CA ASP C 449 26.17 29.14 -27.24
C ASP C 449 25.76 27.93 -26.39
N GLY C 450 24.89 28.11 -25.41
CA GLY C 450 24.43 27.02 -24.57
C GLY C 450 25.48 26.40 -23.67
N LYS C 451 26.73 26.85 -23.72
CA LYS C 451 27.76 26.33 -22.84
C LYS C 451 27.52 26.78 -21.40
N TYR C 452 27.96 25.94 -20.46
CA TYR C 452 27.86 26.30 -19.06
C TYR C 452 28.94 27.29 -18.67
N GLY C 453 30.19 26.99 -19.01
CA GLY C 453 31.32 27.86 -18.73
C GLY C 453 32.62 27.09 -18.59
N ALA C 454 33.54 27.33 -19.53
CA ALA C 454 34.85 26.69 -19.50
C ALA C 454 35.86 27.62 -20.15
N ARG C 455 36.86 28.06 -19.39
CA ARG C 455 37.82 29.01 -19.93
C ARG C 455 38.59 28.40 -21.09
N ASP C 456 38.59 29.11 -22.22
CA ASP C 456 39.36 28.69 -23.40
C ASP C 456 40.80 29.15 -23.24
N ALA C 457 41.64 28.26 -22.71
CA ALA C 457 43.03 28.56 -22.43
C ALA C 457 43.72 29.28 -23.59
N ASP C 458 43.35 28.96 -24.82
CA ASP C 458 43.96 29.60 -25.99
C ASP C 458 43.72 31.11 -25.98
N THR C 459 42.52 31.53 -25.56
CA THR C 459 42.15 32.94 -25.57
C THR C 459 41.91 33.51 -24.17
N LYS C 460 41.75 32.65 -23.16
CA LYS C 460 41.45 33.07 -21.80
C LYS C 460 40.15 33.87 -21.71
N ILE C 461 39.20 33.58 -22.61
CA ILE C 461 37.91 34.25 -22.62
C ILE C 461 36.87 33.27 -22.10
N TRP C 462 36.15 33.67 -21.07
CA TRP C 462 35.09 32.84 -20.51
C TRP C 462 33.93 32.72 -21.49
N ASN C 463 33.47 31.50 -21.72
CA ASN C 463 32.36 31.23 -22.63
C ASN C 463 31.12 30.81 -21.86
N GLY C 464 29.99 30.80 -22.56
CA GLY C 464 28.75 30.34 -21.96
C GLY C 464 28.22 31.29 -20.91
N MET C 465 27.48 30.73 -19.96
CA MET C 465 26.82 31.57 -18.94
C MET C 465 27.83 32.29 -18.08
N VAL C 466 28.90 31.61 -17.67
CA VAL C 466 29.92 32.25 -16.84
C VAL C 466 30.52 33.43 -17.59
N GLY C 467 30.71 33.29 -18.89
CA GLY C 467 31.27 34.37 -19.68
C GLY C 467 30.36 35.58 -19.73
N GLU C 468 29.07 35.35 -19.95
CA GLU C 468 28.10 36.45 -20.02
C GLU C 468 28.13 37.28 -18.75
N LEU C 469 28.34 36.63 -17.60
CA LEU C 469 28.29 37.32 -16.31
C LEU C 469 29.52 38.22 -16.13
N VAL C 470 30.72 37.68 -16.38
CA VAL C 470 31.93 38.44 -16.15
C VAL C 470 32.10 39.57 -17.14
N TYR C 471 31.40 39.53 -18.27
CA TYR C 471 31.55 40.54 -19.31
C TYR C 471 30.39 41.53 -19.33
N GLY C 472 29.59 41.57 -18.26
CA GLY C 472 28.52 42.53 -18.13
C GLY C 472 27.32 42.29 -19.02
N LYS C 473 27.34 41.27 -19.87
CA LYS C 473 26.23 41.04 -20.78
C LYS C 473 25.07 40.31 -20.13
N ALA C 474 25.21 39.88 -18.88
CA ALA C 474 24.16 39.20 -18.14
C ALA C 474 24.07 39.81 -16.74
N GLU C 475 23.20 39.25 -15.91
CA GLU C 475 23.02 39.77 -14.57
C GLU C 475 23.16 38.69 -13.51
N ILE C 476 22.10 37.89 -13.32
CA ILE C 476 22.03 36.88 -12.27
C ILE C 476 21.68 35.53 -12.90
N ALA C 477 22.69 34.67 -13.07
CA ALA C 477 22.47 33.37 -13.70
C ALA C 477 21.75 32.46 -12.71
N ILE C 478 20.44 32.37 -12.82
CA ILE C 478 19.66 31.40 -12.04
C ILE C 478 19.57 30.14 -12.89
N ALA C 479 20.61 29.33 -12.82
CA ALA C 479 20.77 28.15 -13.65
C ALA C 479 21.38 27.03 -12.83
N PRO C 480 21.23 25.78 -13.27
CA PRO C 480 21.91 24.67 -12.57
C PRO C 480 23.41 24.69 -12.82
N LEU C 481 24.07 25.76 -12.41
CA LEU C 481 25.51 25.92 -12.58
C LEU C 481 26.23 25.37 -11.36
N THR C 482 27.11 24.39 -11.58
CA THR C 482 27.80 23.75 -10.48
C THR C 482 28.86 24.70 -9.92
N ILE C 483 29.12 24.57 -8.61
CA ILE C 483 30.10 25.40 -7.93
C ILE C 483 31.46 24.75 -8.06
N THR C 484 32.41 25.47 -8.66
CA THR C 484 33.75 24.97 -8.90
C THR C 484 34.74 26.04 -8.46
N LEU C 485 36.02 25.67 -8.38
CA LEU C 485 37.05 26.61 -7.94
C LEU C 485 37.33 27.66 -9.02
N VAL C 486 37.48 27.21 -10.27
CA VAL C 486 37.82 28.13 -11.36
C VAL C 486 36.70 29.15 -11.56
N ARG C 487 35.45 28.69 -11.52
CA ARG C 487 34.32 29.61 -11.64
C ARG C 487 34.31 30.61 -10.49
N GLU C 488 34.52 30.14 -9.26
CA GLU C 488 34.46 31.01 -8.10
C GLU C 488 35.49 32.14 -8.16
N GLU C 489 36.56 31.97 -8.94
CA GLU C 489 37.58 33.01 -9.01
C GLU C 489 37.08 34.23 -9.76
N VAL C 490 36.12 34.06 -10.66
CA VAL C 490 35.63 35.14 -11.49
C VAL C 490 34.23 35.58 -11.07
N ILE C 491 33.41 34.69 -10.53
CA ILE C 491 32.04 34.99 -10.13
C ILE C 491 31.85 34.56 -8.69
N ASP C 492 30.87 35.19 -8.03
CA ASP C 492 30.50 34.87 -6.66
C ASP C 492 29.18 34.11 -6.64
N PHE C 493 29.23 32.85 -6.21
CA PHE C 493 28.04 32.01 -6.18
C PHE C 493 27.21 32.30 -4.94
N SER C 494 26.12 31.56 -4.78
CA SER C 494 25.25 31.64 -3.62
C SER C 494 25.29 30.31 -2.90
N LYS C 495 24.68 30.26 -1.71
CA LYS C 495 24.61 29.00 -1.00
C LYS C 495 23.81 27.99 -1.82
N PRO C 496 24.31 26.77 -2.02
CA PRO C 496 23.62 25.78 -2.86
C PRO C 496 22.12 25.65 -2.61
N PHE C 497 21.30 25.89 -3.64
CA PHE C 497 19.87 25.67 -3.48
C PHE C 497 19.56 24.18 -3.41
N MET C 498 20.18 23.38 -4.29
CA MET C 498 20.01 21.93 -4.27
C MET C 498 21.39 21.29 -4.43
N SER C 499 21.55 20.14 -3.79
CA SER C 499 22.81 19.41 -3.79
C SER C 499 22.69 18.13 -4.61
N LEU C 500 23.67 17.88 -5.47
CA LEU C 500 23.67 16.73 -6.35
C LEU C 500 24.97 15.95 -6.18
N GLY C 501 25.06 14.81 -6.86
CA GLY C 501 26.25 13.98 -6.80
C GLY C 501 26.24 12.96 -7.91
N ILE C 502 27.44 12.51 -8.31
CA ILE C 502 27.54 11.50 -9.35
C ILE C 502 26.77 10.25 -8.91
N SER C 503 26.12 9.60 -9.86
CA SER C 503 25.25 8.45 -9.55
C SER C 503 25.49 7.35 -10.56
N ILE C 504 24.76 6.25 -10.38
CA ILE C 504 24.82 5.09 -11.26
C ILE C 504 23.47 4.91 -11.93
N MET C 505 23.47 4.83 -13.25
CA MET C 505 22.26 4.75 -14.06
C MET C 505 22.17 3.40 -14.75
N ILE C 506 21.13 2.64 -14.41
CA ILE C 506 20.92 1.31 -14.98
C ILE C 506 19.45 1.14 -15.32
N LYS C 507 19.17 0.17 -16.19
CA LYS C 507 17.80 -0.14 -16.58
C LYS C 507 17.11 -0.92 -15.47
N LYS C 508 15.84 -0.59 -15.23
CA LYS C 508 15.08 -1.25 -14.18
C LYS C 508 15.18 -2.77 -14.34
N PRO C 509 15.39 -3.52 -13.26
CA PRO C 509 15.62 -4.96 -13.39
C PRO C 509 14.41 -5.68 -13.97
N GLN C 510 14.59 -6.25 -15.15
CA GLN C 510 13.56 -7.04 -15.79
C GLN C 510 13.63 -8.48 -15.27
N LYS C 511 12.56 -9.24 -15.55
CA LYS C 511 12.47 -10.62 -15.07
C LYS C 511 13.77 -11.37 -15.35
N SER C 512 14.33 -11.96 -14.31
CA SER C 512 15.59 -12.67 -14.44
C SER C 512 15.38 -13.98 -15.19
N LYS C 513 16.40 -14.35 -15.97
CA LYS C 513 16.34 -15.61 -16.70
C LYS C 513 16.41 -16.76 -15.70
N PRO C 514 15.51 -17.74 -15.80
CA PRO C 514 15.47 -18.81 -14.78
C PRO C 514 16.67 -19.75 -14.92
N GLY C 515 17.47 -19.80 -13.87
CA GLY C 515 18.62 -20.69 -13.84
C GLY C 515 18.21 -22.14 -14.06
N VAL C 516 19.19 -22.93 -14.53
CA VAL C 516 18.95 -24.34 -14.82
C VAL C 516 18.36 -25.03 -13.60
N PHE C 517 19.10 -25.00 -12.49
CA PHE C 517 18.67 -25.67 -11.26
C PHE C 517 17.93 -24.70 -10.34
N SER C 518 16.90 -24.05 -10.89
CA SER C 518 16.09 -23.12 -10.13
C SER C 518 15.00 -23.80 -9.32
N PHE C 519 14.93 -25.13 -9.34
CA PHE C 519 13.92 -25.87 -8.59
C PHE C 519 14.40 -26.25 -7.20
N LEU C 520 15.53 -25.68 -6.76
CA LEU C 520 16.09 -25.91 -5.44
C LEU C 520 16.03 -24.68 -4.55
N ASP C 521 15.63 -23.53 -5.09
CA ASP C 521 15.58 -22.29 -4.33
C ASP C 521 14.85 -22.38 -2.99
N PRO C 522 13.69 -23.03 -2.85
CA PRO C 522 13.00 -22.99 -1.55
C PRO C 522 13.84 -23.49 -0.38
N LEU C 523 14.64 -24.52 -0.57
CA LEU C 523 15.52 -25.04 0.47
C LEU C 523 16.95 -24.61 0.19
N ALA C 524 17.61 -24.04 1.20
CA ALA C 524 19.00 -23.63 1.05
C ALA C 524 19.86 -24.81 0.61
N TYR C 525 20.79 -24.54 -0.31
CA TYR C 525 21.64 -25.61 -0.86
C TYR C 525 22.30 -26.42 0.24
N GLU C 526 22.57 -25.80 1.39
CA GLU C 526 23.08 -26.53 2.54
C GLU C 526 22.15 -27.69 2.91
N ILE C 527 20.87 -27.38 3.13
CA ILE C 527 19.89 -28.40 3.50
C ILE C 527 19.95 -29.58 2.54
N TRP C 528 19.88 -29.30 1.23
CA TRP C 528 19.88 -30.37 0.23
C TRP C 528 21.02 -31.35 0.48
N MET C 529 22.18 -30.84 0.91
CA MET C 529 23.30 -31.74 1.20
C MET C 529 23.00 -32.58 2.43
N CYS C 530 22.44 -31.97 3.47
CA CYS C 530 22.13 -32.70 4.70
C CYS C 530 21.00 -33.69 4.47
N ILE C 531 20.10 -33.40 3.52
CA ILE C 531 19.06 -34.36 3.17
C ILE C 531 19.67 -35.62 2.60
N VAL C 532 20.66 -35.48 1.72
CA VAL C 532 21.37 -36.65 1.20
C VAL C 532 22.10 -37.36 2.33
N PHE C 533 22.71 -36.59 3.24
CA PHE C 533 23.42 -37.19 4.36
C PHE C 533 22.46 -37.93 5.28
N ALA C 534 21.25 -37.40 5.47
CA ALA C 534 20.27 -38.07 6.31
C ALA C 534 19.75 -39.32 5.64
N TYR C 535 19.59 -39.28 4.31
CA TYR C 535 19.18 -40.47 3.56
C TYR C 535 20.15 -41.62 3.79
N ILE C 536 21.46 -41.32 3.73
CA ILE C 536 22.46 -42.34 4.00
C ILE C 536 22.37 -42.81 5.44
N GLY C 537 22.20 -41.87 6.38
CA GLY C 537 22.10 -42.22 7.78
C GLY C 537 21.02 -43.24 8.06
N VAL C 538 19.79 -42.97 7.59
CA VAL C 538 18.69 -43.88 7.87
C VAL C 538 18.89 -45.21 7.16
N SER C 539 19.25 -45.16 5.86
CA SER C 539 19.48 -46.37 5.10
C SER C 539 20.46 -47.31 5.79
N VAL C 540 21.51 -46.74 6.40
CA VAL C 540 22.46 -47.55 7.14
C VAL C 540 21.81 -48.17 8.36
N VAL C 541 21.06 -47.36 9.12
CA VAL C 541 20.43 -47.84 10.36
C VAL C 541 19.51 -49.01 10.07
N LEU C 542 18.70 -48.91 9.01
CA LEU C 542 17.75 -49.96 8.67
C LEU C 542 18.45 -51.30 8.51
N PHE C 543 19.54 -51.33 7.73
CA PHE C 543 20.31 -52.55 7.57
C PHE C 543 20.89 -53.01 8.90
N LEU C 544 21.54 -52.09 9.63
CA LEU C 544 22.17 -52.45 10.90
C LEU C 544 21.15 -53.01 11.87
N VAL C 545 19.99 -52.37 11.98
CA VAL C 545 18.94 -52.86 12.87
C VAL C 545 18.41 -54.21 12.40
N SER C 546 18.08 -54.31 11.10
CA SER C 546 17.51 -55.54 10.56
C SER C 546 18.40 -56.75 10.85
N ARG C 547 19.71 -56.58 10.69
CA ARG C 547 20.69 -57.64 11.00
C ARG C 547 20.88 -57.69 12.52
N PHE C 548 19.84 -58.17 13.21
CA PHE C 548 19.84 -58.30 14.66
C PHE C 548 18.62 -59.08 15.13
N ASN C 577 17.87 -53.53 -0.01
CA ASN C 577 16.60 -52.89 -0.31
C ASN C 577 16.32 -51.72 0.63
N SER C 578 17.21 -51.55 1.61
CA SER C 578 17.04 -50.46 2.57
C SER C 578 17.08 -49.10 1.89
N LEU C 579 18.02 -48.91 0.96
CA LEU C 579 18.10 -47.66 0.24
C LEU C 579 16.85 -47.41 -0.59
N TRP C 580 16.31 -48.46 -1.20
CA TRP C 580 15.09 -48.33 -2.00
C TRP C 580 13.91 -47.87 -1.14
N PHE C 581 13.76 -48.44 0.05
CA PHE C 581 12.66 -48.03 0.94
C PHE C 581 12.77 -46.56 1.29
N SER C 582 13.95 -46.11 1.70
CA SER C 582 14.13 -44.72 2.12
C SER C 582 13.85 -43.75 0.98
N LEU C 583 14.32 -44.09 -0.22
CA LEU C 583 14.11 -43.22 -1.38
C LEU C 583 12.62 -43.05 -1.70
N GLY C 584 11.87 -44.15 -1.69
CA GLY C 584 10.44 -44.07 -1.94
C GLY C 584 9.71 -43.26 -0.89
N ALA C 585 10.07 -43.45 0.38
CA ALA C 585 9.38 -42.76 1.47
C ALA C 585 9.57 -41.26 1.39
N PHE C 586 10.77 -40.81 1.01
CA PHE C 586 11.07 -39.38 0.97
C PHE C 586 10.24 -38.66 -0.08
N MET C 587 10.03 -39.29 -1.24
CA MET C 587 9.39 -38.64 -2.37
C MET C 587 7.90 -38.93 -2.45
N GLN C 588 7.23 -39.00 -1.31
CA GLN C 588 5.78 -39.18 -1.20
C GLN C 588 5.23 -40.21 -2.19
N GLN C 589 5.87 -41.37 -2.23
CA GLN C 589 5.41 -42.47 -3.05
C GLN C 589 5.05 -43.66 -2.16
N GLY C 590 4.68 -44.77 -2.81
CA GLY C 590 4.24 -45.94 -2.08
C GLY C 590 5.40 -46.63 -1.37
N CYS C 591 5.03 -47.49 -0.42
CA CYS C 591 6.00 -48.30 0.30
C CYS C 591 6.16 -49.67 -0.36
N ASP C 592 7.41 -50.07 -0.57
CA ASP C 592 7.71 -51.39 -1.14
C ASP C 592 7.37 -52.51 -0.17
N ILE C 593 7.73 -52.34 1.10
CA ILE C 593 7.54 -53.37 2.12
C ILE C 593 7.09 -52.69 3.42
N SER C 594 6.87 -53.50 4.45
CA SER C 594 6.47 -52.97 5.73
C SER C 594 7.21 -53.68 6.87
N PRO C 595 8.11 -52.99 7.57
CA PRO C 595 8.84 -53.65 8.67
C PRO C 595 7.89 -54.04 9.79
N ARG C 596 8.13 -55.21 10.37
CA ARG C 596 7.24 -55.77 11.37
C ARG C 596 7.83 -55.76 12.77
N SER C 597 9.13 -55.50 12.91
CA SER C 597 9.79 -55.52 14.22
C SER C 597 9.74 -54.13 14.84
N LEU C 598 9.55 -54.09 16.16
CA LEU C 598 9.62 -52.81 16.87
C LEU C 598 10.93 -52.09 16.60
N SER C 599 12.05 -52.82 16.65
CA SER C 599 13.35 -52.25 16.35
C SER C 599 13.35 -51.50 15.02
N GLY C 600 12.73 -52.11 13.98
CA GLY C 600 12.76 -51.55 12.65
C GLY C 600 11.58 -50.68 12.28
N ARG C 601 10.52 -50.70 13.09
CA ARG C 601 9.38 -49.82 12.83
C ARG C 601 9.67 -48.39 13.28
N ILE C 602 10.46 -48.22 14.34
CA ILE C 602 10.85 -46.88 14.78
C ILE C 602 11.60 -46.16 13.67
N VAL C 603 12.55 -46.86 13.02
CA VAL C 603 13.34 -46.25 11.95
C VAL C 603 12.43 -45.77 10.83
N GLY C 604 11.39 -46.53 10.50
CA GLY C 604 10.51 -46.14 9.43
C GLY C 604 9.62 -44.97 9.80
N GLY C 605 9.04 -45.01 11.00
CA GLY C 605 8.11 -43.97 11.41
C GLY C 605 8.73 -42.58 11.43
N VAL C 606 9.96 -42.47 11.96
CA VAL C 606 10.59 -41.16 12.06
C VAL C 606 10.85 -40.59 10.67
N TRP C 607 11.36 -41.40 9.76
CA TRP C 607 11.66 -40.92 8.41
C TRP C 607 10.40 -40.49 7.68
N TRP C 608 9.33 -41.29 7.78
CA TRP C 608 8.04 -40.89 7.22
C TRP C 608 7.63 -39.51 7.70
N PHE C 609 7.93 -39.19 8.96
CA PHE C 609 7.57 -37.90 9.52
C PHE C 609 8.51 -36.82 9.00
N PHE C 610 9.83 -37.06 9.11
CA PHE C 610 10.83 -36.13 8.63
C PHE C 610 10.51 -35.63 7.23
N THR C 611 10.23 -36.54 6.29
CA THR C 611 10.00 -36.15 4.91
C THR C 611 8.74 -35.30 4.79
N LEU C 612 7.69 -35.65 5.54
CA LEU C 612 6.44 -34.90 5.50
C LEU C 612 6.69 -33.42 5.77
N ILE C 613 7.48 -33.12 6.79
CA ILE C 613 7.79 -31.73 7.11
C ILE C 613 8.55 -31.08 5.96
N ILE C 614 9.48 -31.82 5.36
CA ILE C 614 10.29 -31.27 4.27
C ILE C 614 9.39 -30.96 3.07
N ILE C 615 8.64 -31.95 2.60
CA ILE C 615 7.75 -31.76 1.44
C ILE C 615 6.85 -30.55 1.65
N SER C 616 6.30 -30.40 2.85
CA SER C 616 5.47 -29.23 3.14
C SER C 616 6.31 -27.96 3.17
N SER C 617 7.53 -28.05 3.70
CA SER C 617 8.39 -26.87 3.77
C SER C 617 8.80 -26.39 2.38
N TYR C 618 9.10 -27.34 1.48
CA TYR C 618 9.42 -26.97 0.10
C TYR C 618 8.21 -26.38 -0.61
N THR C 619 7.07 -27.08 -0.56
CA THR C 619 5.88 -26.63 -1.26
C THR C 619 5.44 -25.24 -0.78
N ALA C 620 5.47 -25.01 0.53
CA ALA C 620 5.05 -23.73 1.08
C ALA C 620 6.00 -22.62 0.68
N ASN C 621 7.30 -22.83 0.88
CA ASN C 621 8.28 -21.78 0.56
C ASN C 621 8.29 -21.47 -0.93
N LEU C 622 8.12 -22.48 -1.77
CA LEU C 622 8.08 -22.26 -3.22
C LEU C 622 6.92 -21.34 -3.61
N ALA C 623 5.86 -21.30 -2.79
CA ALA C 623 4.72 -20.46 -3.09
C ALA C 623 5.04 -18.99 -2.86
N ALA C 624 5.74 -18.68 -1.76
CA ALA C 624 6.15 -17.30 -1.51
C ALA C 624 7.06 -16.78 -2.60
N PHE C 625 7.94 -17.63 -3.12
CA PHE C 625 8.87 -17.18 -4.17
C PHE C 625 8.11 -16.80 -5.44
N LEU C 626 7.01 -17.47 -5.73
CA LEU C 626 6.22 -17.14 -6.92
C LEU C 626 5.24 -16.01 -6.63
N THR C 627 4.58 -16.04 -5.47
CA THR C 627 3.60 -15.02 -5.14
C THR C 627 4.25 -13.65 -5.09
N VAL C 628 5.27 -13.51 -4.26
CA VAL C 628 5.97 -12.24 -4.09
C VAL C 628 7.13 -12.18 -5.07
N GLU C 629 7.28 -11.05 -5.75
CA GLU C 629 8.38 -10.81 -6.65
C GLU C 629 9.25 -9.69 -6.11
N ARG C 630 10.57 -9.81 -6.33
CA ARG C 630 11.51 -8.84 -5.80
C ARG C 630 12.35 -8.16 -6.88
N MET C 631 12.75 -8.90 -7.91
CA MET C 631 13.55 -8.38 -9.02
C MET C 631 14.70 -7.51 -8.52
N VAL C 632 15.56 -8.14 -7.71
CA VAL C 632 16.67 -7.42 -7.11
C VAL C 632 17.65 -6.97 -8.19
N SER C 633 18.16 -5.75 -8.04
CA SER C 633 19.09 -5.20 -9.02
C SER C 633 20.51 -5.71 -8.76
N PRO C 634 21.26 -6.03 -9.81
CA PRO C 634 22.61 -6.57 -9.60
C PRO C 634 23.54 -5.60 -8.90
N ILE C 635 23.61 -4.36 -9.37
CA ILE C 635 24.49 -3.35 -8.80
C ILE C 635 23.72 -2.59 -7.73
N GLU C 636 24.28 -2.54 -6.51
CA GLU C 636 23.63 -1.89 -5.39
C GLU C 636 24.42 -0.72 -4.81
N SER C 637 25.66 -0.52 -5.23
CA SER C 637 26.49 0.57 -4.72
C SER C 637 27.63 0.80 -5.71
N ALA C 638 28.58 1.64 -5.32
CA ALA C 638 29.72 1.95 -6.19
C ALA C 638 30.70 0.78 -6.22
N GLU C 639 31.18 0.37 -5.05
CA GLU C 639 32.16 -0.72 -4.96
C GLU C 639 31.72 -1.93 -5.79
N ASP C 640 30.48 -2.39 -5.57
CA ASP C 640 29.94 -3.54 -6.29
C ASP C 640 30.14 -3.40 -7.80
N LEU C 641 29.75 -2.24 -8.35
CA LEU C 641 29.85 -2.02 -9.80
C LEU C 641 31.27 -2.24 -10.29
N ALA C 642 32.26 -1.70 -9.57
CA ALA C 642 33.64 -1.77 -10.02
C ALA C 642 34.10 -3.23 -10.19
N LYS C 643 33.82 -4.07 -9.19
CA LYS C 643 34.26 -5.46 -9.23
C LYS C 643 33.66 -6.21 -10.41
N GLN C 644 32.33 -6.12 -10.56
CA GLN C 644 31.65 -6.85 -11.63
C GLN C 644 32.10 -6.33 -12.99
N THR C 645 32.63 -7.22 -13.83
CA THR C 645 33.13 -6.84 -15.13
C THR C 645 32.08 -6.90 -16.22
N GLU C 646 31.10 -7.79 -16.09
CA GLU C 646 30.09 -7.97 -17.14
C GLU C 646 29.36 -6.66 -17.41
N ILE C 647 28.87 -6.00 -16.37
CA ILE C 647 28.09 -4.77 -16.50
C ILE C 647 29.07 -3.64 -16.77
N ALA C 648 29.22 -3.24 -18.02
CA ALA C 648 30.12 -2.16 -18.37
C ALA C 648 29.54 -0.82 -17.94
N TYR C 649 30.39 0.05 -17.42
CA TYR C 649 29.98 1.36 -16.93
C TYR C 649 30.77 2.45 -17.66
N GLY C 650 30.05 3.39 -18.26
CA GLY C 650 30.68 4.47 -18.99
C GLY C 650 30.16 5.81 -18.54
N THR C 651 31.03 6.82 -18.60
CA THR C 651 30.71 8.18 -18.20
C THR C 651 30.53 9.03 -19.46
N LEU C 652 30.86 10.32 -19.36
CA LEU C 652 30.81 11.24 -20.49
C LEU C 652 32.22 11.55 -20.97
N ASP C 653 32.33 11.90 -22.25
CA ASP C 653 33.65 12.13 -22.84
C ASP C 653 34.25 13.46 -22.40
N SER C 654 33.43 14.43 -22.00
CA SER C 654 33.90 15.75 -21.63
C SER C 654 33.30 16.26 -20.32
N GLY C 655 32.40 15.50 -19.71
CA GLY C 655 31.73 15.94 -18.50
C GLY C 655 32.65 15.99 -17.30
N SER C 656 32.16 16.66 -16.25
CA SER C 656 32.92 16.80 -15.02
C SER C 656 33.27 15.43 -14.44
N THR C 657 32.35 14.47 -14.58
CA THR C 657 32.58 13.11 -14.08
C THR C 657 33.94 12.58 -14.48
N LYS C 658 34.20 12.54 -15.79
CA LYS C 658 35.47 12.03 -16.31
C LYS C 658 36.66 12.65 -15.58
N GLU C 659 36.64 13.98 -15.41
CA GLU C 659 37.71 14.65 -14.69
C GLU C 659 37.77 14.19 -13.24
N PHE C 660 36.60 14.04 -12.60
CA PHE C 660 36.57 13.64 -11.20
C PHE C 660 37.31 12.33 -10.98
N PHE C 661 37.15 11.37 -11.89
CA PHE C 661 37.81 10.08 -11.75
C PHE C 661 39.31 10.22 -12.03
N ARG C 662 39.67 10.94 -13.10
CA ARG C 662 41.07 11.09 -13.47
C ARG C 662 41.92 11.59 -12.30
N ARG C 663 41.35 12.47 -11.48
CA ARG C 663 42.07 13.08 -10.37
C ARG C 663 41.77 12.40 -9.04
N SER C 664 41.23 11.19 -9.07
CA SER C 664 40.81 10.47 -7.88
C SER C 664 41.87 9.45 -7.46
N LYS C 665 41.97 9.22 -6.16
CA LYS C 665 42.92 8.27 -5.61
C LYS C 665 42.25 7.22 -4.73
N ILE C 666 40.95 7.33 -4.49
CA ILE C 666 40.20 6.33 -3.74
C ILE C 666 40.18 5.03 -4.54
N ALA C 667 40.75 3.97 -3.96
CA ALA C 667 40.89 2.66 -4.62
C ALA C 667 39.67 2.32 -5.48
N VAL C 668 38.48 2.55 -4.95
CA VAL C 668 37.24 2.24 -5.68
C VAL C 668 37.27 2.91 -7.04
N TYR C 669 37.45 4.24 -7.04
CA TYR C 669 37.44 5.01 -8.28
C TYR C 669 38.69 4.72 -9.11
N GLU C 670 39.82 4.48 -8.45
CA GLU C 670 41.06 4.13 -9.14
C GLU C 670 40.84 2.95 -10.08
N LYS C 671 40.38 1.82 -9.53
CA LYS C 671 40.08 0.65 -10.34
C LYS C 671 39.16 0.99 -11.51
N MET C 672 38.20 1.87 -11.29
CA MET C 672 37.30 2.28 -12.37
C MET C 672 38.06 2.95 -13.51
N TRP C 673 38.99 3.84 -13.20
CA TRP C 673 39.81 4.46 -14.23
C TRP C 673 40.51 3.38 -15.06
N THR C 674 41.26 2.49 -14.40
CA THR C 674 41.98 1.44 -15.12
C THR C 674 41.05 0.72 -16.09
N TYR C 675 39.89 0.27 -15.59
CA TYR C 675 38.94 -0.46 -16.43
C TYR C 675 38.56 0.38 -17.64
N MET C 676 38.15 1.64 -17.41
CA MET C 676 37.70 2.49 -18.49
C MET C 676 38.82 2.84 -19.46
N ARG C 677 40.04 3.00 -18.95
CA ARG C 677 41.17 3.34 -19.82
C ARG C 677 41.39 2.30 -20.90
N SER C 678 41.07 1.03 -20.62
CA SER C 678 41.21 -0.06 -21.56
C SER C 678 39.87 -0.75 -21.78
N ALA C 679 38.80 0.03 -21.90
CA ALA C 679 37.45 -0.48 -22.07
C ALA C 679 37.03 -0.24 -23.52
N GLU C 680 37.20 -1.25 -24.37
CA GLU C 680 36.78 -1.14 -25.75
C GLU C 680 35.58 -2.05 -26.02
N PRO C 681 34.62 -1.61 -26.85
CA PRO C 681 34.56 -0.31 -27.53
C PRO C 681 34.34 0.85 -26.57
N SER C 682 34.75 2.05 -26.98
CA SER C 682 34.74 3.23 -26.11
C SER C 682 33.41 3.38 -25.40
N VAL C 683 33.45 3.43 -24.07
CA VAL C 683 32.24 3.56 -23.27
C VAL C 683 31.80 5.01 -23.08
N PHE C 684 32.71 5.96 -23.23
CA PHE C 684 32.41 7.37 -23.01
C PHE C 684 31.46 7.89 -24.08
N THR C 685 30.17 7.92 -23.75
CA THR C 685 29.17 8.46 -24.66
C THR C 685 29.44 9.95 -24.91
N ARG C 686 29.29 10.36 -26.17
CA ARG C 686 29.62 11.73 -26.54
C ARG C 686 28.73 12.73 -25.81
N THR C 687 27.42 12.54 -25.87
CA THR C 687 26.45 13.45 -25.26
C THR C 687 25.69 12.72 -24.15
N THR C 688 24.70 13.41 -23.58
CA THR C 688 23.86 12.78 -22.57
C THR C 688 22.80 11.89 -23.23
N ALA C 689 22.12 12.43 -24.25
CA ALA C 689 21.14 11.67 -25.02
C ALA C 689 21.64 10.27 -25.38
N GLU C 690 22.83 10.21 -25.99
CA GLU C 690 23.43 8.94 -26.38
C GLU C 690 23.50 7.97 -25.21
N GLY C 691 23.96 8.44 -24.06
CA GLY C 691 24.05 7.57 -22.90
C GLY C 691 22.70 7.08 -22.43
N VAL C 692 21.70 7.96 -22.40
CA VAL C 692 20.38 7.58 -21.92
C VAL C 692 19.78 6.51 -22.82
N ALA C 693 20.09 6.55 -24.12
CA ALA C 693 19.58 5.56 -25.06
C ALA C 693 20.39 4.27 -25.00
N ARG C 694 21.71 4.37 -25.20
CA ARG C 694 22.60 3.22 -25.10
C ARG C 694 22.31 2.34 -23.90
N VAL C 695 22.10 2.97 -22.73
CA VAL C 695 21.83 2.22 -21.51
C VAL C 695 20.61 1.33 -21.70
N ARG C 696 19.55 1.87 -22.31
CA ARG C 696 18.32 1.12 -22.47
C ARG C 696 18.49 0.01 -23.52
N LYS C 697 18.97 0.36 -24.70
CA LYS C 697 19.10 -0.60 -25.80
C LYS C 697 20.09 -1.71 -25.50
N SER C 698 20.86 -1.61 -24.42
CA SER C 698 21.82 -2.63 -24.02
C SER C 698 21.21 -3.68 -23.09
N LYS C 699 19.89 -3.62 -22.84
CA LYS C 699 19.18 -4.59 -22.02
C LYS C 699 19.74 -4.65 -20.59
N GLY C 700 20.37 -3.57 -20.13
CA GLY C 700 20.87 -3.47 -18.78
C GLY C 700 22.31 -3.92 -18.60
N LYS C 701 23.00 -4.25 -19.69
CA LYS C 701 24.42 -4.58 -19.62
C LYS C 701 25.31 -3.35 -19.50
N PHE C 702 24.78 -2.16 -19.74
CA PHE C 702 25.54 -0.92 -19.71
C PHE C 702 25.03 -0.02 -18.60
N ALA C 703 25.96 0.69 -17.95
CA ALA C 703 25.65 1.57 -16.84
C ALA C 703 26.24 2.95 -17.10
N PHE C 704 25.50 3.99 -16.71
CA PHE C 704 25.90 5.37 -16.95
C PHE C 704 26.18 6.05 -15.62
N LEU C 705 27.25 6.84 -15.57
CA LEU C 705 27.61 7.61 -14.38
C LEU C 705 27.37 9.09 -14.64
N LEU C 706 26.22 9.59 -14.18
CA LEU C 706 25.87 10.99 -14.38
C LEU C 706 25.45 11.65 -13.07
N GLU C 707 24.93 12.87 -13.14
CA GLU C 707 24.56 13.61 -11.96
C GLU C 707 23.31 13.01 -11.31
N SER C 708 23.03 13.43 -10.08
CA SER C 708 21.90 12.93 -9.33
C SER C 708 20.62 13.69 -9.60
N THR C 709 20.64 14.69 -10.48
CA THR C 709 19.46 15.46 -10.82
C THR C 709 18.82 14.98 -12.13
N MET C 710 19.60 14.96 -13.21
CA MET C 710 19.11 14.41 -14.47
C MET C 710 18.76 12.93 -14.35
N ASN C 711 19.47 12.19 -13.49
CA ASN C 711 19.16 10.78 -13.29
C ASN C 711 17.74 10.60 -12.76
N GLU C 712 17.38 11.34 -11.73
CA GLU C 712 16.03 11.24 -11.18
C GLU C 712 14.97 11.71 -12.18
N TYR C 713 15.28 12.75 -12.95
CA TYR C 713 14.34 13.24 -13.95
C TYR C 713 14.04 12.18 -14.99
N ILE C 714 15.08 11.50 -15.50
CA ILE C 714 14.87 10.46 -16.49
C ILE C 714 14.04 9.32 -15.90
N GLU C 715 14.37 8.90 -14.66
CA GLU C 715 13.63 7.82 -14.03
C GLU C 715 12.14 8.13 -13.93
N GLN C 716 11.79 9.41 -13.79
CA GLN C 716 10.41 9.86 -13.75
C GLN C 716 9.95 10.44 -15.08
N ARG C 717 10.68 10.16 -16.16
CA ARG C 717 10.33 10.62 -17.50
C ARG C 717 10.08 9.40 -18.39
N LYS C 718 9.10 9.52 -19.27
CA LYS C 718 8.70 8.41 -20.12
C LYS C 718 9.89 7.97 -20.98
N PRO C 719 9.99 6.66 -21.30
CA PRO C 719 9.02 5.60 -20.97
C PRO C 719 9.15 5.04 -19.56
N CYS C 720 9.93 5.70 -18.70
CA CYS C 720 10.13 5.27 -17.31
C CYS C 720 10.63 3.82 -17.26
N ASP C 721 11.87 3.65 -17.71
CA ASP C 721 12.48 2.33 -17.75
C ASP C 721 13.88 2.29 -17.14
N THR C 722 14.43 3.42 -16.70
CA THR C 722 15.74 3.47 -16.07
C THR C 722 15.57 3.56 -14.55
N MET C 723 16.67 3.36 -13.84
CA MET C 723 16.63 3.33 -12.38
C MET C 723 17.92 3.94 -11.84
N LYS C 724 18.00 4.02 -10.51
CA LYS C 724 19.17 4.54 -9.81
C LYS C 724 19.54 3.58 -8.69
N VAL C 725 20.85 3.40 -8.47
CA VAL C 725 21.36 2.53 -7.41
C VAL C 725 22.63 3.16 -6.86
N GLY C 726 22.81 3.04 -5.55
CA GLY C 726 24.06 3.46 -4.95
C GLY C 726 24.03 4.91 -4.47
N GLY C 727 24.80 5.17 -3.42
CA GLY C 727 24.91 6.52 -2.91
C GLY C 727 25.75 7.39 -3.82
N ASN C 728 25.65 8.70 -3.59
CA ASN C 728 26.38 9.66 -4.39
C ASN C 728 27.88 9.52 -4.16
N LEU C 729 28.63 9.29 -5.24
CA LEU C 729 30.07 9.06 -5.11
C LEU C 729 30.76 10.29 -4.54
N ASP C 730 30.49 11.46 -5.10
CA ASP C 730 31.08 12.71 -4.67
C ASP C 730 29.99 13.76 -4.53
N SER C 731 30.24 14.75 -3.68
CA SER C 731 29.27 15.79 -3.38
C SER C 731 29.59 17.05 -4.17
N LYS C 732 28.59 17.54 -4.91
CA LYS C 732 28.71 18.82 -5.60
C LYS C 732 27.53 19.71 -5.20
N GLY C 733 27.38 20.86 -5.84
CA GLY C 733 26.31 21.75 -5.50
C GLY C 733 25.93 22.75 -6.58
N TYR C 734 24.65 22.82 -6.91
CA TYR C 734 24.17 23.81 -7.86
C TYR C 734 23.95 25.14 -7.14
N GLY C 735 24.33 26.23 -7.79
CA GLY C 735 24.24 27.53 -7.13
C GLY C 735 23.98 28.65 -8.11
N VAL C 736 23.38 29.72 -7.58
CA VAL C 736 23.16 30.94 -8.33
C VAL C 736 24.42 31.79 -8.28
N ALA C 737 24.82 32.35 -9.43
CA ALA C 737 26.06 33.08 -9.54
C ALA C 737 25.80 34.57 -9.73
N THR C 738 26.77 35.38 -9.29
CA THR C 738 26.72 36.84 -9.43
C THR C 738 28.10 37.36 -9.79
N PRO C 739 28.16 38.40 -10.64
CA PRO C 739 29.44 39.05 -10.92
C PRO C 739 30.04 39.68 -9.68
N LYS C 740 31.38 39.71 -9.64
CA LYS C 740 32.11 40.26 -8.51
C LYS C 740 31.60 41.64 -8.13
N GLY C 741 31.19 41.79 -6.88
CA GLY C 741 30.71 43.06 -6.37
C GLY C 741 29.29 43.41 -6.71
N SER C 742 28.50 42.44 -7.21
CA SER C 742 27.09 42.68 -7.46
C SER C 742 26.39 43.18 -6.22
N SER C 743 25.65 44.29 -6.37
CA SER C 743 24.93 44.87 -5.23
C SER C 743 23.88 43.93 -4.67
N LEU C 744 23.47 42.91 -5.42
CA LEU C 744 22.43 41.98 -5.00
C LEU C 744 22.99 40.70 -4.41
N ARG C 745 24.30 40.64 -4.19
CA ARG C 745 24.93 39.41 -3.72
C ARG C 745 24.34 38.95 -2.39
N THR C 746 24.25 39.85 -1.41
CA THR C 746 23.69 39.45 -0.12
C THR C 746 22.17 39.29 -0.17
N PRO C 747 21.39 40.22 -0.74
CA PRO C 747 19.94 39.96 -0.90
C PRO C 747 19.61 38.58 -1.45
N VAL C 748 20.24 38.21 -2.57
CA VAL C 748 19.96 36.92 -3.20
C VAL C 748 20.30 35.77 -2.27
N ASN C 749 21.54 35.76 -1.76
CA ASN C 749 21.99 34.69 -0.87
C ASN C 749 21.00 34.47 0.26
N LEU C 750 20.57 35.55 0.92
CA LEU C 750 19.68 35.42 2.06
C LEU C 750 18.31 34.89 1.61
N ALA C 751 17.86 35.32 0.43
CA ALA C 751 16.58 34.84 -0.10
C ALA C 751 16.64 33.34 -0.36
N VAL C 752 17.77 32.84 -0.85
CA VAL C 752 17.94 31.40 -1.06
C VAL C 752 17.76 30.66 0.25
N LEU C 753 18.45 31.12 1.30
CA LEU C 753 18.39 30.44 2.60
C LEU C 753 16.98 30.46 3.16
N LYS C 754 16.25 31.55 2.94
CA LYS C 754 14.87 31.63 3.42
C LYS C 754 14.01 30.54 2.81
N LEU C 755 14.12 30.35 1.49
CA LEU C 755 13.36 29.31 0.81
C LEU C 755 13.68 27.93 1.36
N SER C 756 14.98 27.63 1.53
CA SER C 756 15.39 26.32 2.03
C SER C 756 14.75 26.00 3.38
N GLU C 757 14.72 26.96 4.30
CA GLU C 757 14.13 26.69 5.62
C GLU C 757 12.60 26.63 5.54
N ALA C 758 12.00 27.30 4.57
CA ALA C 758 10.55 27.31 4.42
C ALA C 758 10.04 26.13 3.61
N GLY C 759 10.92 25.34 3.01
CA GLY C 759 10.54 24.20 2.22
C GLY C 759 10.25 24.49 0.76
N VAL C 760 10.44 25.73 0.32
CA VAL C 760 10.14 26.07 -1.06
C VAL C 760 11.07 25.35 -2.02
N LEU C 761 12.37 25.28 -1.67
CA LEU C 761 13.34 24.63 -2.55
C LEU C 761 12.98 23.17 -2.79
N ASP C 762 12.28 22.54 -1.84
CA ASP C 762 11.95 21.13 -1.96
C ASP C 762 10.59 20.95 -2.63
N LYS C 763 9.62 21.82 -2.30
CA LYS C 763 8.31 21.76 -2.95
C LYS C 763 8.46 21.86 -4.46
N LEU C 764 9.29 22.79 -4.94
CA LEU C 764 9.50 22.95 -6.38
C LEU C 764 10.20 21.73 -6.97
N LYS C 765 11.18 21.18 -6.24
CA LYS C 765 11.94 20.06 -6.77
C LYS C 765 11.08 18.81 -6.88
N ASN C 766 10.34 18.49 -5.81
CA ASN C 766 9.46 17.32 -5.84
C ASN C 766 8.42 17.45 -6.95
N LYS C 767 7.81 18.63 -7.07
CA LYS C 767 6.78 18.85 -8.09
C LYS C 767 7.33 18.65 -9.49
N TRP C 768 8.43 19.34 -9.83
CA TRP C 768 8.91 19.31 -11.20
C TRP C 768 9.62 17.99 -11.56
N TRP C 769 10.00 17.19 -10.57
CA TRP C 769 10.74 15.95 -10.81
C TRP C 769 9.86 14.71 -10.69
N TYR C 770 9.12 14.58 -9.58
CA TYR C 770 8.34 13.37 -9.34
C TYR C 770 6.91 13.50 -9.83
N ASP C 771 6.37 14.72 -9.86
CA ASP C 771 4.99 14.96 -10.28
C ASP C 771 4.94 15.48 -11.70
N THR C 786 -0.69 -13.59 -11.35
CA THR C 786 0.75 -13.80 -11.29
C THR C 786 1.14 -14.19 -12.73
N SER C 787 2.07 -15.12 -12.90
CA SER C 787 2.49 -15.57 -14.21
C SER C 787 2.63 -17.09 -14.22
N ALA C 788 2.12 -17.72 -15.27
CA ALA C 788 2.26 -19.16 -15.42
C ALA C 788 3.73 -19.55 -15.56
N LEU C 789 4.12 -20.60 -14.87
CA LEU C 789 5.51 -21.06 -14.92
C LEU C 789 5.82 -21.65 -16.28
N SER C 790 6.87 -21.14 -16.93
CA SER C 790 7.29 -21.68 -18.21
C SER C 790 8.19 -22.89 -17.99
N LEU C 791 8.78 -23.40 -19.07
CA LEU C 791 9.68 -24.55 -18.94
C LEU C 791 11.02 -24.16 -18.33
N SER C 792 11.43 -22.90 -18.51
CA SER C 792 12.73 -22.45 -18.03
C SER C 792 12.83 -22.53 -16.51
N ASN C 793 11.73 -22.28 -15.80
CA ASN C 793 11.76 -22.26 -14.34
C ASN C 793 12.08 -23.64 -13.77
N VAL C 794 11.57 -24.69 -14.39
CA VAL C 794 11.70 -26.06 -13.88
C VAL C 794 12.57 -26.93 -14.76
N ALA C 795 13.16 -26.37 -15.82
CA ALA C 795 13.94 -27.12 -16.81
C ALA C 795 14.89 -28.12 -16.17
N GLY C 796 15.60 -27.69 -15.12
CA GLY C 796 16.59 -28.50 -14.43
C GLY C 796 16.19 -29.95 -14.21
N VAL C 797 14.94 -30.16 -13.78
CA VAL C 797 14.50 -31.53 -13.46
C VAL C 797 14.45 -32.37 -14.74
N PHE C 798 14.07 -31.77 -15.86
CA PHE C 798 14.07 -32.51 -17.12
C PHE C 798 15.49 -32.89 -17.54
N TYR C 799 16.49 -32.13 -17.12
CA TYR C 799 17.87 -32.52 -17.37
C TYR C 799 18.28 -33.67 -16.47
N ILE C 800 17.84 -33.65 -15.21
CA ILE C 800 18.07 -34.77 -14.31
C ILE C 800 17.41 -36.02 -14.85
N LEU C 801 16.12 -35.91 -15.20
CA LEU C 801 15.38 -37.06 -15.73
C LEU C 801 16.07 -37.63 -16.97
N VAL C 802 16.27 -36.79 -17.99
CA VAL C 802 16.93 -37.23 -19.21
C VAL C 802 18.26 -37.90 -18.88
N GLY C 803 19.05 -37.26 -18.02
CA GLY C 803 20.30 -37.88 -17.58
C GLY C 803 20.05 -39.19 -16.90
N GLY C 804 19.11 -39.23 -15.96
CA GLY C 804 18.84 -40.45 -15.22
C GLY C 804 18.41 -41.58 -16.13
N LEU C 805 17.42 -41.32 -17.00
CA LEU C 805 16.94 -42.33 -17.93
C LEU C 805 17.95 -42.65 -19.02
N GLY C 806 19.10 -41.97 -19.04
CA GLY C 806 20.16 -42.25 -19.98
C GLY C 806 21.28 -42.99 -19.29
N LEU C 807 21.58 -42.59 -18.06
CA LEU C 807 22.57 -43.32 -17.27
C LEU C 807 22.07 -44.73 -16.95
N ALA C 808 20.76 -44.86 -16.69
CA ALA C 808 20.17 -46.16 -16.39
C ALA C 808 20.53 -47.18 -17.46
N MET C 809 20.40 -46.79 -18.74
CA MET C 809 20.69 -47.71 -19.84
C MET C 809 22.09 -48.28 -19.73
N LEU C 810 23.09 -47.40 -19.51
CA LEU C 810 24.47 -47.83 -19.37
C LEU C 810 24.61 -48.95 -18.35
N VAL C 811 23.91 -48.83 -17.22
CA VAL C 811 23.99 -49.83 -16.16
C VAL C 811 23.57 -51.20 -16.69
N ALA C 812 22.51 -51.25 -17.49
CA ALA C 812 22.09 -52.50 -18.11
C ALA C 812 23.17 -53.02 -19.05
N LEU C 813 23.73 -52.15 -19.87
CA LEU C 813 24.84 -52.55 -20.75
C LEU C 813 26.00 -53.10 -19.94
N ILE C 814 26.36 -52.43 -18.85
CA ILE C 814 27.44 -52.92 -17.99
C ILE C 814 27.09 -54.29 -17.44
N GLU C 815 25.88 -54.43 -16.89
CA GLU C 815 25.45 -55.70 -16.31
C GLU C 815 25.48 -56.81 -17.35
N PHE C 816 24.75 -56.62 -18.45
CA PHE C 816 24.71 -57.61 -19.52
C PHE C 816 25.41 -57.08 -20.77
N THR D 396 -50.44 33.03 -13.95
CA THR D 396 -49.86 31.70 -13.84
C THR D 396 -48.33 31.78 -13.81
N VAL D 397 -47.74 31.33 -12.71
CA VAL D 397 -46.29 31.38 -12.56
C VAL D 397 -45.63 30.59 -13.67
N VAL D 398 -44.66 31.22 -14.34
CA VAL D 398 -43.90 30.57 -15.41
C VAL D 398 -42.72 29.84 -14.79
N VAL D 399 -42.66 28.53 -14.99
CA VAL D 399 -41.57 27.70 -14.50
C VAL D 399 -40.60 27.45 -15.64
N THR D 400 -39.31 27.41 -15.32
CA THR D 400 -38.25 27.13 -16.29
C THR D 400 -37.44 25.93 -15.83
N THR D 401 -37.73 24.77 -16.40
CA THR D 401 -36.99 23.55 -16.11
C THR D 401 -36.25 23.06 -17.34
N ILE D 402 -35.34 22.12 -17.12
CA ILE D 402 -34.41 21.66 -18.15
C ILE D 402 -34.71 20.20 -18.47
N MET D 403 -34.50 19.83 -19.73
CA MET D 403 -34.77 18.47 -20.21
C MET D 403 -33.55 17.60 -19.93
N GLU D 404 -33.47 17.10 -18.70
CA GLU D 404 -32.37 16.23 -18.29
C GLU D 404 -32.94 15.11 -17.42
N SER D 405 -32.96 13.90 -17.95
CA SER D 405 -33.50 12.76 -17.23
C SER D 405 -32.65 12.48 -15.99
N PRO D 406 -33.27 11.99 -14.90
CA PRO D 406 -34.70 11.71 -14.75
C PRO D 406 -35.49 12.90 -14.24
N TYR D 407 -34.81 14.04 -14.05
CA TYR D 407 -35.47 15.22 -13.50
C TYR D 407 -36.65 15.64 -14.35
N VAL D 408 -36.47 15.71 -15.67
CA VAL D 408 -37.56 15.96 -16.61
C VAL D 408 -37.30 15.14 -17.86
N MET D 409 -38.38 14.58 -18.43
CA MET D 409 -38.31 13.81 -19.66
C MET D 409 -39.70 13.61 -20.23
N TYR D 410 -39.89 13.91 -21.52
CA TYR D 410 -41.18 13.74 -22.15
C TYR D 410 -41.71 12.32 -21.98
N LYS D 411 -43.02 12.21 -21.79
CA LYS D 411 -43.64 10.91 -21.61
C LYS D 411 -43.48 10.08 -22.88
N LYS D 412 -43.63 8.76 -22.73
CA LYS D 412 -43.57 7.83 -23.86
C LYS D 412 -44.49 8.33 -24.97
N ASN D 413 -45.79 8.28 -24.73
CA ASN D 413 -46.78 8.78 -25.66
C ASN D 413 -47.17 10.21 -25.26
N HIS D 414 -46.21 11.12 -25.41
CA HIS D 414 -46.42 12.49 -24.97
C HIS D 414 -47.25 13.31 -25.95
N GLU D 415 -47.22 12.94 -27.24
CA GLU D 415 -48.02 13.65 -28.24
C GLU D 415 -49.49 13.68 -27.87
N MET D 416 -49.98 12.64 -27.20
CA MET D 416 -51.39 12.57 -26.80
C MET D 416 -51.74 13.58 -25.71
N PHE D 417 -50.75 14.09 -24.98
CA PHE D 417 -50.99 14.99 -23.86
C PHE D 417 -50.63 16.42 -24.22
N GLU D 418 -51.12 17.35 -23.41
CA GLU D 418 -50.86 18.77 -23.60
C GLU D 418 -50.80 19.43 -22.23
N GLY D 419 -50.14 20.60 -22.19
CA GLY D 419 -50.06 21.34 -20.95
C GLY D 419 -49.00 20.79 -20.03
N ASN D 420 -49.17 21.07 -18.73
CA ASN D 420 -48.19 20.60 -17.74
C ASN D 420 -48.25 19.09 -17.55
N ASP D 421 -49.25 18.42 -18.11
CA ASP D 421 -49.42 16.98 -17.96
C ASP D 421 -48.59 16.19 -18.96
N LYS D 422 -48.04 16.86 -19.98
CA LYS D 422 -47.23 16.19 -20.99
C LYS D 422 -45.84 15.82 -20.47
N TYR D 423 -45.39 16.46 -19.40
CA TYR D 423 -44.04 16.26 -18.89
C TYR D 423 -44.06 15.40 -17.64
N GLU D 424 -43.03 14.58 -17.48
CA GLU D 424 -42.88 13.74 -16.30
C GLU D 424 -41.42 13.72 -15.89
N GLY D 425 -41.19 13.56 -14.60
CA GLY D 425 -39.84 13.49 -14.09
C GLY D 425 -39.80 13.91 -12.63
N TYR D 426 -38.62 13.72 -12.03
CA TYR D 426 -38.43 14.08 -10.63
C TYR D 426 -38.80 15.54 -10.39
N CYS D 427 -38.19 16.44 -11.17
CA CYS D 427 -38.53 17.86 -11.07
C CYS D 427 -40.02 18.11 -11.28
N VAL D 428 -40.67 17.31 -12.12
CA VAL D 428 -42.07 17.55 -12.43
C VAL D 428 -42.95 17.25 -11.22
N ASP D 429 -42.46 16.44 -10.30
CA ASP D 429 -43.16 16.18 -9.04
C ASP D 429 -42.77 17.20 -7.98
N LEU D 430 -41.50 17.62 -7.97
CA LEU D 430 -41.05 18.63 -7.03
C LEU D 430 -41.83 19.93 -7.20
N ALA D 431 -41.96 20.39 -8.45
CA ALA D 431 -42.70 21.62 -8.69
C ALA D 431 -44.16 21.48 -8.32
N SER D 432 -44.75 20.31 -8.63
CA SER D 432 -46.15 20.08 -8.28
C SER D 432 -46.35 20.13 -6.77
N GLU D 433 -45.48 19.47 -6.01
CA GLU D 433 -45.62 19.44 -4.56
C GLU D 433 -45.43 20.82 -3.95
N ILE D 434 -44.48 21.59 -4.47
CA ILE D 434 -44.25 22.94 -3.96
C ILE D 434 -45.48 23.81 -4.21
N ALA D 435 -46.01 23.75 -5.42
CA ALA D 435 -47.22 24.50 -5.76
C ALA D 435 -48.36 24.16 -4.80
N LYS D 436 -48.66 22.86 -4.66
CA LYS D 436 -49.71 22.39 -3.76
C LYS D 436 -49.65 23.08 -2.40
N HIS D 437 -48.48 23.15 -1.80
CA HIS D 437 -48.33 23.80 -0.50
C HIS D 437 -48.60 25.30 -0.62
N ILE D 438 -47.86 25.98 -1.50
CA ILE D 438 -47.98 27.43 -1.62
C ILE D 438 -49.32 27.81 -2.23
N GLY D 439 -49.65 27.23 -3.38
CA GLY D 439 -50.87 27.58 -4.08
C GLY D 439 -50.63 28.57 -5.21
N ILE D 440 -49.75 28.21 -6.14
CA ILE D 440 -49.37 29.08 -7.24
C ILE D 440 -49.45 28.29 -8.54
N LYS D 441 -50.42 28.63 -9.38
CA LYS D 441 -50.56 28.03 -10.70
C LYS D 441 -49.23 28.10 -11.46
N TYR D 442 -48.74 26.93 -11.88
CA TYR D 442 -47.43 26.83 -12.52
C TYR D 442 -47.58 26.28 -13.93
N LYS D 443 -47.14 27.05 -14.91
CA LYS D 443 -47.10 26.63 -16.31
C LYS D 443 -45.67 26.17 -16.63
N ILE D 444 -45.51 24.87 -16.88
CA ILE D 444 -44.18 24.32 -17.14
C ILE D 444 -43.70 24.80 -18.50
N ALA D 445 -42.54 25.46 -18.53
CA ALA D 445 -41.91 25.90 -19.76
C ALA D 445 -40.49 25.37 -19.82
N ILE D 446 -40.01 25.10 -21.03
CA ILE D 446 -38.71 24.48 -21.24
C ILE D 446 -37.72 25.54 -21.73
N VAL D 447 -36.53 25.55 -21.14
CA VAL D 447 -35.43 26.44 -21.52
C VAL D 447 -35.20 26.38 -23.02
N PRO D 448 -35.47 27.46 -23.77
CA PRO D 448 -35.36 27.39 -25.24
C PRO D 448 -34.02 26.85 -25.72
N ASP D 449 -32.92 27.21 -25.05
CA ASP D 449 -31.59 26.81 -25.50
C ASP D 449 -31.26 25.39 -25.03
N GLY D 450 -31.02 25.23 -23.72
CA GLY D 450 -30.64 23.96 -23.16
C GLY D 450 -29.39 24.03 -22.32
N LYS D 451 -29.08 25.23 -21.81
CA LYS D 451 -27.90 25.46 -20.99
C LYS D 451 -28.32 25.76 -19.55
N TYR D 452 -27.57 25.22 -18.59
CA TYR D 452 -27.91 25.42 -17.19
C TYR D 452 -27.76 26.90 -16.80
N GLY D 453 -26.64 27.51 -17.20
CA GLY D 453 -26.38 28.91 -16.92
C GLY D 453 -24.91 29.24 -16.85
N ALA D 454 -24.49 30.24 -17.64
CA ALA D 454 -23.11 30.68 -17.68
C ALA D 454 -23.01 31.99 -18.47
N ARG D 455 -22.64 33.08 -17.80
CA ARG D 455 -22.61 34.37 -18.46
C ARG D 455 -21.63 34.36 -19.63
N ASP D 456 -22.09 34.87 -20.77
CA ASP D 456 -21.28 34.92 -21.98
C ASP D 456 -19.96 35.62 -21.71
N ALA D 457 -18.85 34.87 -21.82
CA ALA D 457 -17.53 35.43 -21.57
C ALA D 457 -17.30 36.76 -22.29
N ASP D 458 -17.88 36.92 -23.48
CA ASP D 458 -17.66 38.13 -24.26
C ASP D 458 -18.65 39.25 -23.94
N THR D 459 -19.93 38.92 -23.77
CA THR D 459 -20.96 39.93 -23.57
C THR D 459 -21.58 39.91 -22.19
N LYS D 460 -21.10 39.05 -21.29
CA LYS D 460 -21.61 38.93 -19.92
C LYS D 460 -23.11 38.59 -19.87
N ILE D 461 -23.74 38.39 -21.03
CA ILE D 461 -25.17 38.14 -21.05
C ILE D 461 -25.46 36.78 -20.44
N TRP D 462 -26.46 36.73 -19.56
CA TRP D 462 -26.83 35.49 -18.89
C TRP D 462 -27.63 34.60 -19.83
N ASN D 463 -27.33 33.30 -19.81
CA ASN D 463 -27.95 32.32 -20.68
C ASN D 463 -28.78 31.34 -19.88
N GLY D 464 -29.56 30.53 -20.59
CA GLY D 464 -30.36 29.48 -20.00
C GLY D 464 -31.37 30.00 -18.98
N MET D 465 -31.80 29.08 -18.11
CA MET D 465 -32.80 29.44 -17.11
C MET D 465 -32.31 30.52 -16.15
N VAL D 466 -31.00 30.54 -15.87
CA VAL D 466 -30.44 31.62 -15.07
C VAL D 466 -30.65 32.96 -15.77
N GLY D 467 -30.52 32.96 -17.11
CA GLY D 467 -30.82 34.17 -17.87
C GLY D 467 -32.29 34.50 -17.89
N GLU D 468 -33.14 33.47 -17.95
CA GLU D 468 -34.59 33.68 -17.97
C GLU D 468 -35.05 34.36 -16.67
N LEU D 469 -34.51 33.93 -15.54
CA LEU D 469 -34.91 34.50 -14.25
C LEU D 469 -34.54 35.97 -14.17
N VAL D 470 -33.26 36.29 -14.37
CA VAL D 470 -32.79 37.66 -14.25
C VAL D 470 -33.55 38.59 -15.19
N TYR D 471 -33.80 38.14 -16.41
CA TYR D 471 -34.49 38.96 -17.40
C TYR D 471 -36.01 38.99 -17.20
N GLY D 472 -36.47 38.52 -16.04
CA GLY D 472 -37.88 38.56 -15.69
C GLY D 472 -38.82 37.87 -16.64
N LYS D 473 -38.41 36.72 -17.19
CA LYS D 473 -39.29 35.93 -18.02
C LYS D 473 -39.82 34.68 -17.34
N ALA D 474 -39.18 34.25 -16.26
CA ALA D 474 -39.62 33.10 -15.47
C ALA D 474 -39.58 33.46 -14.00
N GLU D 475 -40.64 33.14 -13.27
CA GLU D 475 -40.74 33.55 -11.88
C GLU D 475 -40.09 32.55 -10.92
N ILE D 476 -39.83 31.32 -11.39
CA ILE D 476 -39.25 30.28 -10.55
C ILE D 476 -38.50 29.32 -11.47
N ALA D 477 -37.52 28.62 -10.90
CA ALA D 477 -36.71 27.65 -11.65
C ALA D 477 -36.57 26.35 -10.88
N ILE D 478 -37.33 25.33 -11.28
CA ILE D 478 -37.26 24.02 -10.65
C ILE D 478 -36.37 23.15 -11.53
N ALA D 479 -35.14 22.89 -11.09
CA ALA D 479 -34.20 22.12 -11.90
C ALA D 479 -32.98 21.69 -11.10
N PRO D 480 -32.12 20.81 -11.63
CA PRO D 480 -30.86 20.46 -10.94
C PRO D 480 -29.81 21.56 -11.05
N LEU D 481 -30.16 22.76 -10.59
CA LEU D 481 -29.28 23.92 -10.70
C LEU D 481 -28.41 24.02 -9.46
N THR D 482 -27.11 23.79 -9.63
CA THR D 482 -26.17 23.82 -8.52
C THR D 482 -26.13 25.21 -7.89
N ILE D 483 -25.87 25.26 -6.59
CA ILE D 483 -25.76 26.52 -5.86
C ILE D 483 -24.31 26.99 -5.95
N THR D 484 -24.06 27.94 -6.84
CA THR D 484 -22.72 28.49 -7.07
C THR D 484 -22.79 30.00 -6.97
N LEU D 485 -21.63 30.61 -6.70
CA LEU D 485 -21.55 32.06 -6.54
C LEU D 485 -22.20 32.79 -7.70
N VAL D 486 -21.61 32.67 -8.89
CA VAL D 486 -22.04 33.36 -10.10
C VAL D 486 -23.56 33.35 -10.22
N ARG D 487 -24.15 32.17 -10.02
CA ARG D 487 -25.60 32.06 -10.12
C ARG D 487 -26.29 32.79 -8.98
N GLU D 488 -25.91 32.49 -7.74
CA GLU D 488 -26.59 33.10 -6.59
C GLU D 488 -26.34 34.60 -6.51
N GLU D 489 -25.29 35.10 -7.19
CA GLU D 489 -25.05 36.54 -7.22
C GLU D 489 -26.13 37.30 -7.96
N VAL D 490 -26.95 36.61 -8.76
CA VAL D 490 -28.02 37.26 -9.50
C VAL D 490 -29.40 36.70 -9.17
N ILE D 491 -29.50 35.51 -8.57
CA ILE D 491 -30.77 34.87 -8.27
C ILE D 491 -30.71 34.32 -6.85
N ASP D 492 -31.87 33.97 -6.31
CA ASP D 492 -31.99 33.50 -4.94
C ASP D 492 -32.28 32.01 -4.95
N PHE D 493 -31.42 31.23 -4.30
CA PHE D 493 -31.53 29.77 -4.31
C PHE D 493 -32.18 29.25 -3.04
N SER D 494 -32.97 28.19 -3.18
CA SER D 494 -33.60 27.54 -2.05
C SER D 494 -32.62 26.60 -1.36
N LYS D 495 -32.89 26.31 -0.09
CA LYS D 495 -32.08 25.35 0.65
C LYS D 495 -31.98 24.04 -0.15
N PRO D 496 -30.78 23.44 -0.27
CA PRO D 496 -30.60 22.26 -1.11
C PRO D 496 -31.68 21.18 -0.98
N PHE D 497 -32.14 20.66 -2.11
CA PHE D 497 -33.08 19.54 -2.11
C PHE D 497 -32.41 18.20 -2.38
N MET D 498 -31.13 18.20 -2.75
CA MET D 498 -30.43 16.96 -3.10
C MET D 498 -28.95 17.25 -3.07
N SER D 499 -28.25 16.71 -2.06
CA SER D 499 -26.82 16.94 -1.87
C SER D 499 -26.01 16.08 -2.84
N LEU D 500 -25.65 16.65 -3.98
CA LEU D 500 -24.86 15.91 -4.94
C LEU D 500 -23.37 16.05 -4.63
N GLY D 501 -22.56 15.32 -5.39
CA GLY D 501 -21.13 15.38 -5.22
C GLY D 501 -20.45 14.70 -6.39
N ILE D 502 -19.14 14.53 -6.24
CA ILE D 502 -18.39 13.83 -7.28
C ILE D 502 -18.29 12.37 -6.90
N SER D 503 -18.27 11.50 -7.91
CA SER D 503 -18.24 10.06 -7.70
C SER D 503 -17.53 9.42 -8.88
N ILE D 504 -17.10 8.18 -8.67
CA ILE D 504 -16.34 7.43 -9.65
C ILE D 504 -17.24 6.37 -10.25
N MET D 505 -17.30 6.32 -11.58
CA MET D 505 -18.06 5.30 -12.29
C MET D 505 -17.10 4.29 -12.91
N ILE D 506 -17.38 3.01 -12.71
CA ILE D 506 -16.61 1.93 -13.30
C ILE D 506 -17.59 0.86 -13.75
N LYS D 507 -17.08 -0.12 -14.50
CA LYS D 507 -17.91 -1.22 -14.93
C LYS D 507 -18.04 -2.23 -13.79
N LYS D 508 -19.10 -3.03 -13.85
CA LYS D 508 -19.33 -4.01 -12.81
C LYS D 508 -18.26 -5.10 -12.90
N PRO D 509 -18.01 -5.82 -11.78
CA PRO D 509 -16.96 -6.86 -11.80
C PRO D 509 -17.10 -7.81 -12.97
N GLN D 510 -18.27 -8.45 -13.07
CA GLN D 510 -18.59 -9.37 -14.16
C GLN D 510 -17.49 -10.41 -14.38
N LYS D 511 -16.78 -10.76 -13.31
CA LYS D 511 -15.68 -11.72 -13.41
C LYS D 511 -16.26 -13.11 -13.19
N SER D 512 -16.92 -13.61 -14.22
CA SER D 512 -17.58 -14.91 -14.17
C SER D 512 -17.37 -15.66 -15.49
N LYS D 513 -16.12 -15.71 -15.95
CA LYS D 513 -15.76 -16.45 -17.16
C LYS D 513 -14.64 -17.46 -16.88
N PRO D 514 -14.83 -18.37 -15.91
CA PRO D 514 -13.78 -19.40 -15.69
C PRO D 514 -13.80 -20.46 -16.77
N GLY D 515 -12.86 -20.38 -17.72
CA GLY D 515 -12.81 -21.33 -18.82
C GLY D 515 -12.80 -22.77 -18.34
N VAL D 516 -13.41 -23.66 -19.12
CA VAL D 516 -13.53 -25.06 -18.74
C VAL D 516 -12.17 -25.62 -18.28
N PHE D 517 -11.11 -25.36 -19.04
CA PHE D 517 -9.79 -25.86 -18.71
C PHE D 517 -9.01 -24.79 -17.96
N SER D 518 -9.47 -24.51 -16.74
CA SER D 518 -8.80 -23.55 -15.87
C SER D 518 -7.89 -24.21 -14.85
N PHE D 519 -7.83 -25.54 -14.82
CA PHE D 519 -6.90 -26.24 -13.94
C PHE D 519 -5.50 -26.35 -14.56
N LEU D 520 -5.31 -25.76 -15.74
CA LEU D 520 -4.04 -25.78 -16.44
C LEU D 520 -3.33 -24.43 -16.45
N ASP D 521 -3.97 -23.38 -15.93
CA ASP D 521 -3.34 -22.06 -15.92
C ASP D 521 -2.00 -22.03 -15.18
N PRO D 522 -1.85 -22.63 -13.99
CA PRO D 522 -0.55 -22.52 -13.30
C PRO D 522 0.62 -23.04 -14.11
N LEU D 523 0.46 -24.14 -14.83
CA LEU D 523 1.52 -24.78 -15.60
C LEU D 523 1.26 -24.59 -17.09
N ALA D 524 2.08 -23.74 -17.73
CA ALA D 524 1.93 -23.43 -19.14
C ALA D 524 1.91 -24.71 -19.99
N TYR D 525 0.88 -24.82 -20.83
CA TYR D 525 0.67 -25.97 -21.70
CA TYR D 525 0.67 -25.97 -21.70
C TYR D 525 1.97 -26.58 -22.24
N GLU D 526 2.96 -25.75 -22.54
CA GLU D 526 4.24 -26.27 -23.02
C GLU D 526 4.85 -27.28 -22.05
N ILE D 527 4.51 -27.19 -20.76
CA ILE D 527 5.01 -28.19 -19.82
C ILE D 527 4.13 -29.43 -19.85
N TRP D 528 2.83 -29.26 -20.13
CA TRP D 528 1.96 -30.42 -20.24
C TRP D 528 2.30 -31.24 -21.47
N MET D 529 2.86 -30.61 -22.50
CA MET D 529 3.32 -31.35 -23.67
C MET D 529 4.65 -32.05 -23.37
N CYS D 530 5.42 -31.50 -22.44
CA CYS D 530 6.71 -32.08 -22.06
C CYS D 530 6.57 -33.15 -20.99
N ILE D 531 5.42 -33.22 -20.31
CA ILE D 531 5.19 -34.27 -19.34
C ILE D 531 4.74 -35.54 -20.04
N VAL D 532 3.78 -35.43 -20.97
CA VAL D 532 3.27 -36.60 -21.67
C VAL D 532 4.40 -37.33 -22.39
N PHE D 533 5.29 -36.57 -23.06
CA PHE D 533 6.43 -37.21 -23.71
C PHE D 533 7.34 -37.87 -22.69
N ALA D 534 7.73 -37.12 -21.65
CA ALA D 534 8.62 -37.65 -20.63
C ALA D 534 8.03 -38.92 -20.01
N TYR D 535 6.71 -38.94 -19.81
CA TYR D 535 6.06 -40.12 -19.24
C TYR D 535 6.26 -41.33 -20.16
N ILE D 536 5.92 -41.16 -21.44
CA ILE D 536 6.17 -42.24 -22.40
C ILE D 536 7.67 -42.51 -22.52
N GLY D 537 8.48 -41.45 -22.48
CA GLY D 537 9.92 -41.61 -22.52
C GLY D 537 10.47 -42.40 -21.35
N VAL D 538 9.86 -42.24 -20.18
CA VAL D 538 10.34 -42.93 -18.99
C VAL D 538 9.81 -44.35 -18.96
N SER D 539 8.52 -44.53 -19.24
CA SER D 539 7.91 -45.84 -19.19
C SER D 539 8.64 -46.84 -20.08
N VAL D 540 9.09 -46.39 -21.26
CA VAL D 540 9.75 -47.29 -22.19
C VAL D 540 11.11 -47.71 -21.66
N VAL D 541 11.83 -46.77 -21.01
CA VAL D 541 13.17 -47.07 -20.52
C VAL D 541 13.09 -48.10 -19.40
N LEU D 542 12.01 -48.06 -18.60
CA LEU D 542 11.84 -49.03 -17.53
C LEU D 542 11.61 -50.43 -18.09
N PHE D 543 11.04 -50.51 -19.29
CA PHE D 543 10.79 -51.79 -19.95
C PHE D 543 12.07 -52.35 -20.54
N LEU D 544 12.83 -51.52 -21.26
CA LEU D 544 14.04 -51.99 -21.92
C LEU D 544 15.03 -52.55 -20.91
N VAL D 545 15.32 -51.78 -19.86
CA VAL D 545 16.31 -52.21 -18.86
C VAL D 545 15.87 -53.44 -18.08
N SER D 546 14.59 -53.81 -18.16
CA SER D 546 14.06 -54.96 -17.42
C SER D 546 13.80 -56.16 -18.32
N ARG D 547 14.16 -56.08 -19.60
CA ARG D 547 14.01 -57.21 -20.50
C ARG D 547 15.36 -57.60 -21.11
N GLU D 572 8.24 -59.31 -15.67
CA GLU D 572 7.04 -58.75 -15.06
C GLU D 572 6.73 -57.38 -15.63
N PHE D 573 7.73 -56.50 -15.63
CA PHE D 573 7.57 -55.13 -16.13
C PHE D 573 7.55 -55.15 -17.65
N GLY D 574 6.40 -55.55 -18.20
CA GLY D 574 6.18 -55.52 -19.63
C GLY D 574 5.84 -54.13 -20.11
N ILE D 575 5.16 -54.06 -21.25
CA ILE D 575 4.83 -52.78 -21.87
C ILE D 575 3.43 -52.30 -21.49
N PHE D 576 2.61 -53.17 -20.90
CA PHE D 576 1.29 -52.80 -20.43
C PHE D 576 1.24 -52.56 -18.93
N ASN D 577 2.30 -52.93 -18.21
CA ASN D 577 2.41 -52.66 -16.78
C ASN D 577 3.35 -51.51 -16.48
N SER D 578 4.28 -51.18 -17.39
CA SER D 578 5.17 -50.06 -17.17
C SER D 578 4.42 -48.73 -17.31
N LEU D 579 3.54 -48.63 -18.30
CA LEU D 579 2.66 -47.46 -18.40
C LEU D 579 1.81 -47.29 -17.16
N TRP D 580 1.46 -48.40 -16.50
CA TRP D 580 0.65 -48.33 -15.29
C TRP D 580 1.47 -47.84 -14.10
N PHE D 581 2.71 -48.31 -13.96
CA PHE D 581 3.55 -47.86 -12.87
C PHE D 581 3.93 -46.38 -13.04
N SER D 582 4.34 -45.99 -14.25
CA SER D 582 4.70 -44.60 -14.49
C SER D 582 3.53 -43.66 -14.25
N LEU D 583 2.35 -44.03 -14.74
CA LEU D 583 1.16 -43.21 -14.52
C LEU D 583 0.79 -43.16 -13.05
N GLY D 584 0.85 -44.32 -12.36
CA GLY D 584 0.51 -44.34 -10.94
C GLY D 584 1.49 -43.56 -10.09
N ALA D 585 2.78 -43.63 -10.42
CA ALA D 585 3.80 -42.93 -9.65
C ALA D 585 3.61 -41.42 -9.75
N PHE D 586 3.26 -40.92 -10.93
CA PHE D 586 3.10 -39.48 -11.11
C PHE D 586 1.95 -38.93 -10.30
N MET D 587 0.84 -39.67 -10.20
CA MET D 587 -0.32 -39.20 -9.46
C MET D 587 -0.21 -39.44 -7.96
N GLN D 588 0.91 -39.99 -7.48
CA GLN D 588 1.19 -40.22 -6.07
C GLN D 588 0.16 -41.13 -5.35
N GLN D 589 -0.54 -42.01 -6.07
CA GLN D 589 -1.40 -43.00 -5.42
C GLN D 589 -1.12 -44.40 -5.98
N GLY D 590 0.14 -44.72 -6.21
CA GLY D 590 0.47 -45.98 -6.85
C GLY D 590 1.37 -46.89 -6.03
N CYS D 591 0.99 -48.17 -5.96
CA CYS D 591 1.79 -49.20 -5.29
C CYS D 591 2.19 -50.32 -6.24
N ASP D 592 1.22 -50.94 -6.91
CA ASP D 592 1.43 -52.01 -7.89
C ASP D 592 2.56 -52.94 -7.47
N ILE D 593 3.60 -53.05 -8.31
CA ILE D 593 4.77 -53.86 -8.03
C ILE D 593 6.01 -52.98 -8.17
N SER D 594 6.94 -53.11 -7.22
CA SER D 594 8.08 -52.20 -7.27
C SER D 594 9.20 -52.79 -8.12
N PRO D 595 9.94 -51.92 -8.82
CA PRO D 595 11.11 -52.39 -9.57
C PRO D 595 12.12 -53.06 -8.64
N ARG D 596 12.47 -54.30 -8.97
CA ARG D 596 13.36 -55.11 -8.13
C ARG D 596 14.73 -55.32 -8.78
N SER D 597 15.13 -54.40 -9.65
CA SER D 597 16.44 -54.44 -10.28
C SER D 597 17.11 -53.09 -10.14
N LEU D 598 18.40 -53.10 -9.78
CA LEU D 598 19.12 -51.86 -9.54
C LEU D 598 19.01 -50.92 -10.74
N SER D 599 19.20 -51.46 -11.94
CA SER D 599 19.05 -50.66 -13.16
C SER D 599 17.66 -50.05 -13.25
N GLY D 600 16.63 -50.85 -12.96
CA GLY D 600 15.26 -50.35 -13.01
C GLY D 600 14.97 -49.32 -11.93
N ARG D 601 15.50 -49.54 -10.73
CA ARG D 601 15.23 -48.64 -9.62
C ARG D 601 15.76 -47.24 -9.89
N ILE D 602 16.82 -47.13 -10.69
CA ILE D 602 17.33 -45.82 -11.07
C ILE D 602 16.26 -45.03 -11.82
N VAL D 603 15.56 -45.67 -12.76
CA VAL D 603 14.52 -45.00 -13.52
C VAL D 603 13.41 -44.52 -12.60
N GLY D 604 12.99 -45.36 -11.65
CA GLY D 604 11.94 -44.97 -10.74
C GLY D 604 12.34 -43.81 -9.86
N GLY D 605 13.58 -43.81 -9.37
CA GLY D 605 14.02 -42.75 -8.46
C GLY D 605 13.96 -41.37 -9.10
N VAL D 606 14.47 -41.25 -10.33
CA VAL D 606 14.45 -39.95 -10.99
C VAL D 606 13.02 -39.56 -11.37
N TRP D 607 12.20 -40.53 -11.76
CA TRP D 607 10.80 -40.25 -12.06
C TRP D 607 10.06 -39.76 -10.82
N TRP D 608 10.34 -40.36 -9.67
CA TRP D 608 9.74 -39.88 -8.42
C TRP D 608 10.19 -38.47 -8.09
N PHE D 609 11.48 -38.18 -8.27
CA PHE D 609 11.96 -36.82 -8.07
C PHE D 609 11.34 -35.87 -9.08
N PHE D 610 11.22 -36.31 -10.33
CA PHE D 610 10.50 -35.53 -11.33
C PHE D 610 9.05 -35.31 -10.91
N THR D 611 8.39 -36.38 -10.45
CA THR D 611 7.00 -36.28 -10.00
C THR D 611 6.87 -35.25 -8.88
N LEU D 612 7.74 -35.35 -7.87
CA LEU D 612 7.59 -34.52 -6.67
C LEU D 612 7.67 -33.03 -7.01
N ILE D 613 8.62 -32.65 -7.87
CA ILE D 613 8.80 -31.25 -8.20
C ILE D 613 7.59 -30.69 -8.92
N ILE D 614 7.07 -31.44 -9.90
CA ILE D 614 5.94 -30.97 -10.69
C ILE D 614 4.71 -30.77 -9.81
N ILE D 615 4.41 -31.75 -8.94
CA ILE D 615 3.26 -31.64 -8.05
C ILE D 615 3.45 -30.46 -7.10
N SER D 616 4.64 -30.33 -6.51
CA SER D 616 4.91 -29.21 -5.63
C SER D 616 4.86 -27.88 -6.38
N SER D 617 5.41 -27.85 -7.59
CA SER D 617 5.36 -26.63 -8.39
C SER D 617 3.92 -26.25 -8.73
N TYR D 618 3.11 -27.24 -9.13
CA TYR D 618 1.72 -26.95 -9.46
C TYR D 618 0.95 -26.44 -8.25
N THR D 619 1.12 -27.09 -7.10
CA THR D 619 0.42 -26.65 -5.89
C THR D 619 0.86 -25.25 -5.47
N ALA D 620 2.17 -24.99 -5.51
CA ALA D 620 2.67 -23.68 -5.09
C ALA D 620 2.22 -22.59 -6.05
N ASN D 621 2.39 -22.82 -7.36
CA ASN D 621 2.02 -21.81 -8.34
C ASN D 621 0.52 -21.53 -8.31
N LEU D 622 -0.30 -22.56 -8.13
CA LEU D 622 -1.74 -22.36 -8.07
C LEU D 622 -2.12 -21.44 -6.91
N ALA D 623 -1.47 -21.62 -5.76
CA ALA D 623 -1.71 -20.73 -4.63
C ALA D 623 -1.37 -19.29 -4.96
N ALA D 624 -0.32 -19.08 -5.76
CA ALA D 624 0.05 -17.73 -6.17
C ALA D 624 -1.04 -17.06 -6.98
N PHE D 625 -1.66 -17.80 -7.91
CA PHE D 625 -2.75 -17.24 -8.71
C PHE D 625 -3.92 -16.82 -7.84
N LEU D 626 -4.30 -17.67 -6.88
CA LEU D 626 -5.50 -17.39 -6.08
C LEU D 626 -5.26 -16.23 -5.13
N THR D 627 -4.12 -16.20 -4.44
CA THR D 627 -3.89 -15.18 -3.42
C THR D 627 -3.85 -13.78 -4.02
N VAL D 628 -3.19 -13.62 -5.18
CA VAL D 628 -3.13 -12.30 -5.81
C VAL D 628 -4.51 -11.87 -6.27
N GLU D 629 -5.28 -12.78 -6.87
CA GLU D 629 -6.66 -12.46 -7.22
C GLU D 629 -7.52 -12.20 -6.01
N ARG D 630 -7.15 -12.74 -4.85
CA ARG D 630 -7.84 -12.41 -3.60
C ARG D 630 -7.35 -11.10 -3.00
N MET D 631 -6.16 -10.63 -3.38
CA MET D 631 -5.62 -9.40 -2.82
C MET D 631 -6.00 -8.18 -3.63
N VAL D 632 -6.25 -8.33 -4.93
CA VAL D 632 -6.70 -7.20 -5.74
C VAL D 632 -8.06 -6.73 -5.24
N SER D 633 -8.22 -5.42 -5.13
CA SER D 633 -9.46 -4.84 -4.65
C SER D 633 -9.87 -3.68 -5.54
N PRO D 634 -11.18 -3.48 -5.73
CA PRO D 634 -11.63 -2.36 -6.57
C PRO D 634 -11.40 -1.03 -5.89
N ILE D 635 -11.26 0.01 -6.71
CA ILE D 635 -11.06 1.35 -6.18
C ILE D 635 -12.27 1.76 -5.33
N GLU D 636 -11.98 2.39 -4.19
CA GLU D 636 -13.03 2.79 -3.26
C GLU D 636 -12.81 4.18 -2.68
N SER D 637 -11.82 4.93 -3.16
CA SER D 637 -11.55 6.27 -2.66
C SER D 637 -10.81 7.03 -3.75
N ALA D 638 -10.55 8.31 -3.48
CA ALA D 638 -9.85 9.14 -4.46
C ALA D 638 -8.37 8.78 -4.53
N GLU D 639 -7.75 8.51 -3.38
CA GLU D 639 -6.36 8.08 -3.35
C GLU D 639 -6.15 6.83 -4.20
N ASP D 640 -7.06 5.85 -4.05
CA ASP D 640 -6.94 4.59 -4.76
C ASP D 640 -6.86 4.82 -6.27
N LEU D 641 -7.73 5.68 -6.80
CA LEU D 641 -7.78 5.92 -8.24
C LEU D 641 -6.51 6.62 -8.72
N ALA D 642 -5.85 7.39 -7.85
CA ALA D 642 -4.68 8.17 -8.24
C ALA D 642 -3.39 7.39 -8.05
N LYS D 643 -3.28 6.64 -6.95
CA LYS D 643 -2.04 5.92 -6.66
C LYS D 643 -1.65 4.99 -7.79
N GLN D 644 -2.64 4.43 -8.50
CA GLN D 644 -2.41 3.54 -9.62
C GLN D 644 -2.75 4.26 -10.91
N THR D 645 -1.98 3.97 -11.97
CA THR D 645 -2.25 4.53 -13.29
C THR D 645 -2.76 3.49 -14.28
N GLU D 646 -3.11 2.29 -13.80
CA GLU D 646 -3.59 1.25 -14.71
C GLU D 646 -4.90 1.66 -15.36
N ILE D 647 -5.89 2.05 -14.56
CA ILE D 647 -7.18 2.48 -15.08
C ILE D 647 -7.08 3.94 -15.51
N ALA D 648 -7.69 4.26 -16.65
CA ALA D 648 -7.67 5.62 -17.17
C ALA D 648 -8.92 6.37 -16.71
N TYR D 649 -8.72 7.42 -15.92
CA TYR D 649 -9.84 8.17 -15.34
C TYR D 649 -9.92 9.53 -16.02
N GLY D 650 -11.10 9.84 -16.58
CA GLY D 650 -11.30 11.10 -17.26
C GLY D 650 -12.62 11.74 -16.87
N THR D 651 -12.75 13.02 -17.23
CA THR D 651 -13.97 13.78 -16.95
C THR D 651 -14.53 14.37 -18.24
N LEU D 652 -15.21 15.51 -18.14
CA LEU D 652 -15.71 16.22 -19.29
C LEU D 652 -14.91 17.51 -19.49
N ASP D 653 -14.82 17.95 -20.74
CA ASP D 653 -14.03 19.14 -21.05
C ASP D 653 -14.63 20.39 -20.40
N SER D 654 -15.92 20.64 -20.63
CA SER D 654 -16.62 21.72 -19.95
C SER D 654 -17.09 21.23 -18.59
N GLY D 655 -17.90 22.04 -17.92
CA GLY D 655 -18.48 21.64 -16.65
C GLY D 655 -17.48 21.72 -15.51
N SER D 656 -18.02 21.70 -14.29
CA SER D 656 -17.19 21.78 -13.10
C SER D 656 -16.63 20.43 -12.68
N THR D 657 -16.81 19.40 -13.51
CA THR D 657 -16.30 18.07 -13.19
C THR D 657 -14.78 18.03 -13.18
N LYS D 658 -14.13 18.95 -13.90
CA LYS D 658 -12.68 19.03 -13.97
C LYS D 658 -12.12 20.26 -13.29
N GLU D 659 -12.86 21.37 -13.29
CA GLU D 659 -12.42 22.58 -12.61
C GLU D 659 -12.12 22.30 -11.14
N PHE D 660 -12.88 21.38 -10.52
CA PHE D 660 -12.69 21.00 -9.13
C PHE D 660 -11.20 20.77 -8.82
N PHE D 661 -10.41 20.41 -9.84
CA PHE D 661 -9.01 20.08 -9.65
C PHE D 661 -8.06 21.13 -10.22
N ARG D 662 -8.54 21.97 -11.13
CA ARG D 662 -7.71 23.00 -11.74
C ARG D 662 -7.36 24.13 -10.77
N ARG D 663 -8.01 24.15 -9.60
CA ARG D 663 -7.73 25.15 -8.57
C ARG D 663 -7.76 24.52 -7.18
N SER D 664 -7.61 23.21 -7.08
CA SER D 664 -7.65 22.50 -5.81
C SER D 664 -6.33 22.65 -5.06
N LYS D 665 -6.31 22.15 -3.83
CA LYS D 665 -5.15 22.23 -2.96
C LYS D 665 -4.80 20.91 -2.28
N ILE D 666 -5.67 19.92 -2.32
CA ILE D 666 -5.41 18.64 -1.68
C ILE D 666 -4.47 17.84 -2.57
N ALA D 667 -3.49 17.17 -1.95
CA ALA D 667 -2.48 16.43 -2.70
C ALA D 667 -3.12 15.40 -3.63
N VAL D 668 -4.07 14.61 -3.09
CA VAL D 668 -4.73 13.57 -3.88
C VAL D 668 -5.29 14.16 -5.17
N TYR D 669 -6.02 15.27 -5.06
CA TYR D 669 -6.64 15.87 -6.23
C TYR D 669 -5.58 16.43 -7.18
N GLU D 670 -4.61 17.18 -6.65
CA GLU D 670 -3.55 17.77 -7.47
C GLU D 670 -2.89 16.72 -8.35
N LYS D 671 -2.60 15.54 -7.80
CA LYS D 671 -2.00 14.47 -8.60
C LYS D 671 -2.90 14.06 -9.75
N MET D 672 -4.20 13.92 -9.49
CA MET D 672 -5.13 13.49 -10.54
C MET D 672 -5.10 14.44 -11.73
N TRP D 673 -5.24 15.74 -11.48
CA TRP D 673 -5.18 16.73 -12.54
C TRP D 673 -3.96 16.52 -13.43
N THR D 674 -2.78 16.33 -12.81
CA THR D 674 -1.56 16.11 -13.58
C THR D 674 -1.72 14.94 -14.54
N TYR D 675 -2.16 13.79 -14.03
CA TYR D 675 -2.31 12.61 -14.87
C TYR D 675 -3.24 12.88 -16.04
N MET D 676 -4.40 13.49 -15.77
CA MET D 676 -5.39 13.70 -16.82
C MET D 676 -4.85 14.62 -17.91
N ARG D 677 -4.19 15.71 -17.52
CA ARG D 677 -3.70 16.68 -18.50
C ARG D 677 -2.54 16.15 -19.33
N SER D 678 -1.96 15.01 -18.94
CA SER D 678 -0.82 14.43 -19.62
C SER D 678 -1.18 13.15 -20.37
N ALA D 679 -1.91 12.24 -19.74
CA ALA D 679 -2.25 10.96 -20.34
C ALA D 679 -2.96 11.17 -21.68
N GLU D 680 -2.80 10.20 -22.58
CA GLU D 680 -3.38 10.31 -23.90
C GLU D 680 -4.01 8.99 -24.30
N PRO D 681 -5.17 9.01 -24.99
CA PRO D 681 -5.72 10.21 -25.64
C PRO D 681 -6.55 11.07 -24.69
N SER D 682 -7.25 12.07 -25.22
CA SER D 682 -8.05 12.98 -24.40
C SER D 682 -8.93 12.26 -23.40
N VAL D 683 -8.61 12.39 -22.11
CA VAL D 683 -9.47 11.81 -21.08
C VAL D 683 -10.77 12.59 -20.95
N PHE D 684 -10.77 13.86 -21.33
CA PHE D 684 -11.96 14.71 -21.26
C PHE D 684 -12.88 14.37 -22.43
N THR D 685 -13.88 13.52 -22.17
CA THR D 685 -14.79 13.11 -23.23
C THR D 685 -15.63 14.30 -23.69
N ARG D 686 -15.84 14.37 -25.00
CA ARG D 686 -16.64 15.44 -25.63
C ARG D 686 -17.94 15.72 -24.89
N THR D 687 -18.65 14.66 -24.49
CA THR D 687 -19.92 14.80 -23.81
C THR D 687 -20.02 13.75 -22.70
N THR D 688 -21.01 13.93 -21.83
CA THR D 688 -21.24 12.98 -20.75
C THR D 688 -21.59 11.60 -21.30
N ALA D 689 -22.40 11.55 -22.36
CA ALA D 689 -22.79 10.27 -22.95
C ALA D 689 -21.58 9.49 -23.43
N GLU D 690 -20.57 10.18 -23.97
CA GLU D 690 -19.35 9.51 -24.41
C GLU D 690 -18.65 8.82 -23.24
N GLY D 691 -18.48 9.54 -22.13
CA GLY D 691 -17.85 8.95 -20.96
C GLY D 691 -18.55 7.69 -20.49
N VAL D 692 -19.88 7.71 -20.45
CA VAL D 692 -20.64 6.55 -19.99
C VAL D 692 -20.35 5.35 -20.90
N ALA D 693 -20.46 5.56 -22.21
CA ALA D 693 -20.21 4.50 -23.17
C ALA D 693 -18.77 3.99 -23.07
N ARG D 694 -17.82 4.91 -22.93
CA ARG D 694 -16.41 4.53 -22.82
C ARG D 694 -16.19 3.51 -21.72
N VAL D 695 -16.72 3.78 -20.52
CA VAL D 695 -16.57 2.86 -19.39
C VAL D 695 -17.16 1.49 -19.75
N ARG D 696 -18.38 1.50 -20.28
CA ARG D 696 -19.05 0.25 -20.64
C ARG D 696 -18.28 -0.51 -21.71
N LYS D 697 -17.58 0.19 -22.59
CA LYS D 697 -16.85 -0.45 -23.69
C LYS D 697 -15.35 -0.32 -23.49
N SER D 698 -14.87 -0.68 -22.30
CA SER D 698 -13.43 -0.67 -22.03
C SER D 698 -12.97 -1.84 -21.19
N LYS D 699 -13.86 -2.72 -20.74
CA LYS D 699 -13.51 -3.92 -19.97
C LYS D 699 -12.76 -3.54 -18.68
N GLY D 700 -13.38 -2.69 -17.89
CA GLY D 700 -12.80 -2.29 -16.62
C GLY D 700 -11.49 -1.53 -16.74
N LYS D 701 -11.39 -0.63 -17.72
CA LYS D 701 -10.17 0.13 -17.95
C LYS D 701 -10.37 1.64 -17.99
N PHE D 702 -11.61 2.13 -17.99
CA PHE D 702 -11.89 3.55 -17.93
C PHE D 702 -12.79 3.82 -16.74
N ALA D 703 -12.47 4.86 -15.97
CA ALA D 703 -13.25 5.27 -14.81
C ALA D 703 -13.74 6.71 -15.00
N PHE D 704 -14.96 6.85 -15.50
CA PHE D 704 -15.52 8.18 -15.75
C PHE D 704 -15.89 8.85 -14.43
N LEU D 705 -15.69 10.16 -14.37
CA LEU D 705 -16.03 10.95 -13.19
C LEU D 705 -17.20 11.86 -13.54
N LEU D 706 -18.27 11.75 -12.78
CA LEU D 706 -19.49 12.51 -13.02
C LEU D 706 -20.20 12.74 -11.70
N GLU D 707 -21.17 13.66 -11.72
CA GLU D 707 -21.90 14.02 -10.52
C GLU D 707 -22.55 12.78 -9.91
N SER D 708 -22.71 12.80 -8.58
CA SER D 708 -23.22 11.64 -7.87
C SER D 708 -24.65 11.29 -8.30
N THR D 709 -25.50 12.31 -8.47
CA THR D 709 -26.90 12.06 -8.81
C THR D 709 -27.02 11.32 -10.14
N MET D 710 -26.37 11.84 -11.19
CA MET D 710 -26.43 11.18 -12.49
C MET D 710 -25.72 9.83 -12.48
N ASN D 711 -24.68 9.69 -11.66
CA ASN D 711 -23.98 8.42 -11.54
C ASN D 711 -24.91 7.32 -11.05
N GLU D 712 -25.70 7.61 -10.02
CA GLU D 712 -26.65 6.63 -9.51
C GLU D 712 -27.70 6.27 -10.56
N TYR D 713 -28.18 7.26 -11.30
CA TYR D 713 -29.20 7.00 -12.32
C TYR D 713 -28.69 6.03 -13.38
N ILE D 714 -27.49 6.30 -13.92
CA ILE D 714 -26.95 5.46 -14.98
C ILE D 714 -26.82 4.02 -14.51
N GLU D 715 -26.30 3.82 -13.29
CA GLU D 715 -26.15 2.47 -12.73
C GLU D 715 -27.49 1.77 -12.58
N GLN D 716 -28.58 2.52 -12.45
CA GLN D 716 -29.91 1.95 -12.25
C GLN D 716 -30.72 1.91 -13.54
N ARG D 717 -30.05 1.70 -14.67
CA ARG D 717 -30.70 1.55 -15.97
C ARG D 717 -29.93 0.52 -16.79
N LYS D 718 -30.62 -0.05 -17.77
CA LYS D 718 -30.00 -1.06 -18.62
C LYS D 718 -28.88 -0.44 -19.44
N PRO D 719 -27.84 -1.21 -19.80
CA PRO D 719 -27.66 -2.65 -19.58
C PRO D 719 -27.23 -3.04 -18.16
N CYS D 720 -27.25 -2.08 -17.23
CA CYS D 720 -26.89 -2.32 -15.83
C CYS D 720 -25.48 -2.91 -15.72
N ASP D 721 -24.51 -2.15 -16.20
CA ASP D 721 -23.11 -2.55 -16.20
C ASP D 721 -22.20 -1.59 -15.45
N THR D 722 -22.55 -0.31 -15.38
CA THR D 722 -21.78 0.64 -14.61
C THR D 722 -22.09 0.48 -13.12
N MET D 723 -21.29 1.14 -12.28
CA MET D 723 -21.45 1.00 -10.84
C MET D 723 -20.84 2.21 -10.15
N LYS D 724 -21.14 2.35 -8.87
CA LYS D 724 -20.66 3.46 -8.04
C LYS D 724 -19.75 2.92 -6.96
N VAL D 725 -18.61 3.59 -6.77
CA VAL D 725 -17.61 3.18 -5.79
C VAL D 725 -17.20 4.38 -4.96
N GLY D 726 -17.03 4.18 -3.66
CA GLY D 726 -16.58 5.25 -2.79
C GLY D 726 -17.72 6.15 -2.33
N GLY D 727 -17.37 7.41 -2.06
CA GLY D 727 -18.35 8.37 -1.60
C GLY D 727 -18.38 9.64 -2.43
N ASN D 728 -18.17 10.78 -1.79
CA ASN D 728 -18.18 12.07 -2.46
C ASN D 728 -16.87 12.79 -2.19
N LEU D 729 -16.08 13.03 -3.23
CA LEU D 729 -14.82 13.74 -3.06
C LEU D 729 -15.05 15.16 -2.54
N ASP D 730 -16.05 15.84 -3.05
CA ASP D 730 -16.40 17.19 -2.63
C ASP D 730 -17.81 17.19 -2.04
N SER D 731 -18.32 18.39 -1.76
CA SER D 731 -19.66 18.56 -1.23
C SER D 731 -20.36 19.67 -2.01
N LYS D 732 -21.47 19.33 -2.67
CA LYS D 732 -22.25 20.29 -3.42
C LYS D 732 -23.73 20.21 -3.03
N GLY D 733 -24.58 20.93 -3.75
CA GLY D 733 -26.01 20.90 -3.49
C GLY D 733 -26.82 21.60 -4.55
N TYR D 734 -27.99 21.05 -4.88
CA TYR D 734 -28.88 21.65 -5.85
C TYR D 734 -29.83 22.61 -5.13
N GLY D 735 -30.92 22.99 -5.77
CA GLY D 735 -31.92 23.81 -5.13
C GLY D 735 -32.85 24.44 -6.15
N VAL D 736 -33.86 25.11 -5.64
CA VAL D 736 -34.79 25.87 -6.47
C VAL D 736 -34.23 27.28 -6.60
N ALA D 737 -34.50 27.93 -7.74
CA ALA D 737 -33.95 29.24 -8.01
C ALA D 737 -35.06 30.24 -8.27
N THR D 738 -34.85 31.48 -7.83
CA THR D 738 -35.79 32.57 -8.00
C THR D 738 -35.00 33.86 -8.14
N PRO D 739 -35.54 34.86 -8.82
CA PRO D 739 -34.79 36.10 -9.05
C PRO D 739 -34.73 36.94 -7.78
N LYS D 740 -33.63 37.67 -7.62
CA LYS D 740 -33.42 38.45 -6.41
C LYS D 740 -34.55 39.45 -6.20
N GLY D 741 -35.39 39.16 -5.22
CA GLY D 741 -36.53 39.97 -4.88
C GLY D 741 -37.86 39.38 -5.31
N SER D 742 -37.95 38.06 -5.48
CA SER D 742 -39.20 37.43 -5.91
C SER D 742 -40.23 37.45 -4.79
N SER D 743 -41.49 37.61 -5.17
CA SER D 743 -42.57 37.56 -4.19
C SER D 743 -42.67 36.22 -3.47
N LEU D 744 -41.89 35.21 -3.90
CA LEU D 744 -41.97 33.86 -3.37
C LEU D 744 -40.55 33.34 -3.09
N ARG D 745 -39.92 33.92 -2.07
CA ARG D 745 -38.61 33.48 -1.62
C ARG D 745 -38.66 32.71 -0.31
N THR D 746 -39.49 33.15 0.63
CA THR D 746 -39.69 32.45 1.90
C THR D 746 -40.62 31.27 1.68
N PRO D 747 -41.81 31.44 1.07
CA PRO D 747 -42.71 30.28 0.90
C PRO D 747 -42.03 29.07 0.28
N VAL D 748 -41.23 29.27 -0.76
CA VAL D 748 -40.57 28.14 -1.42
C VAL D 748 -39.54 27.52 -0.50
N ASN D 749 -38.75 28.35 0.18
CA ASN D 749 -37.68 27.84 1.03
C ASN D 749 -38.25 27.01 2.17
N LEU D 750 -39.31 27.49 2.81
CA LEU D 750 -39.94 26.74 3.88
C LEU D 750 -40.54 25.43 3.38
N ALA D 751 -41.15 25.46 2.19
CA ALA D 751 -41.76 24.26 1.62
C ALA D 751 -40.71 23.20 1.32
N VAL D 752 -39.54 23.62 0.81
CA VAL D 752 -38.46 22.66 0.55
C VAL D 752 -38.01 22.00 1.84
N LEU D 753 -37.85 22.79 2.90
CA LEU D 753 -37.48 22.23 4.20
C LEU D 753 -38.57 21.32 4.74
N LYS D 754 -39.83 21.68 4.51
CA LYS D 754 -40.95 20.85 4.98
C LYS D 754 -40.96 19.50 4.28
N LEU D 755 -40.60 19.47 2.99
CA LEU D 755 -40.54 18.21 2.26
C LEU D 755 -39.39 17.35 2.77
N SER D 756 -38.23 17.95 3.02
CA SER D 756 -37.08 17.18 3.48
C SER D 756 -37.34 16.53 4.84
N GLU D 757 -37.98 17.27 5.75
CA GLU D 757 -38.31 16.68 7.05
C GLU D 757 -39.31 15.54 6.91
N ALA D 758 -40.33 15.72 6.08
CA ALA D 758 -41.36 14.70 5.90
C ALA D 758 -40.85 13.47 5.14
N GLY D 759 -39.65 13.53 4.56
CA GLY D 759 -39.13 12.42 3.80
C GLY D 759 -39.65 12.34 2.38
N VAL D 760 -40.38 13.35 1.92
CA VAL D 760 -40.96 13.31 0.58
C VAL D 760 -39.86 13.32 -0.48
N LEU D 761 -38.77 14.06 -0.24
CA LEU D 761 -37.66 14.08 -1.19
C LEU D 761 -37.05 12.70 -1.35
N ASP D 762 -36.89 11.96 -0.26
CA ASP D 762 -36.38 10.60 -0.35
C ASP D 762 -37.37 9.70 -1.09
N LYS D 763 -38.67 9.91 -0.88
CA LYS D 763 -39.68 9.14 -1.58
C LYS D 763 -39.58 9.35 -3.09
N LEU D 764 -39.51 10.62 -3.52
CA LEU D 764 -39.40 10.92 -4.95
C LEU D 764 -38.07 10.42 -5.50
N LYS D 765 -36.98 10.59 -4.74
CA LYS D 765 -35.69 10.07 -5.18
C LYS D 765 -35.73 8.57 -5.39
N ASN D 766 -36.30 7.84 -4.43
CA ASN D 766 -36.45 6.39 -4.57
C ASN D 766 -37.28 6.04 -5.79
N LYS D 767 -38.43 6.71 -5.96
CA LYS D 767 -39.32 6.39 -7.07
C LYS D 767 -38.63 6.54 -8.42
N TRP D 768 -37.96 7.67 -8.65
CA TRP D 768 -37.40 7.94 -9.96
C TRP D 768 -36.02 7.34 -10.19
N TRP D 769 -35.38 6.80 -9.16
CA TRP D 769 -34.05 6.21 -9.29
C TRP D 769 -34.04 4.70 -9.17
N TYR D 770 -34.83 4.15 -8.25
CA TYR D 770 -34.84 2.71 -7.99
C TYR D 770 -36.17 2.09 -8.40
N ASP D 771 -37.28 2.59 -7.88
CA ASP D 771 -38.60 1.99 -8.18
C ASP D 771 -38.85 1.93 -9.67
N LYS D 772 -38.54 3.02 -10.39
CA LYS D 772 -38.63 3.04 -11.84
C LYS D 772 -37.31 2.64 -12.51
N GLY D 773 -36.46 1.93 -11.79
CA GLY D 773 -35.22 1.42 -12.36
C GLY D 773 -35.45 0.04 -12.95
N GLU D 774 -35.02 -0.15 -14.20
CA GLU D 774 -35.19 -1.43 -14.86
C GLU D 774 -34.54 -2.56 -14.07
N CYS D 775 -33.46 -2.27 -13.35
CA CYS D 775 -32.78 -3.23 -12.50
C CYS D 775 -33.20 -2.97 -11.05
N GLY D 776 -34.03 -3.86 -10.50
CA GLY D 776 -34.56 -3.69 -9.17
C GLY D 776 -33.50 -3.56 -8.10
N PRO D 777 -32.68 -4.61 -7.92
CA PRO D 777 -31.57 -4.56 -6.96
C PRO D 777 -30.22 -4.33 -7.62
N SER D 787 -15.55 -15.68 -1.15
CA SER D 787 -14.51 -16.27 -1.99
C SER D 787 -14.49 -17.79 -1.83
N ALA D 788 -14.52 -18.50 -2.95
CA ALA D 788 -14.47 -19.96 -2.97
C ALA D 788 -14.27 -20.40 -4.41
N LEU D 789 -13.97 -21.68 -4.57
CA LEU D 789 -13.81 -22.28 -5.90
C LEU D 789 -15.13 -22.88 -6.33
N SER D 790 -15.52 -22.62 -7.58
CA SER D 790 -16.77 -23.15 -8.13
C SER D 790 -16.48 -24.30 -9.09
N LEU D 791 -17.55 -25.03 -9.43
CA LEU D 791 -17.41 -26.18 -10.31
C LEU D 791 -16.79 -25.79 -11.64
N SER D 792 -17.13 -24.61 -12.15
CA SER D 792 -16.58 -24.13 -13.41
C SER D 792 -15.06 -24.02 -13.34
N ASN D 793 -14.55 -23.44 -12.25
CA ASN D 793 -13.11 -23.29 -12.07
C ASN D 793 -12.36 -24.61 -12.23
N VAL D 794 -13.04 -25.73 -12.03
CA VAL D 794 -12.46 -27.06 -12.15
C VAL D 794 -13.33 -27.90 -13.07
N ALA D 795 -14.00 -27.24 -14.02
CA ALA D 795 -14.90 -27.95 -14.92
C ALA D 795 -14.14 -28.90 -15.84
N GLY D 796 -12.92 -28.53 -16.23
CA GLY D 796 -12.16 -29.38 -17.13
C GLY D 796 -11.88 -30.76 -16.58
N VAL D 797 -11.69 -30.87 -15.27
CA VAL D 797 -11.37 -32.17 -14.68
C VAL D 797 -12.61 -33.06 -14.68
N PHE D 798 -13.78 -32.50 -14.36
CA PHE D 798 -14.99 -33.29 -14.27
C PHE D 798 -15.45 -33.76 -15.64
N TYR D 799 -15.06 -33.05 -16.71
CA TYR D 799 -15.43 -33.45 -18.06
C TYR D 799 -14.53 -34.57 -18.56
N ILE D 800 -13.21 -34.43 -18.37
CA ILE D 800 -12.28 -35.46 -18.77
C ILE D 800 -12.41 -36.70 -17.89
N LEU D 801 -13.22 -36.62 -16.82
CA LEU D 801 -13.51 -37.76 -15.99
C LEU D 801 -14.72 -38.53 -16.48
N VAL D 802 -15.77 -37.82 -16.90
CA VAL D 802 -16.94 -38.48 -17.48
C VAL D 802 -16.58 -39.08 -18.83
N GLY D 803 -15.85 -38.32 -19.66
CA GLY D 803 -15.41 -38.85 -20.94
C GLY D 803 -14.45 -40.01 -20.78
N GLY D 804 -13.53 -39.91 -19.81
CA GLY D 804 -12.58 -40.99 -19.59
C GLY D 804 -13.26 -42.29 -19.20
N LEU D 805 -14.18 -42.21 -18.24
CA LEU D 805 -14.97 -43.39 -17.88
C LEU D 805 -15.79 -43.89 -19.07
N GLY D 806 -16.23 -42.99 -19.94
CA GLY D 806 -16.94 -43.40 -21.15
C GLY D 806 -16.04 -44.14 -22.12
N LEU D 807 -14.76 -43.77 -22.19
CA LEU D 807 -13.82 -44.50 -23.02
C LEU D 807 -13.62 -45.92 -22.50
N ALA D 808 -13.52 -46.07 -21.18
CA ALA D 808 -13.32 -47.39 -20.58
C ALA D 808 -14.45 -48.34 -20.96
N MET D 809 -15.70 -47.90 -20.80
CA MET D 809 -16.84 -48.75 -21.08
C MET D 809 -16.76 -49.33 -22.50
N LEU D 810 -16.39 -48.49 -23.46
CA LEU D 810 -16.19 -48.96 -24.83
C LEU D 810 -15.16 -50.09 -24.87
N VAL D 811 -14.00 -49.87 -24.26
CA VAL D 811 -12.93 -50.86 -24.26
C VAL D 811 -13.43 -52.18 -23.67
N ALA D 812 -14.10 -52.11 -22.52
CA ALA D 812 -14.58 -53.32 -21.86
C ALA D 812 -15.54 -54.10 -22.76
N LEU D 813 -16.34 -53.38 -23.55
CA LEU D 813 -17.21 -54.05 -24.51
C LEU D 813 -16.44 -54.56 -25.72
N ILE D 814 -15.48 -53.78 -26.23
CA ILE D 814 -14.71 -54.20 -27.39
C ILE D 814 -13.88 -55.44 -27.07
N GLU D 815 -13.31 -55.50 -25.86
CA GLU D 815 -12.58 -56.70 -25.46
C GLU D 815 -13.52 -57.89 -25.26
N PHE D 816 -14.70 -57.65 -24.70
CA PHE D 816 -15.68 -58.70 -24.46
C PHE D 816 -16.01 -59.49 -25.73
C01 E2Q E . 21.32 18.76 17.59
C02 E2Q E . 21.76 19.90 16.98
C03 E2Q E . 22.91 19.90 16.16
C04 E2Q E . 23.34 21.12 15.52
C05 E2Q E . 24.49 21.12 14.72
C06 E2Q E . 25.21 19.94 14.55
C07 E2Q E . 24.83 18.75 15.14
C08 E2Q E . 23.66 18.67 15.99
C09 E2Q E . 23.15 17.48 16.68
C10 E2Q E . 22.02 17.56 17.44
C19 E2Q E . 24.25 23.47 14.25
C21 E2Q E . 23.00 23.46 15.12
N14 E2Q E . 25.46 15.94 16.77
N15 E2Q E . 25.68 17.61 14.85
N18 E2Q E . 24.90 22.31 14.11
N23 E2Q E . 22.64 22.29 15.70
O12 E2Q E . 23.40 15.15 17.76
O13 E2Q E . 23.61 15.30 15.32
O16 E2Q E . 26.76 17.56 15.40
O17 E2Q E . 25.29 16.81 14.02
O20 E2Q E . 24.60 24.52 13.71
O22 E2Q E . 22.35 24.49 15.30
S11 E2Q E . 23.87 15.85 16.61
C01 E2Q F . -27.92 14.22 19.44
C02 E2Q F . -28.29 15.46 19.02
C03 E2Q F . -27.40 16.30 18.33
C04 E2Q F . -27.87 17.61 17.91
C05 E2Q F . -27.02 18.46 17.23
C06 E2Q F . -25.72 18.06 16.96
C07 E2Q F . -25.20 16.85 17.35
C08 E2Q F . -26.05 15.86 18.04
C09 E2Q F . -25.70 14.50 18.54
C10 E2Q F . -26.63 13.75 19.21
C19 E2Q F . -28.73 20.16 17.07
C21 E2Q F . -29.65 19.22 17.81
N14 E2Q F . -22.95 14.71 18.58
N15 E2Q F . -23.82 16.64 16.92
N18 E2Q F . -27.47 19.73 16.83
N23 E2Q F . -29.16 18.01 18.19
O12 E2Q F . -24.05 12.75 19.49
O13 E2Q F . -24.04 13.14 17.05
O16 E2Q F . -23.15 17.64 16.70
O17 E2Q F . -23.47 15.54 16.57
O20 E2Q F . -29.13 21.27 16.72
O22 E2Q F . -30.81 19.55 18.07
S11 E2Q F . -24.13 13.66 18.38
C01 E2Q G . 27.25 16.80 -18.23
C02 E2Q G . 27.56 18.02 -17.72
C03 E2Q G . 26.63 18.78 -16.97
C04 E2Q G . 27.03 20.07 -16.46
C05 E2Q G . 26.14 20.84 -15.73
C06 E2Q G . 24.86 20.36 -15.49
C07 E2Q G . 24.41 19.15 -15.97
C08 E2Q G . 25.29 18.24 -16.72
C09 E2Q G . 25.01 16.91 -17.31
C10 E2Q G . 25.98 16.25 -18.02
C19 E2Q G . 27.76 22.60 -15.44
C21 E2Q G . 28.73 21.76 -16.26
N14 E2Q G . 22.25 16.99 -17.33
N15 E2Q G . 23.04 18.84 -15.54
N18 E2Q G . 26.53 22.08 -15.24
N23 E2Q G . 28.30 20.55 -16.71
O12 E2Q G . 23.44 15.15 -18.38
O13 E2Q G . 23.42 15.37 -15.93
O16 E2Q G . 22.33 19.79 -15.25
O17 E2Q G . 22.73 17.71 -15.27
O20 E2Q G . 28.12 23.69 -15.02
O22 E2Q G . 29.88 22.15 -16.49
S11 E2Q G . 23.49 15.99 -17.21
C01 E2Q H . -22.30 18.54 -16.45
C02 E2Q H . -22.81 19.63 -15.78
C03 E2Q H . -24.01 19.55 -15.05
C04 E2Q H . -24.52 20.70 -14.36
C05 E2Q H . -25.70 20.62 -13.63
C06 E2Q H . -26.39 19.42 -13.58
C07 E2Q H . -25.95 18.28 -14.21
C08 E2Q H . -24.72 18.29 -14.99
C09 E2Q H . -24.14 17.16 -15.73
C10 E2Q H . -22.96 17.31 -16.41
C19 E2Q H . -25.57 22.94 -12.99
C21 E2Q H . -24.28 23.02 -13.78
N14 E2Q H . -26.39 15.57 -16.06
N15 E2Q H . -26.77 17.10 -14.05
N18 E2Q H . -26.19 21.75 -12.97
N23 E2Q H . -23.83 21.90 -14.41
O12 E2Q H . -24.24 14.90 -16.98
O13 E2Q H . -24.60 14.89 -14.55
O16 E2Q H . -27.83 17.05 -14.67
O17 E2Q H . -26.41 16.26 -13.26
O20 E2Q H . -25.99 23.94 -12.41
O22 E2Q H . -23.64 24.08 -13.85
S11 E2Q H . -24.81 15.51 -15.82
#